data_4WYO
#
_entry.id   4WYO
#
_cell.length_a   94.394
_cell.length_b   137.788
_cell.length_c   184.648
_cell.angle_alpha   90.000
_cell.angle_beta   90.000
_cell.angle_gamma   90.000
#
_symmetry.space_group_name_H-M   'P 21 21 21'
#
loop_
_entity.id
_entity.type
_entity.pdbx_description
1 polymer 'Acetyl-CoA carboxylase'
2 non-polymer "2'-tert-butyl-1-(2H-indazol-5-ylcarbonyl)-2'H-spiro[piperidine-4,5'-pyrano[3,2-c]pyrazol]-7'(6'H)-one"
3 water water
#
_entity_poly.entity_id   1
_entity_poly.type   'polypeptide(L)'
_entity_poly.pdbx_seq_one_letter_code
;MASGSMHLRPIATPYPVKEWLQPKRYKAHLMGTTYVYDFPELFRQASSSQWKNFSADVKLTDDFFISNELIEDENGELTE
VEREPGANAIGMVAFKITVKTPEYPRGRQFVVVANDITFKIGSFGPQEDEFFNKVTEYARKRGIPRIYLAANSGARIGMA
EEIVPLFQVAWNDAANPDKGFQYLYLTSEGMETLKKFDKENSVLTERTVINGEERFVIKTIIGSEDGLGVECLRGSGLIA
GATSRAYHDIFTITLVTCRSVGIGAYLVRLGQRAIQVEGQPIILTGASALNKVLGREVYTSNLQLGGTQIMYNNGVSHLT
AVDDLAGVEKIVEWMSYVPAKRNMPVPILETKDTWDRPVDFTPTNDETYDVRWMIEGRETESGFEYGLFDKGSFFETLSG
WAKGVVVGRARLGGIPLGVIGVETRTVENLIPADPANPNSAETLIQQAGQVWFPNSAFKTAQAINDFNNGEQLPMMILAN
WRGFSGGQRDMFNEVLKYGSFIVDALVDYKQPIIIYIPPTGELRGGSWVVVDPTINADQMEMYADVNARAGVLEPEGTVE
IKFRREKLLDTMNRLDDKYRELRSQLSNKSLAPEVHQQISKQLADRERELLPIYGQISLQFADLHDRSSRMVAKGVISKE
LEWTEARRFFFWRLRRRLNEEYLIKRLSHQVGEASRLEKIARIRSWYPASVDHEDDRQVATWIEENYKTLDDKLKGLKLE
SFAQDLAKKIRSDHDNAIDGLSEVIKMLSTDDKEKLLKTLKLEHHHHHH
;
_entity_poly.pdbx_strand_id   B,C
#
loop_
_chem_comp.id
_chem_comp.type
_chem_comp.name
_chem_comp.formula
3W2 non-polymer 2'-tert-butyl-1-(2H-indazol-5-ylcarbonyl)-2'H-spiro[piperidine-4,5'-pyrano[3,2-c]pyrazol]-7'(6'H)-one 'C22 H25 N5 O3'
#
# COMPACT_ATOMS: atom_id res chain seq x y z
N LEU A 8 -50.26 -6.40 19.16
CA LEU A 8 -49.74 -6.52 17.80
C LEU A 8 -48.87 -5.32 17.45
N ARG A 9 -49.40 -4.11 17.69
CA ARG A 9 -48.80 -2.82 17.39
C ARG A 9 -48.20 -2.62 15.99
N PRO A 10 -49.02 -2.01 15.08
CA PRO A 10 -50.39 -1.53 15.31
C PRO A 10 -51.48 -2.54 14.95
N ILE A 11 -52.68 -2.33 15.48
CA ILE A 11 -53.78 -3.22 15.10
C ILE A 11 -54.47 -2.60 13.87
N ALA A 12 -55.23 -3.43 13.09
CA ALA A 12 -55.93 -3.05 11.86
C ALA A 12 -55.01 -2.80 10.64
N THR A 13 -53.79 -3.38 10.59
CA THR A 13 -52.95 -3.19 9.40
C THR A 13 -53.51 -4.08 8.26
N PRO A 14 -53.48 -3.64 6.96
CA PRO A 14 -54.00 -4.51 5.88
C PRO A 14 -53.22 -5.82 5.69
N TYR A 15 -51.90 -5.77 5.89
CA TYR A 15 -51.01 -6.91 5.74
C TYR A 15 -50.26 -7.25 7.05
N PRO A 16 -49.67 -8.45 7.24
CA PRO A 16 -48.97 -8.73 8.52
C PRO A 16 -47.88 -7.72 8.91
N VAL A 17 -47.86 -7.39 10.21
CA VAL A 17 -46.87 -6.48 10.78
C VAL A 17 -45.55 -7.27 10.83
N LYS A 18 -44.70 -7.04 9.81
CA LYS A 18 -43.41 -7.69 9.65
C LYS A 18 -42.52 -7.45 10.90
N GLU A 19 -42.64 -6.27 11.54
CA GLU A 19 -41.88 -5.95 12.74
C GLU A 19 -42.38 -6.66 13.98
N TRP A 20 -43.63 -7.15 13.96
CA TRP A 20 -44.19 -7.88 15.09
C TRP A 20 -43.87 -9.37 14.96
N LEU A 21 -44.04 -9.94 13.74
CA LEU A 21 -43.72 -11.34 13.41
C LEU A 21 -42.26 -11.66 13.76
N GLN A 22 -41.33 -10.70 13.50
CA GLN A 22 -39.92 -10.76 13.86
C GLN A 22 -39.54 -9.47 14.61
N PRO A 23 -39.66 -9.48 15.96
CA PRO A 23 -39.29 -8.29 16.77
C PRO A 23 -37.88 -7.74 16.51
N LYS A 24 -36.92 -8.65 16.13
CA LYS A 24 -35.56 -8.27 15.76
C LYS A 24 -35.55 -7.22 14.64
N ARG A 25 -36.53 -7.26 13.69
CA ARG A 25 -36.63 -6.27 12.60
C ARG A 25 -36.85 -4.87 13.15
N TYR A 26 -37.78 -4.73 14.13
CA TYR A 26 -38.06 -3.45 14.79
C TYR A 26 -36.81 -2.97 15.52
N LYS A 27 -36.10 -3.91 16.26
CA LYS A 27 -34.84 -3.55 16.98
C LYS A 27 -33.83 -2.90 16.00
N ALA A 28 -33.51 -3.58 14.88
CA ALA A 28 -32.67 -3.07 13.81
C ALA A 28 -33.11 -1.60 13.37
N HIS A 29 -34.41 -1.41 13.08
CA HIS A 29 -34.98 -0.12 12.65
C HIS A 29 -34.81 0.96 13.70
N LEU A 30 -34.95 0.59 14.98
CA LEU A 30 -34.80 1.43 16.17
C LEU A 30 -33.39 1.95 16.27
N MET A 31 -32.39 1.25 15.61
CA MET A 31 -30.95 1.59 15.53
C MET A 31 -30.61 2.33 14.23
N GLY A 32 -31.63 2.64 13.44
CA GLY A 32 -31.47 3.39 12.20
C GLY A 32 -30.77 2.64 11.09
N THR A 33 -31.02 1.33 11.01
CA THR A 33 -30.48 0.48 9.96
C THR A 33 -31.56 -0.49 9.50
N THR A 34 -31.35 -1.11 8.33
CA THR A 34 -32.20 -2.14 7.74
C THR A 34 -31.89 -3.47 8.41
N TYR A 35 -32.94 -4.27 8.62
CA TYR A 35 -32.81 -5.61 9.18
C TYR A 35 -31.99 -6.47 8.19
N VAL A 36 -30.91 -7.19 8.67
CA VAL A 36 -30.03 -8.02 7.82
C VAL A 36 -30.82 -8.77 6.78
N TYR A 37 -31.83 -9.56 7.24
CA TYR A 37 -32.63 -10.39 6.37
C TYR A 37 -33.47 -9.63 5.30
N ASP A 38 -33.62 -8.30 5.45
CA ASP A 38 -34.30 -7.44 4.49
C ASP A 38 -33.34 -6.83 3.49
N PHE A 39 -32.03 -7.00 3.71
CA PHE A 39 -31.03 -6.52 2.74
C PHE A 39 -31.15 -7.16 1.38
N PRO A 40 -31.31 -8.52 1.23
CA PRO A 40 -31.47 -9.09 -0.13
C PRO A 40 -32.62 -8.46 -0.93
N GLU A 41 -33.71 -8.08 -0.26
CA GLU A 41 -34.87 -7.41 -0.88
C GLU A 41 -34.39 -6.09 -1.54
N LEU A 42 -33.53 -5.33 -0.82
CA LEU A 42 -32.94 -4.08 -1.31
C LEU A 42 -32.06 -4.36 -2.52
N PHE A 43 -31.35 -5.50 -2.52
CA PHE A 43 -30.53 -5.91 -3.65
C PHE A 43 -31.38 -6.27 -4.86
N ARG A 44 -32.57 -6.88 -4.60
CA ARG A 44 -33.55 -7.23 -5.62
C ARG A 44 -34.14 -5.96 -6.24
N GLN A 45 -34.42 -4.92 -5.41
CA GLN A 45 -34.95 -3.63 -5.84
C GLN A 45 -33.92 -2.88 -6.70
N ALA A 46 -32.66 -2.84 -6.24
CA ALA A 46 -31.56 -2.18 -6.93
C ALA A 46 -31.32 -2.85 -8.29
N SER A 47 -31.37 -4.21 -8.32
CA SER A 47 -31.17 -5.02 -9.52
C SER A 47 -32.26 -4.78 -10.54
N SER A 48 -33.52 -4.57 -10.06
CA SER A 48 -34.66 -4.28 -10.90
C SER A 48 -34.57 -2.86 -11.45
N SER A 49 -34.20 -1.88 -10.62
CA SER A 49 -34.01 -0.47 -11.03
C SER A 49 -32.95 -0.43 -12.13
N GLN A 50 -31.84 -1.17 -11.93
CA GLN A 50 -30.72 -1.33 -12.85
C GLN A 50 -31.26 -1.70 -14.25
N TRP A 51 -32.19 -2.69 -14.30
CA TRP A 51 -32.84 -3.13 -15.51
C TRP A 51 -33.71 -2.04 -16.12
N LYS A 52 -34.58 -1.40 -15.31
CA LYS A 52 -35.46 -0.29 -15.72
C LYS A 52 -34.69 0.87 -16.35
N ASN A 53 -33.54 1.24 -15.78
CA ASN A 53 -32.68 2.29 -16.33
C ASN A 53 -31.99 1.84 -17.61
N PHE A 54 -31.65 0.55 -17.71
CA PHE A 54 -31.01 0.04 -18.91
C PHE A 54 -31.96 -0.01 -20.13
N SER A 55 -33.07 -0.73 -19.97
CA SER A 55 -34.10 -0.91 -20.97
C SER A 55 -35.43 -1.00 -20.22
N ALA A 56 -36.14 0.13 -20.18
CA ALA A 56 -37.43 0.28 -19.48
C ALA A 56 -38.47 -0.67 -20.01
N ASP A 57 -38.28 -1.18 -21.25
CA ASP A 57 -39.22 -2.10 -21.87
C ASP A 57 -38.96 -3.60 -21.60
N VAL A 58 -38.07 -3.89 -20.64
CA VAL A 58 -37.73 -5.25 -20.26
C VAL A 58 -38.60 -5.70 -19.09
N LYS A 59 -39.31 -6.84 -19.27
CA LYS A 59 -40.18 -7.46 -18.28
C LYS A 59 -39.36 -8.48 -17.47
N LEU A 60 -39.32 -8.30 -16.13
CA LEU A 60 -38.55 -9.20 -15.26
C LEU A 60 -39.43 -10.16 -14.52
N THR A 61 -38.92 -11.37 -14.34
CA THR A 61 -39.59 -12.43 -13.60
C THR A 61 -38.81 -12.60 -12.30
N ASP A 62 -39.44 -13.13 -11.25
CA ASP A 62 -38.74 -13.29 -9.96
C ASP A 62 -37.52 -14.21 -10.02
N ASP A 63 -37.37 -14.98 -11.12
CA ASP A 63 -36.19 -15.82 -11.36
C ASP A 63 -34.94 -14.99 -11.77
N PHE A 64 -35.11 -13.67 -12.02
CA PHE A 64 -33.98 -12.80 -12.37
C PHE A 64 -33.04 -12.62 -11.15
N PHE A 65 -33.60 -12.55 -9.93
CA PHE A 65 -32.86 -12.41 -8.68
C PHE A 65 -33.13 -13.60 -7.75
N ILE A 66 -32.07 -14.14 -7.12
CA ILE A 66 -32.16 -15.27 -6.18
C ILE A 66 -31.18 -15.03 -5.02
N SER A 67 -31.66 -15.10 -3.78
CA SER A 67 -30.80 -14.99 -2.61
C SER A 67 -30.92 -16.22 -1.76
N ASN A 68 -29.76 -16.78 -1.39
CA ASN A 68 -29.66 -18.00 -0.58
C ASN A 68 -28.69 -17.82 0.55
N GLU A 69 -29.23 -17.90 1.78
CA GLU A 69 -28.46 -17.73 3.00
C GLU A 69 -27.40 -18.82 3.09
N LEU A 70 -26.18 -18.40 3.44
CA LEU A 70 -25.11 -19.35 3.60
C LEU A 70 -24.91 -19.51 5.08
N ILE A 71 -24.96 -20.78 5.53
CA ILE A 71 -24.68 -21.18 6.91
C ILE A 71 -23.68 -22.33 6.87
N GLU A 72 -23.00 -22.60 7.97
CA GLU A 72 -22.04 -23.69 8.01
C GLU A 72 -22.73 -25.00 8.36
N ASP A 73 -22.35 -26.10 7.69
CA ASP A 73 -22.87 -27.43 7.98
C ASP A 73 -22.19 -28.06 9.23
N GLU A 74 -22.44 -29.38 9.46
CA GLU A 74 -21.90 -30.22 10.54
C GLU A 74 -20.39 -30.12 10.59
N ASN A 75 -19.77 -30.09 9.39
CA ASN A 75 -18.31 -30.01 9.19
C ASN A 75 -17.81 -28.57 9.08
N GLY A 76 -18.70 -27.62 9.36
CA GLY A 76 -18.37 -26.20 9.30
C GLY A 76 -18.11 -25.68 7.90
N GLU A 77 -18.67 -26.33 6.88
CA GLU A 77 -18.54 -25.89 5.50
C GLU A 77 -19.78 -25.12 5.09
N LEU A 78 -19.58 -23.99 4.40
CA LEU A 78 -20.69 -23.12 3.98
C LEU A 78 -21.62 -23.77 2.98
N THR A 79 -22.91 -23.86 3.33
CA THR A 79 -24.00 -24.43 2.53
C THR A 79 -25.22 -23.47 2.41
N GLU A 80 -25.94 -23.52 1.28
CA GLU A 80 -27.12 -22.67 1.05
C GLU A 80 -28.29 -23.19 1.89
N VAL A 81 -29.12 -22.26 2.44
CA VAL A 81 -30.33 -22.60 3.23
C VAL A 81 -31.50 -21.68 2.97
N GLU A 82 -32.72 -22.22 3.14
CA GLU A 82 -33.96 -21.46 3.09
C GLU A 82 -34.56 -21.68 4.46
N ARG A 83 -34.52 -20.64 5.28
CA ARG A 83 -35.04 -20.66 6.64
C ARG A 83 -35.62 -19.29 7.04
N GLU A 84 -36.45 -19.26 8.10
CA GLU A 84 -37.06 -18.02 8.56
C GLU A 84 -36.03 -16.99 9.07
N PRO A 85 -36.24 -15.67 8.84
CA PRO A 85 -35.24 -14.69 9.28
C PRO A 85 -35.23 -14.62 10.79
N GLY A 86 -34.06 -14.36 11.34
CA GLY A 86 -33.87 -14.31 12.78
C GLY A 86 -33.52 -15.67 13.35
N ALA A 87 -33.20 -16.64 12.47
CA ALA A 87 -32.84 -17.98 12.97
C ALA A 87 -31.34 -18.10 13.23
N ASN A 88 -30.58 -17.01 13.01
CA ASN A 88 -29.15 -16.96 13.20
C ASN A 88 -28.72 -17.16 14.64
N ALA A 89 -27.86 -18.16 14.87
CA ALA A 89 -27.33 -18.51 16.18
C ALA A 89 -26.09 -17.68 16.46
N ILE A 90 -25.58 -16.97 15.42
CA ILE A 90 -24.40 -16.06 15.53
C ILE A 90 -24.74 -14.65 14.96
N GLY A 91 -23.97 -13.64 15.35
CA GLY A 91 -24.18 -12.26 14.91
C GLY A 91 -23.59 -11.85 13.57
N MET A 92 -23.33 -12.83 12.71
CA MET A 92 -22.77 -12.61 11.37
C MET A 92 -23.58 -13.45 10.42
N VAL A 93 -24.16 -12.81 9.39
CA VAL A 93 -25.00 -13.52 8.42
C VAL A 93 -24.47 -13.34 6.98
N ALA A 94 -24.74 -14.31 6.08
CA ALA A 94 -24.29 -14.27 4.69
C ALA A 94 -25.32 -14.78 3.70
N PHE A 95 -25.24 -14.25 2.47
CA PHE A 95 -26.10 -14.59 1.34
C PHE A 95 -25.28 -14.69 0.08
N LYS A 96 -25.60 -15.67 -0.77
CA LYS A 96 -25.00 -15.83 -2.09
C LYS A 96 -26.13 -15.41 -3.02
N ILE A 97 -25.93 -14.28 -3.70
CA ILE A 97 -26.91 -13.72 -4.63
C ILE A 97 -26.57 -14.14 -6.04
N THR A 98 -27.60 -14.48 -6.83
CA THR A 98 -27.49 -14.82 -8.23
C THR A 98 -28.43 -13.92 -8.99
N VAL A 99 -27.87 -12.95 -9.74
CA VAL A 99 -28.66 -12.00 -10.53
C VAL A 99 -28.38 -12.04 -12.00
N LYS A 100 -29.46 -11.98 -12.78
CA LYS A 100 -29.44 -11.78 -14.22
C LYS A 100 -29.46 -10.24 -14.31
N THR A 101 -28.31 -9.63 -14.70
CA THR A 101 -28.11 -8.17 -14.75
C THR A 101 -27.90 -7.70 -16.20
N PRO A 102 -28.07 -6.39 -16.57
CA PRO A 102 -27.85 -5.98 -17.97
C PRO A 102 -26.51 -6.42 -18.57
N GLU A 103 -25.45 -6.42 -17.75
CA GLU A 103 -24.13 -6.83 -18.19
C GLU A 103 -23.95 -8.36 -18.22
N TYR A 104 -24.69 -9.09 -17.35
CA TYR A 104 -24.68 -10.56 -17.24
C TYR A 104 -26.13 -11.05 -17.26
N PRO A 105 -26.76 -11.08 -18.47
CA PRO A 105 -28.20 -11.42 -18.55
C PRO A 105 -28.54 -12.86 -18.23
N ARG A 106 -27.52 -13.76 -18.28
CA ARG A 106 -27.68 -15.18 -17.92
C ARG A 106 -27.39 -15.35 -16.42
N GLY A 107 -26.89 -14.31 -15.78
CA GLY A 107 -26.60 -14.33 -14.35
C GLY A 107 -25.16 -14.04 -13.94
N ARG A 108 -25.01 -13.54 -12.70
CA ARG A 108 -23.73 -13.28 -12.04
C ARG A 108 -23.94 -13.52 -10.56
N GLN A 109 -22.86 -13.88 -9.84
CA GLN A 109 -23.01 -14.17 -8.42
C GLN A 109 -22.07 -13.39 -7.55
N PHE A 110 -22.51 -13.08 -6.33
CA PHE A 110 -21.71 -12.40 -5.33
C PHE A 110 -22.18 -12.86 -4.01
N VAL A 111 -21.43 -12.51 -2.98
CA VAL A 111 -21.69 -12.93 -1.62
C VAL A 111 -21.92 -11.66 -0.77
N VAL A 112 -22.91 -11.72 0.11
CA VAL A 112 -23.17 -10.59 0.98
C VAL A 112 -22.99 -11.02 2.45
N VAL A 113 -21.95 -10.48 3.12
CA VAL A 113 -21.65 -10.72 4.55
C VAL A 113 -22.12 -9.50 5.30
N ALA A 114 -22.81 -9.71 6.40
CA ALA A 114 -23.34 -8.59 7.17
C ALA A 114 -23.39 -8.91 8.61
N ASN A 115 -23.14 -7.93 9.47
CA ASN A 115 -23.28 -8.09 10.90
C ASN A 115 -24.78 -8.04 11.21
N ASP A 116 -25.26 -8.80 12.20
CA ASP A 116 -26.64 -8.62 12.62
C ASP A 116 -26.57 -7.68 13.87
N ILE A 117 -26.93 -6.41 13.70
CA ILE A 117 -26.96 -5.42 14.78
C ILE A 117 -27.86 -5.85 15.97
N THR A 118 -28.86 -6.71 15.73
CA THR A 118 -29.77 -7.19 16.78
C THR A 118 -29.11 -8.30 17.62
N PHE A 119 -28.18 -9.05 17.02
CA PHE A 119 -27.52 -10.13 17.74
C PHE A 119 -26.33 -9.58 18.49
N LYS A 120 -26.44 -9.54 19.83
CA LYS A 120 -25.43 -9.03 20.76
C LYS A 120 -24.77 -7.74 20.20
N ILE A 121 -25.60 -6.73 19.91
CA ILE A 121 -25.26 -5.37 19.42
C ILE A 121 -24.31 -5.29 18.22
N GLY A 122 -24.25 -6.38 17.44
CA GLY A 122 -23.43 -6.45 16.24
C GLY A 122 -21.97 -6.62 16.53
N SER A 123 -21.64 -7.05 17.75
CA SER A 123 -20.26 -7.28 18.20
C SER A 123 -19.63 -8.46 17.45
N PHE A 124 -18.31 -8.45 17.33
CA PHE A 124 -17.51 -9.49 16.69
C PHE A 124 -16.91 -10.40 17.77
N GLY A 125 -17.41 -11.62 17.84
CA GLY A 125 -16.92 -12.64 18.76
C GLY A 125 -16.16 -13.66 17.94
N PRO A 126 -15.48 -14.68 18.55
CA PRO A 126 -14.73 -15.65 17.72
C PRO A 126 -15.58 -16.33 16.65
N GLN A 127 -16.87 -16.64 16.96
CA GLN A 127 -17.78 -17.30 16.02
C GLN A 127 -18.08 -16.44 14.81
N GLU A 128 -18.37 -15.14 15.02
CA GLU A 128 -18.63 -14.16 13.97
C GLU A 128 -17.40 -14.01 13.10
N ASP A 129 -16.23 -13.94 13.73
CA ASP A 129 -14.95 -13.79 13.04
C ASP A 129 -14.65 -15.02 12.19
N GLU A 130 -14.82 -16.21 12.75
CA GLU A 130 -14.58 -17.43 12.00
C GLU A 130 -15.52 -17.56 10.79
N PHE A 131 -16.82 -17.23 10.98
CA PHE A 131 -17.82 -17.23 9.91
C PHE A 131 -17.42 -16.22 8.81
N PHE A 132 -17.18 -14.93 9.17
CA PHE A 132 -16.72 -13.88 8.26
C PHE A 132 -15.53 -14.37 7.43
N ASN A 133 -14.55 -15.01 8.08
CA ASN A 133 -13.35 -15.50 7.41
C ASN A 133 -13.73 -16.62 6.42
N LYS A 134 -14.53 -17.58 6.86
CA LYS A 134 -15.00 -18.67 6.04
C LYS A 134 -15.72 -18.11 4.79
N VAL A 135 -16.67 -17.17 4.97
CA VAL A 135 -17.40 -16.51 3.88
C VAL A 135 -16.43 -15.85 2.90
N THR A 136 -15.43 -15.10 3.44
CA THR A 136 -14.41 -14.43 2.64
C THR A 136 -13.66 -15.43 1.81
N GLU A 137 -13.30 -16.59 2.42
CA GLU A 137 -12.57 -17.64 1.70
C GLU A 137 -13.44 -18.27 0.62
N TYR A 138 -14.75 -18.37 0.90
CA TYR A 138 -15.77 -18.91 -0.01
C TYR A 138 -15.79 -18.07 -1.29
N ALA A 139 -15.91 -16.73 -1.15
CA ALA A 139 -15.94 -15.79 -2.26
C ALA A 139 -14.61 -15.87 -3.03
N ARG A 140 -13.50 -15.80 -2.27
CA ARG A 140 -12.14 -15.88 -2.78
C ARG A 140 -11.90 -17.10 -3.64
N LYS A 141 -12.30 -18.30 -3.16
CA LYS A 141 -12.17 -19.58 -3.88
C LYS A 141 -12.92 -19.53 -5.21
N ARG A 142 -14.13 -18.96 -5.19
CA ARG A 142 -15.03 -18.87 -6.34
C ARG A 142 -14.81 -17.67 -7.24
N GLY A 143 -13.87 -16.82 -6.88
CA GLY A 143 -13.53 -15.60 -7.63
C GLY A 143 -14.61 -14.54 -7.62
N ILE A 144 -15.74 -14.80 -6.94
CA ILE A 144 -16.93 -13.91 -6.88
C ILE A 144 -16.78 -12.74 -5.91
N PRO A 145 -17.40 -11.57 -6.19
CA PRO A 145 -17.25 -10.43 -5.29
C PRO A 145 -17.72 -10.67 -3.87
N ARG A 146 -17.07 -9.97 -2.92
CA ARG A 146 -17.48 -10.02 -1.53
C ARG A 146 -17.97 -8.65 -1.10
N ILE A 147 -19.26 -8.55 -0.79
CA ILE A 147 -19.92 -7.33 -0.33
C ILE A 147 -20.12 -7.51 1.19
N TYR A 148 -19.66 -6.53 1.98
CA TYR A 148 -19.79 -6.50 3.44
C TYR A 148 -20.66 -5.30 3.86
N LEU A 149 -21.65 -5.58 4.67
CA LEU A 149 -22.57 -4.59 5.23
C LEU A 149 -22.20 -4.45 6.69
N ALA A 150 -21.55 -3.32 7.02
CA ALA A 150 -21.04 -2.99 8.36
C ALA A 150 -22.08 -2.29 9.21
N ALA A 151 -22.43 -2.93 10.33
CA ALA A 151 -23.40 -2.47 11.34
C ALA A 151 -23.02 -3.23 12.59
N ASN A 152 -22.05 -2.68 13.33
CA ASN A 152 -21.46 -3.35 14.48
C ASN A 152 -20.98 -2.43 15.58
N SER A 153 -20.50 -3.06 16.68
CA SER A 153 -19.91 -2.37 17.85
C SER A 153 -18.44 -2.88 18.13
N GLY A 154 -17.75 -3.36 17.09
CA GLY A 154 -16.39 -3.88 17.21
C GLY A 154 -16.34 -5.21 17.93
N ALA A 155 -15.16 -5.54 18.47
CA ALA A 155 -14.89 -6.75 19.24
C ALA A 155 -15.80 -6.87 20.47
N ARG A 156 -16.22 -8.12 20.78
CA ARG A 156 -17.11 -8.48 21.89
C ARG A 156 -16.41 -8.39 23.23
N ILE A 157 -17.03 -7.67 24.17
CA ILE A 157 -16.51 -7.45 25.51
C ILE A 157 -17.24 -8.33 26.51
N GLY A 158 -16.50 -8.98 27.39
CA GLY A 158 -17.10 -9.83 28.39
C GLY A 158 -16.26 -9.96 29.63
N MET A 159 -16.89 -10.52 30.66
CA MET A 159 -16.31 -10.82 31.97
C MET A 159 -16.78 -12.20 32.43
N ALA A 160 -16.10 -12.81 33.40
CA ALA A 160 -16.51 -14.12 33.87
C ALA A 160 -17.69 -13.94 34.80
N GLU A 161 -18.91 -14.02 34.21
CA GLU A 161 -20.17 -13.86 34.94
C GLU A 161 -20.36 -14.81 36.11
N GLU A 162 -19.80 -16.02 36.01
CA GLU A 162 -19.83 -17.02 37.09
C GLU A 162 -19.04 -16.55 38.31
N ILE A 163 -18.01 -15.68 38.12
CA ILE A 163 -17.19 -15.14 39.22
C ILE A 163 -17.84 -13.93 39.98
N VAL A 164 -18.65 -13.11 39.25
CA VAL A 164 -19.38 -11.95 39.77
C VAL A 164 -20.11 -12.23 41.12
N PRO A 165 -20.93 -13.31 41.25
CA PRO A 165 -21.61 -13.54 42.55
C PRO A 165 -20.78 -14.29 43.58
N LEU A 166 -19.52 -14.63 43.24
CA LEU A 166 -18.68 -15.43 44.12
C LEU A 166 -17.52 -14.69 44.78
N PHE A 167 -16.91 -13.73 44.07
CA PHE A 167 -15.73 -13.03 44.56
C PHE A 167 -15.89 -12.26 45.87
N GLN A 168 -14.88 -12.36 46.71
CA GLN A 168 -14.85 -11.68 47.99
C GLN A 168 -13.75 -10.59 47.99
N VAL A 169 -13.87 -9.62 48.90
CA VAL A 169 -12.94 -8.50 48.98
C VAL A 169 -12.13 -8.52 50.27
N ALA A 170 -10.77 -8.52 50.16
CA ALA A 170 -9.90 -8.50 51.33
C ALA A 170 -9.80 -7.03 51.73
N TRP A 171 -10.60 -6.62 52.72
CA TRP A 171 -10.65 -5.22 53.15
C TRP A 171 -9.47 -4.85 54.01
N ASN A 172 -9.02 -3.58 53.92
CA ASN A 172 -7.94 -3.06 54.75
C ASN A 172 -8.49 -2.95 56.18
N ASP A 173 -9.77 -2.55 56.25
CA ASP A 173 -10.62 -2.46 57.44
C ASP A 173 -12.04 -2.79 56.95
N ALA A 174 -12.61 -3.91 57.43
CA ALA A 174 -13.95 -4.33 57.05
C ALA A 174 -15.00 -3.31 57.51
N ALA A 175 -14.70 -2.58 58.61
CA ALA A 175 -15.57 -1.54 59.16
C ALA A 175 -15.65 -0.29 58.26
N ASN A 176 -14.58 -0.04 57.44
CA ASN A 176 -14.50 1.10 56.51
C ASN A 176 -14.05 0.69 55.09
N PRO A 177 -14.98 0.48 54.14
CA PRO A 177 -14.57 0.10 52.78
C PRO A 177 -13.72 1.13 52.06
N ASP A 178 -13.91 2.43 52.38
CA ASP A 178 -13.14 3.52 51.77
C ASP A 178 -11.65 3.49 52.10
N LYS A 179 -11.25 2.77 53.19
CA LYS A 179 -9.86 2.59 53.59
C LYS A 179 -9.09 1.74 52.56
N GLY A 180 -9.84 1.08 51.67
CA GLY A 180 -9.32 0.27 50.58
C GLY A 180 -9.38 -1.24 50.75
N PHE A 181 -8.87 -1.94 49.73
CA PHE A 181 -8.84 -3.40 49.68
C PHE A 181 -7.51 -3.88 49.14
N GLN A 182 -7.08 -5.06 49.61
CA GLN A 182 -5.81 -5.69 49.27
C GLN A 182 -5.83 -6.50 48.01
N TYR A 183 -6.87 -7.33 47.83
CA TYR A 183 -7.06 -8.23 46.68
C TYR A 183 -8.49 -8.78 46.70
N LEU A 184 -8.85 -9.54 45.64
CA LEU A 184 -10.12 -10.25 45.52
C LEU A 184 -9.81 -11.73 45.72
N TYR A 185 -10.73 -12.49 46.35
CA TYR A 185 -10.53 -13.91 46.64
C TYR A 185 -11.83 -14.74 46.62
N LEU A 186 -11.67 -16.07 46.74
CA LEU A 186 -12.79 -17.00 46.82
C LEU A 186 -12.72 -17.74 48.14
N THR A 187 -13.88 -18.22 48.57
CA THR A 187 -14.00 -19.01 49.77
C THR A 187 -14.00 -20.47 49.34
N SER A 188 -13.88 -21.40 50.30
CA SER A 188 -13.95 -22.82 50.00
C SER A 188 -15.30 -23.12 49.31
N GLU A 189 -16.37 -22.43 49.76
CA GLU A 189 -17.74 -22.51 49.25
C GLU A 189 -17.80 -22.11 47.76
N GLY A 190 -17.25 -20.94 47.41
CA GLY A 190 -17.21 -20.44 46.04
C GLY A 190 -16.40 -21.32 45.13
N MET A 191 -15.29 -21.89 45.66
CA MET A 191 -14.41 -22.83 44.95
C MET A 191 -15.19 -24.10 44.67
N GLU A 192 -15.97 -24.57 45.67
CA GLU A 192 -16.81 -25.76 45.57
C GLU A 192 -17.95 -25.58 44.57
N THR A 193 -18.47 -24.36 44.46
CA THR A 193 -19.54 -23.94 43.53
C THR A 193 -19.04 -24.05 42.09
N LEU A 194 -17.78 -23.64 41.85
CA LEU A 194 -17.16 -23.71 40.54
C LEU A 194 -16.92 -25.17 40.14
N LYS A 195 -16.42 -26.00 41.09
CA LYS A 195 -16.15 -27.43 40.88
C LYS A 195 -17.44 -28.17 40.49
N LYS A 196 -18.54 -27.90 41.24
CA LYS A 196 -19.89 -28.44 41.09
C LYS A 196 -20.40 -28.26 39.65
N PHE A 197 -20.16 -27.06 39.09
CA PHE A 197 -20.59 -26.63 37.77
C PHE A 197 -19.55 -26.89 36.69
N ASP A 198 -18.48 -27.64 37.06
CA ASP A 198 -17.37 -28.02 36.17
C ASP A 198 -16.77 -26.73 35.56
N LYS A 199 -16.40 -25.78 36.45
CA LYS A 199 -15.85 -24.46 36.12
C LYS A 199 -14.56 -24.12 36.89
N GLU A 200 -13.80 -25.14 37.36
CA GLU A 200 -12.53 -25.05 38.12
C GLU A 200 -11.53 -24.16 37.42
N ASN A 201 -11.53 -24.24 36.10
CA ASN A 201 -10.61 -23.57 35.19
C ASN A 201 -10.94 -22.09 34.95
N SER A 202 -12.06 -21.59 35.51
CA SER A 202 -12.49 -20.18 35.35
C SER A 202 -11.54 -19.21 35.99
N VAL A 203 -10.93 -19.59 37.12
CA VAL A 203 -9.97 -18.74 37.82
C VAL A 203 -8.64 -19.45 38.06
N LEU A 204 -7.59 -18.65 38.30
CA LEU A 204 -6.29 -19.12 38.76
C LEU A 204 -6.19 -18.57 40.15
N THR A 205 -6.32 -19.43 41.15
CA THR A 205 -6.23 -18.97 42.54
C THR A 205 -4.90 -19.36 43.20
N GLU A 206 -4.64 -18.80 44.39
CA GLU A 206 -3.47 -19.09 45.20
C GLU A 206 -3.98 -19.18 46.65
N ARG A 207 -3.89 -20.37 47.26
CA ARG A 207 -4.39 -20.59 48.61
C ARG A 207 -3.55 -19.89 49.66
N THR A 208 -4.21 -19.08 50.49
CA THR A 208 -3.64 -18.35 51.62
C THR A 208 -4.51 -18.55 52.86
N VAL A 209 -3.90 -18.51 54.06
CA VAL A 209 -4.66 -18.61 55.30
C VAL A 209 -4.57 -17.30 56.08
N ILE A 210 -5.69 -16.55 56.11
CA ILE A 210 -5.76 -15.31 56.87
C ILE A 210 -6.68 -15.56 58.03
N ASN A 211 -6.10 -15.48 59.26
CA ASN A 211 -6.77 -15.65 60.56
C ASN A 211 -7.57 -16.95 60.67
N GLY A 212 -6.87 -18.04 60.34
CA GLY A 212 -7.40 -19.40 60.37
C GLY A 212 -8.47 -19.66 59.34
N GLU A 213 -8.52 -18.82 58.29
CA GLU A 213 -9.48 -18.92 57.20
C GLU A 213 -8.82 -19.04 55.84
N GLU A 214 -9.23 -20.08 55.09
CA GLU A 214 -8.80 -20.49 53.76
C GLU A 214 -9.32 -19.45 52.76
N ARG A 215 -8.40 -18.66 52.16
CA ARG A 215 -8.74 -17.64 51.17
C ARG A 215 -8.08 -18.03 49.85
N PHE A 216 -8.89 -18.14 48.79
CA PHE A 216 -8.38 -18.50 47.47
C PHE A 216 -8.17 -17.24 46.63
N VAL A 217 -6.99 -16.59 46.80
CA VAL A 217 -6.66 -15.35 46.12
C VAL A 217 -6.78 -15.45 44.61
N ILE A 218 -7.60 -14.59 43.97
CA ILE A 218 -7.77 -14.59 42.52
C ILE A 218 -6.57 -13.92 41.86
N LYS A 219 -5.77 -14.74 41.20
CA LYS A 219 -4.53 -14.32 40.51
C LYS A 219 -4.80 -13.94 39.05
N THR A 220 -5.77 -14.64 38.42
CA THR A 220 -6.27 -14.39 37.06
C THR A 220 -7.72 -14.89 36.90
N ILE A 221 -8.56 -14.13 36.23
CA ILE A 221 -9.93 -14.55 35.91
C ILE A 221 -9.91 -14.91 34.42
N ILE A 222 -10.29 -16.15 34.10
CA ILE A 222 -10.30 -16.65 32.73
C ILE A 222 -11.72 -16.67 32.17
N GLY A 223 -12.63 -17.29 32.90
CA GLY A 223 -14.00 -17.47 32.48
C GLY A 223 -14.22 -18.73 31.68
N SER A 224 -15.32 -19.40 31.94
CA SER A 224 -15.76 -20.61 31.24
C SER A 224 -16.35 -20.19 29.88
N GLU A 225 -17.08 -19.06 29.83
CA GLU A 225 -17.70 -18.54 28.62
C GLU A 225 -16.65 -17.94 27.70
N ASP A 226 -16.76 -18.23 26.39
CA ASP A 226 -15.84 -17.77 25.33
C ASP A 226 -16.35 -16.48 24.72
N GLY A 227 -15.43 -15.64 24.29
CA GLY A 227 -15.75 -14.35 23.67
C GLY A 227 -15.75 -13.17 24.63
N LEU A 228 -14.81 -13.18 25.61
CA LEU A 228 -14.66 -12.18 26.67
C LEU A 228 -13.66 -11.04 26.38
N GLY A 229 -12.52 -11.38 25.73
CA GLY A 229 -11.45 -10.44 25.41
C GLY A 229 -10.49 -10.78 24.29
N VAL A 230 -9.26 -11.20 24.64
CA VAL A 230 -8.18 -11.46 23.68
C VAL A 230 -8.52 -12.44 22.52
N GLU A 231 -9.35 -13.48 22.82
CA GLU A 231 -9.83 -14.44 21.82
C GLU A 231 -10.60 -13.70 20.74
N CYS A 232 -11.38 -12.66 21.11
CA CYS A 232 -12.11 -11.84 20.15
C CYS A 232 -11.10 -11.05 19.32
N LEU A 233 -10.01 -10.58 19.97
CA LEU A 233 -8.97 -9.76 19.33
C LEU A 233 -8.18 -10.57 18.31
N ARG A 234 -7.94 -11.86 18.61
CA ARG A 234 -7.26 -12.77 17.68
C ARG A 234 -8.16 -12.89 16.41
N GLY A 235 -9.48 -12.95 16.62
CA GLY A 235 -10.45 -13.00 15.54
C GLY A 235 -10.41 -11.76 14.65
N SER A 236 -10.22 -10.56 15.27
CA SER A 236 -10.12 -9.26 14.59
C SER A 236 -8.93 -9.34 13.67
N GLY A 237 -7.79 -9.76 14.20
CA GLY A 237 -6.55 -9.93 13.47
C GLY A 237 -6.76 -10.85 12.28
N LEU A 238 -7.33 -12.05 12.50
CA LEU A 238 -7.62 -13.02 11.45
C LEU A 238 -8.45 -12.42 10.29
N ILE A 239 -9.62 -11.79 10.61
CA ILE A 239 -10.47 -11.14 9.61
C ILE A 239 -9.86 -9.90 8.91
N ALA A 240 -8.98 -9.14 9.63
CA ALA A 240 -8.28 -8.00 9.06
C ALA A 240 -7.31 -8.49 7.97
N GLY A 241 -6.52 -9.49 8.30
CA GLY A 241 -5.59 -10.08 7.35
C GLY A 241 -6.31 -10.73 6.20
N ALA A 242 -7.48 -11.31 6.49
CA ALA A 242 -8.25 -12.00 5.47
C ALA A 242 -8.80 -11.03 4.45
N THR A 243 -9.16 -9.82 4.92
CA THR A 243 -9.72 -8.76 4.08
C THR A 243 -8.61 -8.20 3.22
N SER A 244 -7.46 -7.87 3.86
CA SER A 244 -6.23 -7.40 3.22
C SER A 244 -5.93 -8.29 2.03
N ARG A 245 -5.96 -9.63 2.24
CA ARG A 245 -5.73 -10.65 1.19
C ARG A 245 -6.81 -10.66 0.11
N ALA A 246 -8.09 -10.57 0.50
CA ALA A 246 -9.20 -10.61 -0.42
C ALA A 246 -9.18 -9.44 -1.44
N TYR A 247 -8.80 -8.22 -0.96
CA TYR A 247 -8.72 -7.03 -1.79
C TYR A 247 -7.90 -7.27 -3.07
N HIS A 248 -6.83 -8.11 -2.97
CA HIS A 248 -5.97 -8.40 -4.10
C HIS A 248 -6.53 -9.49 -5.03
N ASP A 249 -7.28 -10.42 -4.44
CA ASP A 249 -7.90 -11.62 -5.02
C ASP A 249 -9.23 -11.36 -5.76
N ILE A 250 -10.23 -10.72 -5.08
CA ILE A 250 -11.59 -10.50 -5.59
C ILE A 250 -12.06 -9.05 -5.42
N PHE A 251 -13.26 -8.71 -5.97
CA PHE A 251 -13.83 -7.38 -5.80
C PHE A 251 -14.43 -7.27 -4.40
N THR A 252 -13.89 -6.36 -3.59
CA THR A 252 -14.37 -6.08 -2.24
C THR A 252 -15.02 -4.70 -2.13
N ILE A 253 -16.15 -4.62 -1.44
CA ILE A 253 -16.87 -3.36 -1.18
C ILE A 253 -17.58 -3.47 0.17
N THR A 254 -17.73 -2.32 0.86
CA THR A 254 -18.38 -2.23 2.17
C THR A 254 -19.42 -1.12 2.21
N LEU A 255 -20.54 -1.43 2.85
CA LEU A 255 -21.60 -0.45 3.06
C LEU A 255 -21.67 -0.26 4.57
N VAL A 256 -21.42 1.00 5.04
CA VAL A 256 -21.49 1.38 6.47
C VAL A 256 -22.96 1.72 6.71
N THR A 257 -23.75 0.68 7.00
CA THR A 257 -25.21 0.74 7.13
C THR A 257 -25.75 1.23 8.47
N CYS A 258 -24.94 1.05 9.53
CA CYS A 258 -25.18 1.55 10.88
C CYS A 258 -23.79 1.84 11.40
N ARG A 259 -23.60 2.24 12.67
CA ARG A 259 -22.21 2.43 13.13
C ARG A 259 -21.26 1.26 12.80
N SER A 260 -19.96 1.56 12.57
CA SER A 260 -18.93 0.53 12.38
C SER A 260 -17.77 0.92 13.30
N VAL A 261 -17.58 0.14 14.38
CA VAL A 261 -16.61 0.38 15.46
C VAL A 261 -15.40 -0.57 15.47
N GLY A 262 -14.22 -0.04 15.90
CA GLY A 262 -12.95 -0.77 16.07
C GLY A 262 -12.52 -1.64 14.90
N ILE A 263 -12.58 -2.96 15.05
CA ILE A 263 -12.27 -3.88 13.93
C ILE A 263 -13.17 -3.61 12.71
N GLY A 264 -14.43 -3.22 12.98
CA GLY A 264 -15.40 -2.83 11.97
C GLY A 264 -14.91 -1.66 11.15
N ALA A 265 -14.28 -0.65 11.79
CA ALA A 265 -13.72 0.51 11.09
C ALA A 265 -12.55 0.03 10.20
N TYR A 266 -11.63 -0.80 10.79
CA TYR A 266 -10.53 -1.37 10.04
C TYR A 266 -10.98 -2.22 8.84
N LEU A 267 -12.11 -2.97 8.98
CA LEU A 267 -12.61 -3.76 7.86
C LEU A 267 -13.06 -2.87 6.72
N VAL A 268 -13.63 -1.70 7.03
CA VAL A 268 -14.09 -0.76 6.00
C VAL A 268 -12.89 -0.33 5.12
N ARG A 269 -11.78 0.09 5.78
CA ARG A 269 -10.59 0.52 5.07
C ARG A 269 -9.89 -0.65 4.38
N LEU A 270 -9.83 -1.81 5.04
CA LEU A 270 -9.14 -2.97 4.51
C LEU A 270 -9.72 -3.54 3.21
N GLY A 271 -11.03 -3.36 3.00
CA GLY A 271 -11.72 -3.76 1.79
C GLY A 271 -11.69 -2.63 0.78
N GLN A 272 -11.00 -1.51 1.15
CA GLN A 272 -10.77 -0.29 0.36
C GLN A 272 -12.02 0.45 -0.08
N ARG A 273 -12.74 -0.11 -1.09
CA ARG A 273 -13.99 0.45 -1.63
C ARG A 273 -15.04 0.51 -0.52
N ALA A 274 -15.51 1.74 -0.19
CA ALA A 274 -16.51 1.92 0.87
C ALA A 274 -17.55 2.94 0.51
N ILE A 275 -18.82 2.63 0.83
CA ILE A 275 -19.95 3.54 0.65
C ILE A 275 -20.48 3.79 2.05
N GLN A 276 -20.55 5.05 2.45
CA GLN A 276 -21.02 5.39 3.78
C GLN A 276 -22.42 5.99 3.78
N VAL A 277 -23.32 5.43 4.61
CA VAL A 277 -24.67 5.98 4.73
C VAL A 277 -24.56 7.23 5.62
N GLU A 278 -25.02 8.36 5.11
CA GLU A 278 -25.05 9.62 5.84
C GLU A 278 -25.65 9.39 7.22
N GLY A 279 -24.95 9.80 8.27
CA GLY A 279 -25.42 9.67 9.64
C GLY A 279 -24.97 8.43 10.36
N GLN A 280 -24.20 7.54 9.68
CA GLN A 280 -23.65 6.30 10.26
C GLN A 280 -22.12 6.42 10.41
N PRO A 281 -21.59 6.43 11.64
CA PRO A 281 -20.16 6.66 11.83
C PRO A 281 -19.26 5.46 11.71
N ILE A 282 -18.04 5.73 11.16
CA ILE A 282 -16.91 4.83 11.08
C ILE A 282 -15.99 5.33 12.20
N ILE A 283 -15.99 4.65 13.38
CA ILE A 283 -15.19 5.08 14.52
C ILE A 283 -14.32 3.99 15.08
N LEU A 284 -13.19 4.38 15.73
CA LEU A 284 -12.29 3.47 16.42
C LEU A 284 -12.64 3.50 17.91
N THR A 285 -12.72 4.71 18.47
CA THR A 285 -13.12 4.93 19.87
C THR A 285 -14.28 5.91 19.91
N GLY A 286 -15.27 5.64 20.77
CA GLY A 286 -16.43 6.52 20.89
C GLY A 286 -16.10 7.83 21.56
N ALA A 287 -16.84 8.89 21.21
CA ALA A 287 -16.67 10.25 21.74
C ALA A 287 -16.66 10.31 23.27
N SER A 288 -17.62 9.61 23.92
CA SER A 288 -17.73 9.56 25.38
C SER A 288 -16.48 9.05 26.03
N ALA A 289 -15.90 7.93 25.55
CA ALA A 289 -14.67 7.35 26.08
C ALA A 289 -13.54 8.35 25.94
N LEU A 290 -13.35 8.92 24.72
CA LEU A 290 -12.36 9.94 24.43
C LEU A 290 -12.46 11.12 25.46
N ASN A 291 -13.70 11.56 25.79
CA ASN A 291 -13.95 12.58 26.82
C ASN A 291 -13.47 12.14 28.23
N LYS A 292 -13.69 10.82 28.60
CA LYS A 292 -13.22 10.26 29.88
C LYS A 292 -11.67 10.25 29.89
N VAL A 293 -11.01 9.74 28.80
CA VAL A 293 -9.54 9.69 28.65
C VAL A 293 -8.99 11.13 28.69
N LEU A 294 -9.69 12.10 28.06
CA LEU A 294 -9.23 13.49 28.05
C LEU A 294 -9.50 14.25 29.34
N GLY A 295 -10.57 13.89 30.05
CA GLY A 295 -10.95 14.52 31.31
C GLY A 295 -11.67 15.84 31.14
N ARG A 296 -12.33 16.04 30.00
CA ARG A 296 -13.10 17.23 29.60
C ARG A 296 -14.15 16.79 28.56
N GLU A 297 -15.27 17.55 28.43
CA GLU A 297 -16.24 17.26 27.38
C GLU A 297 -15.72 17.96 26.11
N VAL A 298 -14.80 17.28 25.41
CA VAL A 298 -14.17 17.73 24.16
C VAL A 298 -15.08 17.43 22.93
N TYR A 299 -15.54 16.17 22.81
CA TYR A 299 -16.33 15.72 21.67
C TYR A 299 -17.83 15.62 22.00
N THR A 300 -18.66 16.07 21.05
CA THR A 300 -20.12 16.11 21.19
C THR A 300 -20.81 14.87 20.63
N SER A 301 -20.18 14.15 19.67
CA SER A 301 -20.75 12.93 19.09
C SER A 301 -19.75 12.06 18.35
N ASN A 302 -20.16 10.82 18.02
CA ASN A 302 -19.37 9.88 17.25
C ASN A 302 -19.28 10.39 15.81
N LEU A 303 -20.35 11.03 15.31
CA LEU A 303 -20.37 11.57 13.96
C LEU A 303 -19.31 12.62 13.78
N GLN A 304 -18.99 13.37 14.86
CA GLN A 304 -17.94 14.37 14.92
C GLN A 304 -16.58 13.73 14.59
N LEU A 305 -16.36 12.47 15.03
CA LEU A 305 -15.16 11.67 14.79
C LEU A 305 -15.16 10.89 13.44
N GLY A 306 -16.29 10.27 13.07
CA GLY A 306 -16.33 9.43 11.87
C GLY A 306 -17.52 9.52 10.95
N GLY A 307 -18.13 10.70 10.88
CA GLY A 307 -19.24 10.95 9.97
C GLY A 307 -18.74 11.14 8.56
N THR A 308 -19.67 11.37 7.60
CA THR A 308 -19.31 11.56 6.19
C THR A 308 -18.37 12.75 5.98
N GLN A 309 -18.57 13.86 6.75
CA GLN A 309 -17.74 15.07 6.70
C GLN A 309 -16.28 14.78 7.11
N ILE A 310 -16.04 13.62 7.75
CA ILE A 310 -14.70 13.16 8.09
C ILE A 310 -14.23 12.15 7.03
N MET A 311 -14.96 11.01 6.87
CA MET A 311 -14.57 9.89 5.99
C MET A 311 -14.67 10.11 4.50
N TYR A 312 -15.72 10.78 4.03
CA TYR A 312 -15.89 11.09 2.60
C TYR A 312 -14.84 12.14 2.19
N ASN A 313 -14.50 13.05 3.11
CA ASN A 313 -13.51 14.09 2.85
C ASN A 313 -12.06 13.55 2.84
N ASN A 314 -11.78 12.50 3.64
CA ASN A 314 -10.55 11.68 3.82
C ASN A 314 -10.23 10.84 2.61
N GLY A 315 -11.28 10.30 1.97
CA GLY A 315 -11.14 9.30 0.93
C GLY A 315 -11.20 7.90 1.51
N VAL A 316 -11.55 7.78 2.81
CA VAL A 316 -11.77 6.47 3.44
C VAL A 316 -13.09 5.96 2.86
N SER A 317 -14.15 6.83 2.86
CA SER A 317 -15.45 6.55 2.25
C SER A 317 -15.39 7.06 0.82
N HIS A 318 -15.51 6.14 -0.16
CA HIS A 318 -15.43 6.48 -1.59
C HIS A 318 -16.67 7.19 -2.05
N LEU A 319 -17.83 6.86 -1.45
CA LEU A 319 -19.12 7.45 -1.81
C LEU A 319 -19.96 7.52 -0.58
N THR A 320 -20.95 8.38 -0.62
CA THR A 320 -21.94 8.61 0.42
C THR A 320 -23.29 8.11 -0.07
N ALA A 321 -24.21 7.82 0.86
CA ALA A 321 -25.56 7.37 0.53
C ALA A 321 -26.56 8.01 1.49
N VAL A 322 -27.73 8.40 1.01
CA VAL A 322 -28.74 9.04 1.85
C VAL A 322 -29.41 8.02 2.78
N ASP A 323 -29.51 6.75 2.29
CA ASP A 323 -30.16 5.62 2.96
C ASP A 323 -29.58 4.30 2.54
N ASP A 324 -30.00 3.21 3.20
CA ASP A 324 -29.53 1.86 2.87
C ASP A 324 -29.75 1.47 1.41
N LEU A 325 -30.94 1.75 0.84
CA LEU A 325 -31.22 1.44 -0.57
C LEU A 325 -30.29 2.22 -1.51
N ALA A 326 -30.08 3.52 -1.26
CA ALA A 326 -29.18 4.38 -2.05
C ALA A 326 -27.83 3.73 -2.11
N GLY A 327 -27.34 3.25 -0.97
CA GLY A 327 -26.07 2.56 -0.84
C GLY A 327 -26.03 1.27 -1.62
N VAL A 328 -27.11 0.47 -1.49
CA VAL A 328 -27.22 -0.79 -2.24
C VAL A 328 -27.18 -0.52 -3.76
N GLU A 329 -27.89 0.53 -4.19
CA GLU A 329 -27.92 0.98 -5.58
C GLU A 329 -26.55 1.36 -6.10
N LYS A 330 -25.78 2.09 -5.29
CA LYS A 330 -24.40 2.45 -5.63
C LYS A 330 -23.46 1.19 -5.71
N ILE A 331 -23.70 0.14 -4.88
CA ILE A 331 -22.90 -1.09 -4.92
C ILE A 331 -23.12 -1.75 -6.27
N VAL A 332 -24.38 -1.98 -6.57
CA VAL A 332 -24.90 -2.61 -7.77
C VAL A 332 -24.41 -1.89 -9.04
N GLU A 333 -24.37 -0.55 -8.99
CA GLU A 333 -23.88 0.30 -10.08
C GLU A 333 -22.38 0.10 -10.28
N TRP A 334 -21.60 0.12 -9.19
CA TRP A 334 -20.16 -0.07 -9.20
C TRP A 334 -19.81 -1.46 -9.79
N MET A 335 -20.49 -2.53 -9.31
CA MET A 335 -20.31 -3.91 -9.77
C MET A 335 -20.53 -4.05 -11.26
N SER A 336 -21.39 -3.20 -11.84
CA SER A 336 -21.69 -3.28 -13.27
C SER A 336 -20.48 -3.07 -14.21
N TYR A 337 -19.33 -2.60 -13.67
CA TYR A 337 -18.09 -2.36 -14.40
C TYR A 337 -17.10 -3.54 -14.11
N VAL A 338 -17.44 -4.40 -13.13
CA VAL A 338 -16.61 -5.52 -12.64
C VAL A 338 -16.95 -6.86 -13.30
N PRO A 339 -15.94 -7.69 -13.71
CA PRO A 339 -16.24 -9.03 -14.26
C PRO A 339 -17.04 -9.86 -13.26
N ALA A 340 -17.91 -10.78 -13.78
CA ALA A 340 -18.78 -11.69 -13.01
C ALA A 340 -18.02 -12.43 -11.90
N LYS A 341 -16.75 -12.78 -12.20
CA LYS A 341 -15.77 -13.42 -11.32
C LYS A 341 -14.34 -13.19 -11.86
N ARG A 342 -13.34 -13.34 -10.99
CA ARG A 342 -11.90 -13.16 -11.28
C ARG A 342 -11.48 -13.76 -12.60
N ASN A 343 -10.70 -13.02 -13.38
CA ASN A 343 -10.14 -13.46 -14.67
C ASN A 343 -11.08 -13.57 -15.85
N MET A 344 -12.37 -13.34 -15.63
CA MET A 344 -13.35 -13.30 -16.72
C MET A 344 -13.16 -11.96 -17.44
N PRO A 345 -13.54 -11.84 -18.73
CA PRO A 345 -13.40 -10.54 -19.42
C PRO A 345 -14.24 -9.45 -18.78
N VAL A 346 -13.81 -8.20 -18.89
CA VAL A 346 -14.53 -7.05 -18.35
C VAL A 346 -15.92 -7.01 -19.01
N PRO A 347 -16.99 -6.74 -18.23
CA PRO A 347 -18.36 -6.80 -18.80
C PRO A 347 -18.70 -5.72 -19.84
N ILE A 348 -18.71 -6.11 -21.13
CA ILE A 348 -19.06 -5.19 -22.22
C ILE A 348 -20.57 -4.94 -22.14
N LEU A 349 -20.96 -3.66 -22.02
CA LEU A 349 -22.35 -3.21 -21.97
C LEU A 349 -22.57 -1.99 -22.90
N GLU A 350 -22.89 -2.28 -24.15
CA GLU A 350 -23.10 -1.26 -25.17
C GLU A 350 -24.46 -0.61 -24.93
N THR A 351 -24.52 0.71 -25.09
CA THR A 351 -25.77 1.46 -24.91
C THR A 351 -26.12 2.23 -26.19
N LYS A 352 -27.09 3.18 -26.13
CA LYS A 352 -27.45 3.93 -27.32
C LYS A 352 -26.32 4.80 -27.90
N ASP A 353 -25.34 5.19 -27.05
CA ASP A 353 -24.18 5.95 -27.47
C ASP A 353 -23.08 4.99 -27.95
N THR A 354 -23.08 4.71 -29.26
CA THR A 354 -22.09 3.82 -29.84
C THR A 354 -20.77 4.54 -30.10
N TRP A 355 -19.74 3.74 -30.39
CA TRP A 355 -18.37 4.18 -30.64
C TRP A 355 -18.21 5.08 -31.87
N ASP A 356 -19.02 4.85 -32.92
CA ASP A 356 -18.81 5.56 -34.17
C ASP A 356 -19.38 6.94 -34.23
N ARG A 357 -18.71 7.87 -33.53
CA ARG A 357 -19.07 9.29 -33.49
C ARG A 357 -17.89 10.13 -33.04
N PRO A 358 -17.81 11.41 -33.47
CA PRO A 358 -16.71 12.25 -32.99
C PRO A 358 -17.00 12.76 -31.57
N VAL A 359 -15.96 13.24 -30.89
CA VAL A 359 -16.08 13.84 -29.55
C VAL A 359 -16.52 15.30 -29.80
N ASP A 360 -17.58 15.74 -29.13
CA ASP A 360 -18.09 17.11 -29.35
C ASP A 360 -17.40 18.13 -28.49
N PHE A 361 -17.40 17.94 -27.14
CA PHE A 361 -16.77 18.91 -26.27
C PHE A 361 -15.26 18.89 -26.44
N THR A 362 -14.72 20.04 -26.85
CA THR A 362 -13.27 20.21 -27.04
C THR A 362 -12.79 21.39 -26.18
N PRO A 363 -11.78 21.22 -25.31
CA PRO A 363 -11.32 22.37 -24.51
C PRO A 363 -10.53 23.36 -25.37
N THR A 364 -10.42 24.61 -24.90
CA THR A 364 -9.59 25.62 -25.59
C THR A 364 -8.49 26.14 -24.69
N ASN A 365 -7.38 26.63 -25.27
CA ASN A 365 -6.23 27.13 -24.50
C ASN A 365 -6.55 28.40 -23.70
N ASP A 366 -7.61 29.13 -24.11
CA ASP A 366 -8.05 30.39 -23.50
C ASP A 366 -9.20 30.28 -22.50
N GLU A 367 -9.97 29.17 -22.54
CA GLU A 367 -11.17 29.02 -21.70
C GLU A 367 -11.24 27.85 -20.71
N THR A 368 -11.73 28.17 -19.50
CA THR A 368 -11.97 27.28 -18.37
C THR A 368 -12.96 26.18 -18.70
N TYR A 369 -12.68 24.96 -18.20
CA TYR A 369 -13.55 23.81 -18.38
C TYR A 369 -13.48 22.85 -17.17
N ASP A 370 -14.53 22.01 -17.05
CA ASP A 370 -14.62 20.93 -16.08
C ASP A 370 -14.18 19.68 -16.87
N VAL A 371 -13.15 18.92 -16.41
CA VAL A 371 -12.68 17.69 -17.08
C VAL A 371 -13.84 16.79 -17.44
N ARG A 372 -14.85 16.68 -16.53
CA ARG A 372 -16.03 15.83 -16.69
C ARG A 372 -16.74 16.05 -18.00
N TRP A 373 -16.69 17.28 -18.56
CA TRP A 373 -17.29 17.59 -19.86
C TRP A 373 -16.55 16.80 -20.96
N MET A 374 -15.20 16.71 -20.83
CA MET A 374 -14.33 15.94 -21.72
C MET A 374 -14.59 14.45 -21.52
N ILE A 375 -14.84 14.01 -20.26
CA ILE A 375 -15.08 12.62 -19.93
C ILE A 375 -16.47 12.10 -20.40
N GLU A 376 -17.53 12.61 -19.77
CA GLU A 376 -18.92 12.19 -19.98
C GLU A 376 -19.75 13.06 -20.92
N GLY A 377 -19.27 14.26 -21.18
CA GLY A 377 -20.02 15.16 -22.04
C GLY A 377 -20.68 16.26 -21.25
N ARG A 378 -21.38 17.13 -21.95
CA ARG A 378 -21.96 18.32 -21.34
C ARG A 378 -23.33 18.68 -21.89
N GLU A 379 -24.29 18.93 -20.99
CA GLU A 379 -25.62 19.39 -21.38
C GLU A 379 -25.45 20.88 -21.70
N THR A 380 -25.88 21.28 -22.90
CA THR A 380 -25.73 22.64 -23.44
C THR A 380 -27.07 23.15 -23.98
N GLU A 381 -27.25 24.48 -23.97
CA GLU A 381 -28.49 25.14 -24.41
C GLU A 381 -28.99 24.69 -25.80
N SER A 382 -28.05 24.49 -26.76
CA SER A 382 -28.33 24.03 -28.12
C SER A 382 -28.36 22.48 -28.28
N GLY A 383 -28.27 21.76 -27.16
CA GLY A 383 -28.25 20.30 -27.12
C GLY A 383 -27.06 19.74 -26.37
N PHE A 384 -26.99 18.40 -26.22
CA PHE A 384 -25.90 17.70 -25.52
C PHE A 384 -24.58 17.63 -26.33
N GLU A 385 -23.43 18.03 -25.72
CA GLU A 385 -22.11 17.93 -26.34
C GLU A 385 -21.47 16.64 -25.81
N TYR A 386 -21.40 15.61 -26.66
CA TYR A 386 -20.82 14.33 -26.27
C TYR A 386 -19.35 14.40 -25.94
N GLY A 387 -18.94 13.62 -24.95
CA GLY A 387 -17.56 13.54 -24.51
C GLY A 387 -16.87 12.33 -25.06
N LEU A 388 -15.67 12.01 -24.53
CA LEU A 388 -14.85 10.88 -24.92
C LEU A 388 -15.53 9.56 -24.62
N PHE A 389 -16.24 9.46 -23.48
CA PHE A 389 -16.90 8.21 -23.11
C PHE A 389 -18.38 8.22 -23.33
N ASP A 390 -19.02 7.04 -23.12
CA ASP A 390 -20.45 6.80 -23.30
C ASP A 390 -21.34 7.72 -22.45
N LYS A 391 -22.37 8.33 -23.06
CA LYS A 391 -23.28 9.23 -22.35
C LYS A 391 -23.83 8.51 -21.13
N GLY A 392 -23.70 9.17 -19.99
CA GLY A 392 -24.15 8.67 -18.70
C GLY A 392 -23.44 7.45 -18.18
N SER A 393 -22.20 7.19 -18.65
CA SER A 393 -21.47 5.98 -18.21
C SER A 393 -20.48 6.26 -17.11
N PHE A 394 -20.19 7.57 -16.85
CA PHE A 394 -19.22 7.99 -15.86
C PHE A 394 -19.73 7.89 -14.45
N PHE A 395 -19.11 7.01 -13.67
CA PHE A 395 -19.41 6.76 -12.27
C PHE A 395 -18.18 7.21 -11.49
N GLU A 396 -18.23 8.42 -10.94
CA GLU A 396 -17.11 8.98 -10.18
C GLU A 396 -17.10 8.45 -8.76
N THR A 397 -15.92 8.02 -8.30
CA THR A 397 -15.68 7.55 -6.93
C THR A 397 -14.62 8.47 -6.28
N LEU A 398 -14.50 8.41 -4.94
CA LEU A 398 -13.61 9.23 -4.12
C LEU A 398 -13.86 10.72 -4.43
N SER A 399 -15.13 11.06 -4.76
CA SER A 399 -15.57 12.42 -5.14
C SER A 399 -15.52 13.49 -4.06
N GLY A 400 -15.34 13.08 -2.81
CA GLY A 400 -15.28 14.02 -1.70
C GLY A 400 -13.89 14.34 -1.23
N TRP A 401 -12.90 13.59 -1.72
CA TRP A 401 -11.49 13.69 -1.34
C TRP A 401 -10.59 14.08 -2.50
N ALA A 402 -9.57 14.94 -2.19
CA ALA A 402 -8.52 15.34 -3.11
C ALA A 402 -9.09 15.64 -4.51
N LYS A 403 -10.12 16.52 -4.54
CA LYS A 403 -10.89 16.93 -5.74
C LYS A 403 -10.03 17.48 -6.96
N GLY A 404 -8.69 17.51 -6.78
CA GLY A 404 -7.76 17.95 -7.80
C GLY A 404 -7.65 16.96 -8.93
N VAL A 405 -7.92 15.67 -8.62
CA VAL A 405 -7.92 14.57 -9.58
C VAL A 405 -9.36 13.99 -9.65
N VAL A 406 -9.79 13.63 -10.86
CA VAL A 406 -11.15 13.14 -11.09
C VAL A 406 -11.02 11.65 -11.42
N VAL A 407 -11.53 10.81 -10.52
CA VAL A 407 -11.47 9.36 -10.71
C VAL A 407 -12.87 8.79 -10.76
N GLY A 408 -13.03 7.80 -11.62
CA GLY A 408 -14.28 7.10 -11.82
C GLY A 408 -14.16 5.97 -12.82
N ARG A 409 -15.26 5.27 -13.03
CA ARG A 409 -15.38 4.20 -14.01
C ARG A 409 -16.21 4.79 -15.12
N ALA A 410 -15.97 4.34 -16.34
CA ALA A 410 -16.68 4.78 -17.53
C ALA A 410 -16.74 3.62 -18.51
N ARG A 411 -17.42 3.82 -19.62
CA ARG A 411 -17.48 2.84 -20.68
C ARG A 411 -17.12 3.55 -21.98
N LEU A 412 -16.30 2.90 -22.81
CA LEU A 412 -15.90 3.41 -24.11
C LEU A 412 -16.50 2.42 -25.11
N GLY A 413 -17.59 2.84 -25.72
CA GLY A 413 -18.35 2.03 -26.68
C GLY A 413 -18.82 0.69 -26.14
N GLY A 414 -19.03 0.64 -24.82
CA GLY A 414 -19.46 -0.55 -24.11
C GLY A 414 -18.39 -1.14 -23.21
N ILE A 415 -17.08 -0.93 -23.58
CA ILE A 415 -15.93 -1.43 -22.82
C ILE A 415 -15.79 -0.64 -21.48
N PRO A 416 -15.89 -1.32 -20.30
CA PRO A 416 -15.70 -0.60 -19.04
C PRO A 416 -14.19 -0.40 -18.77
N LEU A 417 -13.83 0.71 -18.11
CA LEU A 417 -12.45 1.03 -17.80
C LEU A 417 -12.38 2.04 -16.64
N GLY A 418 -11.21 2.17 -16.05
CA GLY A 418 -10.97 3.16 -15.01
C GLY A 418 -10.50 4.44 -15.67
N VAL A 419 -10.96 5.58 -15.16
CA VAL A 419 -10.61 6.88 -15.74
C VAL A 419 -10.03 7.83 -14.67
N ILE A 420 -8.89 8.41 -14.98
CA ILE A 420 -8.26 9.41 -14.13
C ILE A 420 -8.09 10.62 -15.01
N GLY A 421 -8.73 11.72 -14.60
CA GLY A 421 -8.66 13.03 -15.24
C GLY A 421 -8.14 14.05 -14.25
N VAL A 422 -7.65 15.18 -14.75
CA VAL A 422 -7.09 16.25 -13.91
C VAL A 422 -8.01 17.46 -13.82
N GLU A 423 -8.37 17.87 -12.58
CA GLU A 423 -9.19 19.07 -12.36
C GLU A 423 -8.32 20.30 -12.55
N THR A 424 -8.56 21.01 -13.67
CA THR A 424 -7.86 22.24 -14.08
C THR A 424 -8.14 23.44 -13.17
N ARG A 425 -9.30 23.44 -12.46
CA ARG A 425 -9.73 24.49 -11.53
C ARG A 425 -9.05 24.41 -10.19
N THR A 426 -8.89 25.55 -9.54
CA THR A 426 -8.32 25.62 -8.21
C THR A 426 -9.30 24.92 -7.28
N VAL A 427 -8.77 24.01 -6.47
CA VAL A 427 -9.54 23.21 -5.55
C VAL A 427 -9.29 23.70 -4.16
N GLU A 428 -10.34 23.76 -3.36
CA GLU A 428 -10.21 24.15 -1.97
C GLU A 428 -10.83 23.16 -1.03
N ASN A 429 -10.24 23.03 0.17
CA ASN A 429 -10.75 22.09 1.15
C ASN A 429 -10.55 22.61 2.56
N LEU A 430 -11.60 22.44 3.38
CA LEU A 430 -11.61 22.89 4.75
C LEU A 430 -11.10 21.85 5.68
N ILE A 431 -10.03 22.20 6.40
CA ILE A 431 -9.44 21.35 7.42
C ILE A 431 -10.09 21.76 8.74
N PRO A 432 -10.86 20.85 9.39
CA PRO A 432 -11.60 21.25 10.59
C PRO A 432 -10.74 21.64 11.78
N ALA A 433 -11.31 22.40 12.71
CA ALA A 433 -10.61 22.81 13.91
C ALA A 433 -10.58 21.59 14.85
N ASP A 434 -9.39 21.30 15.44
CA ASP A 434 -9.22 20.19 16.37
C ASP A 434 -9.95 20.50 17.71
N PRO A 435 -11.10 19.82 18.02
CA PRO A 435 -11.81 20.10 19.29
C PRO A 435 -10.98 20.03 20.56
N ALA A 436 -9.95 19.17 20.57
CA ALA A 436 -9.08 19.01 21.74
C ALA A 436 -8.03 20.12 21.89
N ASN A 437 -7.85 20.95 20.86
CA ASN A 437 -6.87 22.04 20.85
C ASN A 437 -7.62 23.37 20.72
N PRO A 438 -7.71 24.16 21.82
CA PRO A 438 -8.42 25.46 21.72
C PRO A 438 -7.61 26.49 20.95
N ASN A 439 -6.29 26.23 20.79
CA ASN A 439 -5.33 27.06 20.03
C ASN A 439 -5.31 26.57 18.55
N SER A 440 -6.44 26.01 18.06
CA SER A 440 -6.61 25.50 16.70
C SER A 440 -7.91 25.99 16.11
N ALA A 441 -7.86 26.41 14.84
CA ALA A 441 -9.03 26.92 14.13
C ALA A 441 -9.12 26.23 12.80
N GLU A 442 -10.30 26.32 12.15
CA GLU A 442 -10.46 25.73 10.82
C GLU A 442 -9.56 26.39 9.77
N THR A 443 -9.20 25.65 8.72
CA THR A 443 -8.25 26.15 7.74
C THR A 443 -8.66 25.81 6.34
N LEU A 444 -8.65 26.81 5.47
CA LEU A 444 -8.93 26.57 4.06
C LEU A 444 -7.61 26.42 3.31
N ILE A 445 -7.50 25.33 2.57
CA ILE A 445 -6.30 25.10 1.77
C ILE A 445 -6.71 25.16 0.31
N GLN A 446 -5.96 25.93 -0.49
CA GLN A 446 -6.17 26.07 -1.93
C GLN A 446 -5.03 25.36 -2.68
N GLN A 447 -5.42 24.57 -3.67
CA GLN A 447 -4.46 23.82 -4.50
C GLN A 447 -4.71 24.09 -5.98
N ALA A 448 -3.67 24.56 -6.67
CA ALA A 448 -3.70 24.93 -8.09
C ALA A 448 -3.98 23.72 -8.95
N GLY A 449 -4.71 23.93 -10.04
CA GLY A 449 -5.07 22.89 -10.98
C GLY A 449 -3.87 22.43 -11.76
N GLN A 450 -3.92 21.17 -12.26
CA GLN A 450 -2.87 20.57 -13.05
C GLN A 450 -1.53 20.41 -12.27
N VAL A 451 -1.58 20.33 -10.92
CA VAL A 451 -0.41 20.10 -10.07
C VAL A 451 -0.73 18.98 -9.05
N TRP A 452 0.14 17.99 -8.94
CA TRP A 452 0.01 16.91 -7.96
C TRP A 452 0.49 17.37 -6.59
N PHE A 453 -0.38 17.23 -5.58
CA PHE A 453 -0.11 17.57 -4.19
C PHE A 453 -0.12 16.25 -3.39
N PRO A 454 0.26 16.22 -2.10
CA PRO A 454 0.20 14.94 -1.36
C PRO A 454 -1.13 14.21 -1.51
N ASN A 455 -2.26 14.93 -1.35
CA ASN A 455 -3.59 14.31 -1.46
C ASN A 455 -3.96 13.78 -2.86
N SER A 456 -3.84 14.63 -3.91
CA SER A 456 -4.11 14.24 -5.29
C SER A 456 -3.15 13.14 -5.79
N ALA A 457 -1.90 13.10 -5.28
CA ALA A 457 -0.96 12.06 -5.67
C ALA A 457 -1.43 10.73 -5.02
N PHE A 458 -1.80 10.78 -3.72
CA PHE A 458 -2.29 9.62 -2.98
C PHE A 458 -3.52 9.03 -3.69
N LYS A 459 -4.52 9.89 -4.05
CA LYS A 459 -5.75 9.51 -4.73
C LYS A 459 -5.46 8.84 -6.07
N THR A 460 -4.51 9.40 -6.85
CA THR A 460 -4.07 8.85 -8.14
C THR A 460 -3.61 7.39 -7.97
N ALA A 461 -2.65 7.18 -7.05
CA ALA A 461 -2.11 5.87 -6.72
C ALA A 461 -3.22 4.95 -6.24
N GLN A 462 -4.10 5.45 -5.34
CA GLN A 462 -5.24 4.71 -4.80
C GLN A 462 -6.15 4.22 -5.95
N ALA A 463 -6.45 5.14 -6.89
CA ALA A 463 -7.30 4.87 -8.01
C ALA A 463 -6.71 3.73 -8.87
N ILE A 464 -5.42 3.85 -9.24
CA ILE A 464 -4.69 2.85 -10.04
C ILE A 464 -4.82 1.47 -9.39
N ASN A 465 -4.60 1.39 -8.07
CA ASN A 465 -4.71 0.17 -7.30
C ASN A 465 -6.09 -0.43 -7.31
N ASP A 466 -7.15 0.39 -7.09
CA ASP A 466 -8.53 -0.04 -7.03
C ASP A 466 -9.08 -0.50 -8.38
N PHE A 467 -8.58 0.05 -9.46
CA PHE A 467 -9.00 -0.39 -10.80
C PHE A 467 -8.34 -1.76 -11.10
N ASN A 468 -7.07 -1.91 -10.62
CA ASN A 468 -6.27 -3.09 -10.83
C ASN A 468 -6.74 -4.30 -10.03
N ASN A 469 -6.74 -4.18 -8.69
CA ASN A 469 -7.18 -5.23 -7.79
C ASN A 469 -8.71 -5.38 -7.77
N GLY A 470 -9.15 -6.63 -7.95
CA GLY A 470 -10.55 -7.00 -7.88
C GLY A 470 -11.36 -6.58 -9.08
N GLU A 471 -11.37 -5.25 -9.35
CA GLU A 471 -12.04 -4.68 -10.52
C GLU A 471 -11.42 -5.22 -11.83
N GLN A 472 -10.10 -5.50 -11.84
CA GLN A 472 -9.35 -6.03 -13.00
C GLN A 472 -9.72 -5.28 -14.29
N LEU A 473 -9.76 -3.94 -14.19
CA LEU A 473 -10.13 -3.07 -15.30
C LEU A 473 -8.93 -2.54 -16.10
N PRO A 474 -9.11 -2.26 -17.43
CA PRO A 474 -8.05 -1.50 -18.14
C PRO A 474 -8.17 -0.05 -17.62
N MET A 475 -7.22 0.85 -17.95
CA MET A 475 -7.31 2.19 -17.42
C MET A 475 -6.85 3.26 -18.40
N MET A 476 -7.53 4.43 -18.38
CA MET A 476 -7.10 5.58 -19.15
C MET A 476 -6.81 6.77 -18.23
N ILE A 477 -5.55 7.26 -18.23
CA ILE A 477 -5.15 8.45 -17.49
C ILE A 477 -5.07 9.54 -18.54
N LEU A 478 -5.95 10.56 -18.40
CA LEU A 478 -5.96 11.73 -19.27
C LEU A 478 -4.91 12.66 -18.62
N ALA A 479 -3.62 12.31 -18.81
CA ALA A 479 -2.47 12.98 -18.23
C ALA A 479 -2.39 14.48 -18.54
N ASN A 480 -2.51 15.30 -17.48
CA ASN A 480 -2.46 16.75 -17.57
C ASN A 480 -1.92 17.34 -16.27
N TRP A 481 -0.61 17.17 -16.03
CA TRP A 481 0.03 17.72 -14.84
C TRP A 481 1.28 18.50 -15.18
N ARG A 482 1.43 19.70 -14.56
CA ARG A 482 2.60 20.57 -14.69
C ARG A 482 3.78 19.87 -13.95
N GLY A 483 3.45 19.17 -12.86
CA GLY A 483 4.41 18.43 -12.03
C GLY A 483 3.87 18.19 -10.65
N PHE A 484 4.74 18.22 -9.66
CA PHE A 484 4.35 18.04 -8.25
C PHE A 484 4.56 19.40 -7.56
N SER A 485 3.84 19.70 -6.46
CA SER A 485 4.09 20.94 -5.73
C SER A 485 5.41 20.72 -4.97
N GLY A 486 6.44 21.44 -5.41
CA GLY A 486 7.80 21.35 -4.89
C GLY A 486 8.13 22.32 -3.79
N GLY A 487 7.15 23.18 -3.44
CA GLY A 487 7.30 24.17 -2.36
C GLY A 487 7.47 23.57 -0.99
N GLN A 488 7.94 24.36 -0.02
CA GLN A 488 8.16 23.91 1.35
C GLN A 488 7.03 23.08 2.02
N ARG A 489 5.79 23.59 2.09
CA ARG A 489 4.64 22.92 2.75
C ARG A 489 4.40 21.49 2.29
N ASP A 490 4.26 21.32 0.97
CA ASP A 490 3.97 20.06 0.32
C ASP A 490 5.16 19.11 0.38
N MET A 491 6.40 19.66 0.32
CA MET A 491 7.64 18.87 0.47
C MET A 491 7.72 18.32 1.90
N PHE A 492 7.41 19.19 2.87
CA PHE A 492 7.31 18.82 4.26
C PHE A 492 6.20 17.77 4.46
N ASN A 493 5.06 17.90 3.73
CA ASN A 493 3.93 16.96 3.79
C ASN A 493 4.10 15.75 2.86
N GLU A 494 5.37 15.38 2.65
CA GLU A 494 5.84 14.20 1.95
C GLU A 494 5.32 13.97 0.56
N VAL A 495 5.24 15.01 -0.29
CA VAL A 495 4.75 14.81 -1.67
C VAL A 495 5.51 13.69 -2.42
N LEU A 496 6.82 13.59 -2.13
CA LEU A 496 7.74 12.60 -2.70
C LEU A 496 7.25 11.17 -2.44
N LYS A 497 6.71 10.93 -1.24
CA LYS A 497 6.20 9.62 -0.83
C LYS A 497 4.98 9.22 -1.64
N TYR A 498 3.99 10.09 -1.70
CA TYR A 498 2.73 9.90 -2.41
C TYR A 498 2.89 9.76 -3.93
N GLY A 499 3.83 10.49 -4.51
CA GLY A 499 4.12 10.40 -5.94
C GLY A 499 4.74 9.05 -6.31
N SER A 500 5.63 8.54 -5.43
CA SER A 500 6.27 7.26 -5.65
C SER A 500 5.24 6.12 -5.63
N PHE A 501 4.14 6.28 -4.83
CA PHE A 501 3.07 5.31 -4.76
C PHE A 501 2.53 5.07 -6.17
N ILE A 502 2.38 6.15 -6.98
CA ILE A 502 1.88 6.09 -8.37
C ILE A 502 2.78 5.15 -9.19
N VAL A 503 4.12 5.29 -9.07
CA VAL A 503 5.09 4.46 -9.80
C VAL A 503 4.85 3.00 -9.44
N ASP A 504 4.84 2.72 -8.12
CA ASP A 504 4.58 1.40 -7.55
C ASP A 504 3.27 0.82 -8.03
N ALA A 505 2.19 1.62 -8.01
CA ALA A 505 0.86 1.21 -8.42
C ALA A 505 0.83 0.81 -9.90
N LEU A 506 1.55 1.58 -10.75
CA LEU A 506 1.70 1.38 -12.19
C LEU A 506 2.47 0.09 -12.50
N VAL A 507 3.50 -0.21 -11.71
CA VAL A 507 4.35 -1.39 -11.86
C VAL A 507 3.51 -2.67 -11.68
N ASP A 508 2.62 -2.64 -10.68
CA ASP A 508 1.76 -3.75 -10.31
C ASP A 508 0.58 -3.95 -11.24
N TYR A 509 0.31 -2.99 -12.15
CA TYR A 509 -0.83 -3.06 -13.08
C TYR A 509 -0.81 -4.27 -14.00
N LYS A 510 -1.99 -4.86 -14.22
CA LYS A 510 -2.12 -6.11 -14.94
C LYS A 510 -3.06 -6.12 -16.14
N GLN A 511 -3.63 -4.94 -16.49
CA GLN A 511 -4.56 -4.77 -17.62
C GLN A 511 -4.06 -3.60 -18.49
N PRO A 512 -4.48 -3.50 -19.79
CA PRO A 512 -4.01 -2.38 -20.63
C PRO A 512 -4.16 -0.99 -20.02
N ILE A 513 -3.09 -0.18 -20.12
CA ILE A 513 -3.05 1.21 -19.65
C ILE A 513 -2.86 2.10 -20.86
N ILE A 514 -3.64 3.19 -20.91
CA ILE A 514 -3.51 4.20 -21.95
C ILE A 514 -3.22 5.55 -21.26
N ILE A 515 -2.03 6.13 -21.54
CA ILE A 515 -1.67 7.46 -21.05
C ILE A 515 -1.91 8.40 -22.24
N TYR A 516 -2.90 9.30 -22.10
CA TYR A 516 -3.26 10.22 -23.17
C TYR A 516 -3.19 11.65 -22.72
N ILE A 517 -2.20 12.41 -23.24
CA ILE A 517 -2.10 13.83 -22.93
C ILE A 517 -3.17 14.47 -23.83
N PRO A 518 -4.27 14.98 -23.23
CA PRO A 518 -5.38 15.48 -24.05
C PRO A 518 -5.12 16.87 -24.66
N PRO A 519 -6.03 17.44 -25.52
CA PRO A 519 -5.79 18.83 -26.02
C PRO A 519 -5.74 19.81 -24.83
N THR A 520 -4.85 20.84 -24.92
CA THR A 520 -4.56 21.84 -23.86
C THR A 520 -3.77 21.14 -22.67
N GLY A 521 -3.61 19.83 -22.80
CA GLY A 521 -2.93 19.02 -21.79
C GLY A 521 -1.45 19.20 -21.81
N GLU A 522 -0.79 18.76 -20.73
CA GLU A 522 0.65 18.86 -20.55
C GLU A 522 1.22 17.82 -19.62
N LEU A 523 2.49 17.63 -19.75
CA LEU A 523 3.30 16.76 -18.92
C LEU A 523 4.73 17.38 -18.97
N ARG A 524 5.39 17.42 -17.80
CA ARG A 524 6.72 18.01 -17.69
C ARG A 524 7.64 17.09 -16.93
N GLY A 525 8.89 17.51 -16.74
CA GLY A 525 9.90 16.76 -16.03
C GLY A 525 9.48 15.97 -14.80
N GLY A 526 8.76 16.64 -13.88
CA GLY A 526 8.25 16.06 -12.63
C GLY A 526 7.06 15.13 -12.78
N SER A 527 6.12 15.45 -13.68
CA SER A 527 4.93 14.62 -13.90
C SER A 527 5.14 13.42 -14.87
N TRP A 528 5.99 13.58 -15.91
CA TRP A 528 6.28 12.51 -16.88
C TRP A 528 6.99 11.30 -16.19
N VAL A 529 7.91 11.57 -15.24
CA VAL A 529 8.64 10.52 -14.48
C VAL A 529 7.73 9.40 -13.94
N VAL A 530 6.53 9.75 -13.46
CA VAL A 530 5.61 8.80 -12.83
C VAL A 530 4.58 8.13 -13.80
N VAL A 531 4.51 8.58 -15.07
CA VAL A 531 3.53 8.00 -16.02
C VAL A 531 4.14 7.48 -17.31
N ASP A 532 5.48 7.42 -17.42
CA ASP A 532 6.06 6.92 -18.67
C ASP A 532 5.79 5.43 -18.89
N PRO A 533 5.40 5.00 -20.13
CA PRO A 533 5.13 3.57 -20.37
C PRO A 533 6.22 2.57 -19.95
N THR A 534 7.51 3.00 -19.86
CA THR A 534 8.61 2.12 -19.48
C THR A 534 8.53 1.63 -18.02
N ILE A 535 7.62 2.28 -17.23
CA ILE A 535 7.35 1.87 -15.84
C ILE A 535 6.78 0.44 -15.87
N ASN A 536 5.87 0.18 -16.82
CA ASN A 536 5.23 -1.12 -17.07
C ASN A 536 4.99 -1.31 -18.58
N ALA A 537 6.08 -1.60 -19.31
CA ALA A 537 6.10 -1.80 -20.75
C ALA A 537 5.14 -2.87 -21.22
N ASP A 538 4.85 -3.84 -20.37
CA ASP A 538 3.93 -4.93 -20.65
C ASP A 538 2.52 -4.41 -20.88
N GLN A 539 2.07 -3.41 -20.09
CA GLN A 539 0.71 -2.87 -20.18
C GLN A 539 0.53 -1.43 -20.70
N MET A 540 1.53 -0.59 -20.51
CA MET A 540 1.45 0.83 -20.83
C MET A 540 1.78 1.22 -22.24
N GLU A 541 1.03 2.23 -22.75
CA GLU A 541 1.16 2.92 -24.06
C GLU A 541 0.91 4.40 -23.80
N MET A 542 1.65 5.26 -24.47
CA MET A 542 1.39 6.69 -24.33
C MET A 542 1.03 7.30 -25.67
N TYR A 543 0.11 8.26 -25.63
CA TYR A 543 -0.35 9.01 -26.78
C TYR A 543 -0.41 10.48 -26.37
N ALA A 544 -0.16 11.38 -27.31
CA ALA A 544 -0.26 12.81 -27.04
C ALA A 544 -1.10 13.44 -28.14
N ASP A 545 -2.05 14.29 -27.75
CA ASP A 545 -2.92 14.97 -28.68
C ASP A 545 -2.08 15.93 -29.49
N VAL A 546 -2.53 16.25 -30.68
CA VAL A 546 -1.89 17.21 -31.57
C VAL A 546 -1.78 18.58 -30.87
N ASN A 547 -2.74 18.90 -29.98
CA ASN A 547 -2.72 20.13 -29.19
C ASN A 547 -2.22 19.96 -27.72
N ALA A 548 -1.55 18.83 -27.42
CA ALA A 548 -0.90 18.59 -26.12
C ALA A 548 0.52 19.26 -26.12
N ARG A 549 1.18 19.28 -24.94
CA ARG A 549 2.54 19.79 -24.74
C ARG A 549 3.30 18.92 -23.77
N ALA A 550 4.57 18.66 -24.07
CA ALA A 550 5.44 17.95 -23.17
C ALA A 550 6.88 18.34 -23.41
N GLY A 551 7.62 18.50 -22.32
CA GLY A 551 9.02 18.89 -22.27
C GLY A 551 9.52 18.84 -20.84
N VAL A 552 10.85 19.03 -20.62
CA VAL A 552 11.36 18.99 -19.24
C VAL A 552 10.73 20.12 -18.40
N LEU A 553 10.79 21.34 -18.92
CA LEU A 553 10.31 22.57 -18.29
C LEU A 553 9.24 23.24 -19.16
N GLU A 554 8.51 24.17 -18.56
CA GLU A 554 7.54 24.95 -19.30
C GLU A 554 8.33 26.01 -20.13
N PRO A 555 7.84 26.38 -21.35
CA PRO A 555 8.55 27.37 -22.19
C PRO A 555 9.33 28.47 -21.45
N GLU A 556 8.68 29.11 -20.44
CA GLU A 556 9.28 30.20 -19.65
CA GLU A 556 9.24 30.20 -19.63
C GLU A 556 10.52 29.72 -18.90
N GLY A 557 10.47 28.49 -18.38
CA GLY A 557 11.61 27.91 -17.70
C GLY A 557 12.73 27.58 -18.65
N THR A 558 12.38 27.07 -19.85
CA THR A 558 13.40 26.71 -20.84
C THR A 558 14.16 27.93 -21.42
N VAL A 559 13.45 29.03 -21.73
CA VAL A 559 14.10 30.24 -22.26
C VAL A 559 15.08 30.86 -21.25
N GLU A 560 14.71 30.80 -19.96
CA GLU A 560 15.47 31.26 -18.79
C GLU A 560 16.86 30.59 -18.76
N ILE A 561 16.95 29.32 -19.17
CA ILE A 561 18.16 28.50 -19.20
C ILE A 561 18.82 28.55 -20.59
N LYS A 562 18.02 28.30 -21.65
CA LYS A 562 18.53 28.16 -23.02
C LYS A 562 18.34 29.28 -24.03
N PHE A 563 17.55 30.32 -23.75
CA PHE A 563 17.39 31.44 -24.67
C PHE A 563 17.52 32.78 -23.92
N ARG A 564 18.66 32.93 -23.23
CA ARG A 564 19.00 34.08 -22.42
C ARG A 564 19.34 35.33 -23.27
N ARG A 565 19.61 36.50 -22.62
CA ARG A 565 19.91 37.78 -23.28
C ARG A 565 20.83 37.74 -24.52
N GLU A 566 22.03 37.12 -24.45
CA GLU A 566 22.98 37.06 -25.57
C GLU A 566 22.36 36.47 -26.84
N LYS A 567 21.66 35.32 -26.72
CA LYS A 567 20.92 34.65 -27.80
C LYS A 567 19.79 35.55 -28.36
N LEU A 568 19.05 36.20 -27.46
CA LEU A 568 17.97 37.10 -27.83
C LEU A 568 18.51 38.30 -28.61
N LEU A 569 19.66 38.84 -28.19
CA LEU A 569 20.24 40.00 -28.90
C LEU A 569 20.83 39.60 -30.25
N ASP A 570 21.33 38.35 -30.38
CA ASP A 570 21.82 37.82 -31.65
C ASP A 570 20.65 37.64 -32.61
N THR A 571 19.47 37.25 -32.04
CA THR A 571 18.19 37.11 -32.74
C THR A 571 17.71 38.49 -33.23
N MET A 572 17.77 39.53 -32.37
CA MET A 572 17.43 40.93 -32.73
C MET A 572 18.34 41.41 -33.84
N ASN A 573 19.63 41.07 -33.76
CA ASN A 573 20.63 41.40 -34.76
C ASN A 573 20.30 40.79 -36.14
N ARG A 574 19.80 39.55 -36.16
CA ARG A 574 19.46 38.86 -37.41
C ARG A 574 18.14 39.33 -38.02
N LEU A 575 17.10 39.45 -37.16
CA LEU A 575 15.70 39.68 -37.51
C LEU A 575 15.12 41.11 -37.32
N ASP A 576 16.00 42.14 -37.23
CA ASP A 576 15.60 43.55 -37.11
C ASP A 576 16.65 44.43 -37.78
N ASP A 577 16.26 45.14 -38.86
CA ASP A 577 17.15 46.00 -39.64
C ASP A 577 17.79 47.08 -38.81
N LYS A 578 16.99 47.77 -37.96
CA LYS A 578 17.40 48.86 -37.06
C LYS A 578 18.49 48.41 -36.07
N TYR A 579 18.24 47.28 -35.37
CA TYR A 579 19.20 46.70 -34.43
C TYR A 579 20.53 46.33 -35.17
N ARG A 580 20.42 45.52 -36.25
CA ARG A 580 21.53 45.03 -37.09
C ARG A 580 22.42 46.17 -37.54
N GLU A 581 21.80 47.25 -38.06
CA GLU A 581 22.48 48.45 -38.56
C GLU A 581 23.30 49.13 -37.47
N LEU A 582 22.74 49.18 -36.25
CA LEU A 582 23.41 49.78 -35.10
C LEU A 582 24.67 48.99 -34.64
N ARG A 583 24.79 47.70 -35.02
CA ARG A 583 25.95 46.85 -34.75
C ARG A 583 27.01 46.95 -35.87
N LYS A 601 23.75 53.50 -26.01
CA LYS A 601 23.17 54.23 -27.12
C LYS A 601 21.83 53.63 -27.61
N GLN A 602 21.40 54.09 -28.82
CA GLN A 602 20.23 53.70 -29.64
C GLN A 602 19.96 52.18 -29.64
N LEU A 603 21.04 51.35 -29.55
CA LEU A 603 21.00 49.88 -29.51
C LEU A 603 20.24 49.42 -28.28
N ALA A 604 20.57 50.01 -27.10
CA ALA A 604 19.91 49.67 -25.83
C ALA A 604 18.43 50.09 -25.86
N ASP A 605 18.12 51.18 -26.60
CA ASP A 605 16.75 51.68 -26.76
C ASP A 605 15.95 50.77 -27.69
N ARG A 606 16.61 50.14 -28.69
CA ARG A 606 15.96 49.21 -29.61
C ARG A 606 15.72 47.87 -28.91
N GLU A 607 16.67 47.45 -28.05
CA GLU A 607 16.57 46.24 -27.23
C GLU A 607 15.31 46.37 -26.35
N ARG A 608 15.14 47.53 -25.68
CA ARG A 608 14.01 47.91 -24.83
C ARG A 608 12.70 47.74 -25.61
N GLU A 609 12.66 48.30 -26.83
CA GLU A 609 11.55 48.28 -27.78
C GLU A 609 11.16 46.86 -28.22
N LEU A 610 12.17 46.02 -28.57
CA LEU A 610 11.99 44.66 -29.06
C LEU A 610 11.83 43.58 -28.00
N LEU A 611 12.33 43.81 -26.77
CA LEU A 611 12.26 42.84 -25.66
C LEU A 611 10.91 42.11 -25.45
N PRO A 612 9.75 42.84 -25.43
CA PRO A 612 8.48 42.15 -25.20
C PRO A 612 8.09 41.16 -26.29
N ILE A 613 8.32 41.52 -27.59
CA ILE A 613 7.99 40.67 -28.76
C ILE A 613 8.97 39.52 -29.00
N TYR A 614 10.27 39.78 -28.82
CA TYR A 614 11.31 38.76 -28.97
C TYR A 614 11.22 37.68 -27.84
N GLY A 615 10.72 38.09 -26.68
CA GLY A 615 10.44 37.20 -25.56
C GLY A 615 9.35 36.23 -25.97
N GLN A 616 8.33 36.72 -26.72
CA GLN A 616 7.23 35.94 -27.28
C GLN A 616 7.78 35.01 -28.37
N ILE A 617 8.79 35.47 -29.14
CA ILE A 617 9.43 34.73 -30.22
C ILE A 617 10.27 33.61 -29.64
N SER A 618 11.04 33.91 -28.57
CA SER A 618 11.90 32.93 -27.90
C SER A 618 11.03 31.84 -27.26
N LEU A 619 9.87 32.23 -26.69
CA LEU A 619 8.88 31.35 -26.07
C LEU A 619 8.17 30.43 -27.06
N GLN A 620 7.90 30.96 -28.28
CA GLN A 620 7.25 30.20 -29.35
C GLN A 620 8.23 29.13 -29.84
N PHE A 621 9.52 29.53 -30.03
CA PHE A 621 10.62 28.69 -30.46
C PHE A 621 10.75 27.54 -29.48
N ALA A 622 10.74 27.86 -28.17
CA ALA A 622 10.84 26.90 -27.08
C ALA A 622 9.66 25.92 -27.18
N ASP A 623 8.42 26.45 -27.26
CA ASP A 623 7.16 25.72 -27.38
C ASP A 623 7.12 24.78 -28.58
N LEU A 624 7.73 25.19 -29.73
CA LEU A 624 7.80 24.40 -30.97
C LEU A 624 8.48 23.03 -30.80
N HIS A 625 9.37 22.91 -29.78
CA HIS A 625 10.05 21.67 -29.42
C HIS A 625 9.09 20.77 -28.64
N ASP A 626 8.21 21.36 -27.82
CA ASP A 626 7.27 20.69 -26.91
C ASP A 626 6.05 20.01 -27.55
N ARG A 627 6.08 19.72 -28.85
CA ARG A 627 4.93 19.19 -29.60
C ARG A 627 4.84 17.68 -29.74
N SER A 628 3.60 17.18 -30.05
CA SER A 628 3.37 15.75 -30.22
C SER A 628 4.23 15.13 -31.31
N SER A 629 4.51 15.90 -32.38
CA SER A 629 5.39 15.47 -33.48
C SER A 629 6.81 15.19 -32.98
N ARG A 630 7.38 16.00 -32.03
CA ARG A 630 8.71 15.69 -31.51
C ARG A 630 8.64 14.41 -30.69
N MET A 631 7.56 14.25 -29.89
CA MET A 631 7.33 13.05 -29.09
C MET A 631 7.34 11.81 -30.00
N VAL A 632 6.60 11.85 -31.13
CA VAL A 632 6.54 10.77 -32.14
C VAL A 632 7.97 10.50 -32.69
N ALA A 633 8.62 11.57 -33.20
CA ALA A 633 9.96 11.54 -33.77
C ALA A 633 10.98 10.92 -32.84
N LYS A 634 10.87 11.22 -31.52
CA LYS A 634 11.77 10.73 -30.49
C LYS A 634 11.45 9.32 -29.99
N GLY A 635 10.29 8.79 -30.40
CA GLY A 635 9.84 7.44 -30.06
C GLY A 635 9.38 7.23 -28.64
N VAL A 636 8.88 8.30 -28.01
CA VAL A 636 8.37 8.28 -26.63
C VAL A 636 6.87 7.99 -26.53
N ILE A 637 6.09 8.27 -27.60
CA ILE A 637 4.65 8.00 -27.69
C ILE A 637 4.35 7.07 -28.85
N SER A 638 3.27 6.27 -28.73
CA SER A 638 2.85 5.34 -29.77
C SER A 638 2.38 6.08 -31.03
N LYS A 639 1.46 7.06 -30.85
CA LYS A 639 0.88 7.90 -31.92
C LYS A 639 0.48 9.26 -31.38
N GLU A 640 0.52 10.30 -32.26
CA GLU A 640 -0.04 11.60 -31.92
C GLU A 640 -1.52 11.57 -32.37
N LEU A 641 -2.46 12.18 -31.62
CA LEU A 641 -3.89 12.05 -31.96
C LEU A 641 -4.69 13.35 -32.04
N GLU A 642 -5.86 13.31 -32.74
CA GLU A 642 -6.78 14.44 -32.80
C GLU A 642 -7.93 14.10 -31.89
N TRP A 643 -8.13 14.92 -30.85
CA TRP A 643 -9.19 14.77 -29.86
C TRP A 643 -10.54 14.35 -30.43
N THR A 644 -11.06 15.03 -31.47
CA THR A 644 -12.38 14.63 -32.00
C THR A 644 -12.47 13.18 -32.49
N GLU A 645 -11.33 12.57 -32.84
CA GLU A 645 -11.33 11.20 -33.33
C GLU A 645 -10.83 10.18 -32.30
N ALA A 646 -10.43 10.67 -31.08
CA ALA A 646 -9.91 9.87 -29.96
C ALA A 646 -10.83 8.75 -29.52
N ARG A 647 -12.17 9.00 -29.44
CA ARG A 647 -13.18 8.00 -29.10
C ARG A 647 -13.10 6.83 -30.08
N ARG A 648 -13.21 7.12 -31.39
CA ARG A 648 -13.14 6.11 -32.44
C ARG A 648 -11.81 5.39 -32.37
N PHE A 649 -10.71 6.14 -32.21
CA PHE A 649 -9.39 5.53 -32.12
C PHE A 649 -9.21 4.64 -30.91
N PHE A 650 -9.42 5.20 -29.70
CA PHE A 650 -9.26 4.44 -28.45
C PHE A 650 -10.14 3.24 -28.32
N PHE A 651 -11.39 3.34 -28.79
CA PHE A 651 -12.32 2.21 -28.73
C PHE A 651 -11.70 0.94 -29.36
N TRP A 652 -11.32 1.06 -30.64
CA TRP A 652 -10.70 -0.03 -31.36
C TRP A 652 -9.33 -0.41 -30.82
N ARG A 653 -8.53 0.56 -30.31
CA ARG A 653 -7.24 0.23 -29.72
C ARG A 653 -7.41 -0.62 -28.47
N LEU A 654 -8.31 -0.18 -27.56
CA LEU A 654 -8.59 -0.89 -26.32
C LEU A 654 -9.13 -2.25 -26.66
N ARG A 655 -10.15 -2.34 -27.56
CA ARG A 655 -10.74 -3.61 -28.00
C ARG A 655 -9.69 -4.59 -28.51
N ARG A 656 -8.80 -4.11 -29.40
CA ARG A 656 -7.70 -4.85 -30.00
C ARG A 656 -6.71 -5.33 -28.91
N ARG A 657 -6.36 -4.41 -27.95
CA ARG A 657 -5.46 -4.71 -26.84
C ARG A 657 -6.07 -5.82 -25.98
N LEU A 658 -7.36 -5.71 -25.59
CA LEU A 658 -8.02 -6.72 -24.76
C LEU A 658 -8.04 -8.07 -25.44
N ASN A 659 -8.26 -8.11 -26.75
CA ASN A 659 -8.30 -9.35 -27.52
C ASN A 659 -6.92 -10.00 -27.58
N GLU A 660 -5.86 -9.19 -27.74
CA GLU A 660 -4.48 -9.70 -27.71
C GLU A 660 -4.14 -10.20 -26.30
N GLU A 661 -4.44 -9.40 -25.26
CA GLU A 661 -4.20 -9.72 -23.84
C GLU A 661 -4.74 -11.08 -23.46
N TYR A 662 -5.99 -11.35 -23.88
CA TYR A 662 -6.72 -12.59 -23.69
C TYR A 662 -5.97 -13.77 -24.35
N LEU A 663 -5.51 -13.58 -25.61
CA LEU A 663 -4.73 -14.59 -26.33
C LEU A 663 -3.36 -14.78 -25.73
N ILE A 664 -2.83 -13.79 -24.96
CA ILE A 664 -1.52 -13.93 -24.29
C ILE A 664 -1.82 -14.81 -23.09
N LYS A 665 -2.94 -14.52 -22.37
CA LYS A 665 -3.39 -15.28 -21.20
C LYS A 665 -3.75 -16.71 -21.58
N ARG A 666 -4.38 -16.89 -22.75
CA ARG A 666 -4.75 -18.22 -23.27
C ARG A 666 -3.51 -19.08 -23.60
N LEU A 667 -2.40 -18.42 -23.99
CA LEU A 667 -1.12 -19.01 -24.37
C LEU A 667 -0.31 -19.36 -23.12
N SER A 668 -0.80 -18.96 -21.92
CA SER A 668 -0.17 -19.25 -20.63
C SER A 668 -0.75 -20.55 -20.05
N HIS A 669 -1.15 -21.45 -20.96
CA HIS A 669 -1.72 -22.78 -20.73
C HIS A 669 -0.91 -23.78 -21.56
N GLN A 670 -0.36 -23.30 -22.69
CA GLN A 670 0.46 -24.08 -23.60
C GLN A 670 1.74 -24.59 -22.93
N VAL A 671 2.12 -25.85 -23.30
CA VAL A 671 3.29 -26.63 -22.86
C VAL A 671 4.59 -25.82 -22.95
N GLY A 672 5.05 -25.37 -21.79
CA GLY A 672 6.27 -24.57 -21.68
C GLY A 672 6.03 -23.13 -21.33
N GLU A 673 6.93 -22.58 -20.51
CA GLU A 673 6.88 -21.18 -20.07
C GLU A 673 7.58 -20.27 -21.08
N ALA A 674 6.88 -19.19 -21.47
CA ALA A 674 7.36 -18.25 -22.46
C ALA A 674 7.15 -16.80 -22.03
N SER A 675 8.04 -15.91 -22.49
CA SER A 675 7.93 -14.50 -22.18
C SER A 675 6.73 -13.93 -22.90
N ARG A 676 6.29 -12.74 -22.47
CA ARG A 676 5.16 -12.07 -23.13
C ARG A 676 5.56 -11.58 -24.53
N LEU A 677 6.85 -11.18 -24.72
CA LEU A 677 7.33 -10.74 -26.03
C LEU A 677 7.37 -11.91 -27.00
N GLU A 678 7.52 -13.14 -26.47
CA GLU A 678 7.45 -14.36 -27.26
C GLU A 678 5.96 -14.56 -27.67
N LYS A 679 5.04 -14.65 -26.67
CA LYS A 679 3.58 -14.80 -26.85
C LYS A 679 2.96 -13.80 -27.85
N ILE A 680 3.22 -12.47 -27.69
CA ILE A 680 2.71 -11.47 -28.64
C ILE A 680 3.20 -11.70 -30.06
N ALA A 681 4.51 -12.01 -30.24
CA ALA A 681 5.16 -12.29 -31.52
C ALA A 681 4.48 -13.49 -32.21
N ARG A 682 4.17 -14.54 -31.42
CA ARG A 682 3.48 -15.74 -31.87
C ARG A 682 2.09 -15.36 -32.40
N ILE A 683 1.20 -14.86 -31.52
CA ILE A 683 -0.17 -14.42 -31.82
C ILE A 683 -0.16 -13.57 -33.09
N ARG A 684 0.66 -12.51 -33.10
CA ARG A 684 0.79 -11.57 -34.20
C ARG A 684 1.18 -12.18 -35.54
N SER A 685 2.00 -13.26 -35.53
CA SER A 685 2.42 -13.98 -36.74
C SER A 685 1.22 -14.61 -37.48
N TRP A 686 0.29 -15.22 -36.69
CA TRP A 686 -0.92 -15.89 -37.13
C TRP A 686 -1.80 -14.99 -37.99
N TYR A 687 -1.67 -13.67 -37.83
CA TYR A 687 -2.51 -12.71 -38.55
C TYR A 687 -2.34 -12.87 -40.05
N PRO A 688 -3.44 -13.22 -40.77
CA PRO A 688 -3.39 -13.37 -42.24
C PRO A 688 -2.71 -12.20 -42.96
N ALA A 689 -2.19 -12.44 -44.19
CA ALA A 689 -1.50 -11.44 -44.99
C ALA A 689 -2.32 -10.16 -45.21
N SER A 690 -3.66 -10.30 -45.41
CA SER A 690 -4.58 -9.17 -45.61
C SER A 690 -4.84 -8.34 -44.33
N VAL A 691 -4.43 -8.84 -43.14
CA VAL A 691 -4.61 -8.15 -41.85
C VAL A 691 -3.46 -7.17 -41.58
N ASP A 692 -3.79 -5.87 -41.65
CA ASP A 692 -2.87 -4.78 -41.36
C ASP A 692 -2.72 -4.74 -39.84
N HIS A 693 -1.52 -5.08 -39.34
CA HIS A 693 -1.20 -5.13 -37.91
C HIS A 693 -1.43 -3.78 -37.23
N GLU A 694 -1.33 -2.69 -38.02
CA GLU A 694 -1.53 -1.31 -37.59
C GLU A 694 -3.01 -0.93 -37.56
N ASP A 695 -3.87 -1.80 -38.14
CA ASP A 695 -5.30 -1.57 -38.12
C ASP A 695 -5.92 -2.31 -36.91
N ASP A 696 -6.18 -1.53 -35.83
CA ASP A 696 -6.75 -1.99 -34.57
C ASP A 696 -8.10 -2.72 -34.79
N ARG A 697 -9.00 -2.17 -35.65
CA ARG A 697 -10.28 -2.77 -36.00
C ARG A 697 -10.14 -4.14 -36.70
N GLN A 698 -9.22 -4.26 -37.70
CA GLN A 698 -8.99 -5.52 -38.43
C GLN A 698 -8.48 -6.63 -37.52
N VAL A 699 -7.47 -6.29 -36.69
CA VAL A 699 -6.82 -7.19 -35.72
C VAL A 699 -7.82 -7.68 -34.67
N ALA A 700 -8.60 -6.73 -34.06
CA ALA A 700 -9.63 -7.08 -33.07
C ALA A 700 -10.69 -7.99 -33.71
N THR A 701 -11.13 -7.62 -34.93
CA THR A 701 -12.13 -8.35 -35.71
C THR A 701 -11.62 -9.75 -36.01
N TRP A 702 -10.37 -9.87 -36.47
CA TRP A 702 -9.80 -11.17 -36.78
C TRP A 702 -9.78 -12.12 -35.56
N ILE A 703 -9.28 -11.62 -34.38
CA ILE A 703 -9.20 -12.34 -33.09
C ILE A 703 -10.58 -12.86 -32.68
N GLU A 704 -11.60 -12.00 -32.76
CA GLU A 704 -12.98 -12.33 -32.42
C GLU A 704 -13.62 -13.34 -33.41
N GLU A 705 -13.39 -13.16 -34.72
CA GLU A 705 -13.89 -14.04 -35.79
C GLU A 705 -13.23 -15.43 -35.78
N ASN A 706 -12.05 -15.54 -35.16
CA ASN A 706 -11.33 -16.79 -35.14
C ASN A 706 -11.03 -17.33 -33.77
N TYR A 707 -11.73 -16.84 -32.74
CA TYR A 707 -11.48 -17.35 -31.42
C TYR A 707 -11.75 -18.85 -31.25
N LYS A 708 -12.89 -19.36 -31.77
CA LYS A 708 -13.18 -20.79 -31.72
C LYS A 708 -12.07 -21.58 -32.46
N THR A 709 -11.73 -21.18 -33.70
CA THR A 709 -10.66 -21.76 -34.54
C THR A 709 -9.32 -21.79 -33.78
N LEU A 710 -8.95 -20.64 -33.14
CA LEU A 710 -7.71 -20.48 -32.38
C LEU A 710 -7.69 -21.38 -31.16
N ASP A 711 -8.80 -21.36 -30.37
CA ASP A 711 -8.98 -22.21 -29.20
C ASP A 711 -8.79 -23.70 -29.59
N ASP A 712 -9.48 -24.16 -30.67
CA ASP A 712 -9.38 -25.53 -31.20
C ASP A 712 -7.92 -25.92 -31.51
N LYS A 713 -7.26 -25.16 -32.43
CA LYS A 713 -5.88 -25.33 -32.88
C LYS A 713 -4.92 -25.37 -31.69
N LEU A 714 -5.17 -24.52 -30.68
CA LEU A 714 -4.35 -24.48 -29.47
C LEU A 714 -4.51 -25.74 -28.59
N LYS A 715 -5.77 -26.21 -28.40
CA LYS A 715 -6.07 -27.41 -27.61
C LYS A 715 -5.40 -28.63 -28.20
N GLY A 716 -5.50 -28.75 -29.53
CA GLY A 716 -4.92 -29.82 -30.32
C GLY A 716 -3.41 -29.86 -30.22
N LEU A 717 -2.80 -28.74 -29.74
CA LEU A 717 -1.37 -28.60 -29.55
C LEU A 717 -0.93 -28.96 -28.14
N LYS A 718 -1.77 -28.70 -27.08
CA LYS A 718 -1.46 -29.09 -25.70
C LYS A 718 -1.52 -30.64 -25.66
N LEU A 719 -2.50 -31.20 -26.39
CA LEU A 719 -2.72 -32.63 -26.58
C LEU A 719 -1.58 -33.28 -27.38
N GLU A 720 -1.23 -32.75 -28.58
CA GLU A 720 -0.15 -33.26 -29.45
C GLU A 720 1.17 -33.41 -28.69
N SER A 721 1.52 -32.41 -27.87
CA SER A 721 2.76 -32.40 -27.07
C SER A 721 2.71 -33.43 -25.95
N PHE A 722 1.53 -33.61 -25.32
CA PHE A 722 1.23 -34.58 -24.26
C PHE A 722 1.41 -35.99 -24.85
N ALA A 723 0.90 -36.16 -26.09
CA ALA A 723 0.97 -37.39 -26.87
C ALA A 723 2.42 -37.74 -27.20
N GLN A 724 3.22 -36.73 -27.60
CA GLN A 724 4.65 -36.86 -27.93
C GLN A 724 5.45 -37.26 -26.69
N ASP A 725 5.15 -36.60 -25.53
CA ASP A 725 5.78 -36.81 -24.23
C ASP A 725 5.55 -38.23 -23.72
N LEU A 726 4.30 -38.73 -23.79
CA LEU A 726 4.00 -40.09 -23.34
C LEU A 726 4.69 -41.15 -24.16
N ALA A 727 4.78 -40.95 -25.48
CA ALA A 727 5.46 -41.85 -26.42
C ALA A 727 6.98 -41.87 -26.15
N LYS A 728 7.55 -40.71 -25.74
CA LYS A 728 8.97 -40.52 -25.38
C LYS A 728 9.25 -41.39 -24.13
N LYS A 729 8.52 -41.09 -23.02
CA LYS A 729 8.54 -41.78 -21.74
C LYS A 729 8.39 -43.31 -21.89
N ILE A 730 7.62 -43.75 -22.90
CA ILE A 730 7.30 -45.15 -23.19
C ILE A 730 8.32 -45.84 -24.10
N ARG A 731 8.84 -45.15 -25.16
CA ARG A 731 9.80 -45.76 -26.08
C ARG A 731 11.24 -45.94 -25.52
N SER A 732 11.34 -45.84 -24.20
CA SER A 732 12.50 -45.99 -23.32
C SER A 732 11.84 -46.10 -21.94
N ASP A 733 12.08 -47.22 -21.20
CA ASP A 733 11.44 -47.54 -19.89
C ASP A 733 9.97 -47.97 -20.17
N HIS A 734 9.82 -48.99 -21.06
CA HIS A 734 8.54 -49.55 -21.49
C HIS A 734 7.72 -50.20 -20.35
N ASP A 735 8.16 -51.38 -19.87
CA ASP A 735 7.52 -52.20 -18.84
C ASP A 735 7.25 -51.45 -17.52
N ASN A 736 8.19 -50.57 -17.12
CA ASN A 736 8.07 -49.77 -15.89
C ASN A 736 6.99 -48.71 -16.03
N ALA A 737 6.90 -48.07 -17.22
CA ALA A 737 5.90 -47.04 -17.50
C ALA A 737 4.52 -47.64 -17.72
N ILE A 738 4.45 -48.84 -18.36
CA ILE A 738 3.18 -49.53 -18.63
C ILE A 738 2.45 -49.84 -17.32
N ASP A 739 3.22 -50.05 -16.22
CA ASP A 739 2.70 -50.31 -14.87
C ASP A 739 2.07 -49.03 -14.26
N GLY A 740 2.74 -47.90 -14.43
CA GLY A 740 2.28 -46.58 -13.98
C GLY A 740 1.09 -46.11 -14.79
N LEU A 741 1.09 -46.46 -16.08
CA LEU A 741 0.02 -46.19 -17.04
C LEU A 741 -1.23 -46.95 -16.56
N SER A 742 -1.02 -48.18 -16.02
CA SER A 742 -2.05 -49.02 -15.44
C SER A 742 -2.51 -48.42 -14.11
N GLU A 743 -1.55 -47.97 -13.27
CA GLU A 743 -1.81 -47.33 -11.98
C GLU A 743 -2.78 -46.13 -12.07
N VAL A 744 -2.57 -45.20 -13.03
CA VAL A 744 -3.48 -44.05 -13.22
C VAL A 744 -4.81 -44.45 -13.87
N THR A 750 -14.11 -43.87 -12.06
CA THR A 750 -15.06 -44.76 -12.75
C THR A 750 -15.55 -44.18 -14.09
N ASP A 751 -16.05 -42.93 -14.08
CA ASP A 751 -16.54 -42.23 -15.27
C ASP A 751 -15.43 -42.12 -16.32
N ASP A 752 -14.17 -41.87 -15.87
CA ASP A 752 -12.98 -41.78 -16.72
C ASP A 752 -12.62 -43.13 -17.34
N LYS A 753 -12.63 -44.21 -16.52
CA LYS A 753 -12.35 -45.57 -16.97
C LYS A 753 -13.33 -45.98 -18.06
N GLU A 754 -14.60 -45.57 -17.90
CA GLU A 754 -15.68 -45.83 -18.84
C GLU A 754 -15.39 -45.23 -20.23
N LYS A 755 -14.83 -43.99 -20.25
CA LYS A 755 -14.45 -43.28 -21.48
C LYS A 755 -13.32 -44.02 -22.21
N LEU A 756 -12.20 -44.33 -21.49
CA LEU A 756 -11.01 -45.05 -21.96
C LEU A 756 -11.41 -46.40 -22.54
N LEU A 757 -12.40 -47.05 -21.91
CA LEU A 757 -12.90 -48.36 -22.32
C LEU A 757 -13.57 -48.22 -23.67
N LYS A 758 -14.42 -47.17 -23.85
CA LYS A 758 -15.12 -46.90 -25.10
C LYS A 758 -14.11 -46.70 -26.22
N THR A 759 -13.03 -45.90 -25.94
CA THR A 759 -11.92 -45.62 -26.85
C THR A 759 -11.27 -46.92 -27.35
N LEU A 760 -10.90 -47.82 -26.40
CA LEU A 760 -10.29 -49.12 -26.71
C LEU A 760 -11.21 -49.99 -27.52
N LYS A 761 -12.54 -49.87 -27.29
CA LYS A 761 -13.57 -50.63 -27.99
C LYS A 761 -13.88 -50.03 -29.36
N LEU A 762 -13.56 -48.70 -29.53
CA LEU A 762 -13.75 -47.81 -30.69
C LEU A 762 -15.19 -47.28 -30.72
N TRP B 20 45.64 15.92 -14.27
CA TRP B 20 44.71 15.30 -15.21
C TRP B 20 43.26 15.34 -14.67
N LEU B 21 43.05 14.77 -13.47
CA LEU B 21 41.75 14.76 -12.82
C LEU B 21 41.62 15.92 -11.86
N GLN B 22 42.75 16.61 -11.56
CA GLN B 22 42.88 17.79 -10.69
C GLN B 22 41.78 18.83 -10.96
N PRO B 23 41.54 19.28 -12.23
CA PRO B 23 40.43 20.25 -12.48
C PRO B 23 39.04 19.74 -12.12
N LYS B 24 38.67 18.55 -12.64
CA LYS B 24 37.38 17.90 -12.40
C LYS B 24 37.20 17.64 -10.89
N ARG B 25 38.30 17.38 -10.17
CA ARG B 25 38.26 17.14 -8.72
C ARG B 25 37.84 18.42 -8.00
N TYR B 26 38.48 19.58 -8.33
CA TYR B 26 38.17 20.87 -7.73
C TYR B 26 36.72 21.28 -8.08
N LYS B 27 36.33 21.10 -9.37
CA LYS B 27 34.99 21.40 -9.91
C LYS B 27 33.89 20.76 -9.07
N ALA B 28 34.10 19.51 -8.59
CA ALA B 28 33.17 18.76 -7.74
C ALA B 28 33.22 19.25 -6.28
N HIS B 29 34.45 19.50 -5.73
CA HIS B 29 34.66 20.02 -4.37
C HIS B 29 33.99 21.37 -4.22
N LEU B 30 34.06 22.19 -5.28
CA LEU B 30 33.44 23.51 -5.39
C LEU B 30 31.92 23.38 -5.15
N MET B 31 31.33 22.27 -5.63
CA MET B 31 29.90 21.95 -5.54
C MET B 31 29.56 21.25 -4.23
N GLY B 32 30.53 21.16 -3.32
CA GLY B 32 30.39 20.55 -2.00
C GLY B 32 30.16 19.06 -2.02
N THR B 33 30.79 18.34 -2.96
CA THR B 33 30.69 16.90 -3.10
C THR B 33 32.03 16.32 -3.48
N THR B 34 32.18 15.00 -3.33
CA THR B 34 33.36 14.20 -3.68
C THR B 34 33.27 13.85 -5.17
N TYR B 35 34.41 13.87 -5.91
CA TYR B 35 34.48 13.51 -7.33
C TYR B 35 34.22 11.98 -7.40
N VAL B 36 33.33 11.53 -8.31
CA VAL B 36 32.93 10.12 -8.44
C VAL B 36 34.01 9.07 -8.30
N TYR B 37 35.14 9.29 -8.97
CA TYR B 37 36.24 8.33 -8.95
C TYR B 37 36.98 8.28 -7.62
N ASP B 38 36.75 9.29 -6.77
CA ASP B 38 37.32 9.33 -5.43
C ASP B 38 36.46 8.62 -4.36
N PHE B 39 35.18 8.24 -4.71
CA PHE B 39 34.23 7.54 -3.83
C PHE B 39 34.68 6.16 -3.39
N PRO B 40 35.17 5.26 -4.29
CA PRO B 40 35.63 3.93 -3.81
C PRO B 40 36.65 4.00 -2.67
N GLU B 41 37.50 5.06 -2.68
CA GLU B 41 38.51 5.29 -1.64
C GLU B 41 37.83 5.46 -0.28
N LEU B 42 36.71 6.23 -0.27
CA LEU B 42 35.90 6.46 0.92
C LEU B 42 35.29 5.15 1.40
N PHE B 43 34.88 4.27 0.47
CA PHE B 43 34.34 2.96 0.80
C PHE B 43 35.41 2.06 1.40
N ARG B 44 36.66 2.20 0.93
CA ARG B 44 37.84 1.47 1.42
C ARG B 44 38.15 1.90 2.86
N GLN B 45 38.05 3.21 3.14
CA GLN B 45 38.26 3.82 4.45
C GLN B 45 37.20 3.36 5.46
N ALA B 46 35.94 3.39 5.05
CA ALA B 46 34.80 2.98 5.85
C ALA B 46 34.90 1.48 6.22
N SER B 47 35.32 0.64 5.22
CA SER B 47 35.51 -0.80 5.36
C SER B 47 36.63 -1.13 6.33
N SER B 48 37.70 -0.32 6.31
CA SER B 48 38.84 -0.45 7.21
C SER B 48 38.46 -0.05 8.65
N SER B 49 37.72 1.10 8.80
CA SER B 49 37.23 1.58 10.09
C SER B 49 36.38 0.49 10.72
N GLN B 50 35.49 -0.10 9.91
CA GLN B 50 34.58 -1.19 10.27
C GLN B 50 35.38 -2.31 10.97
N TRP B 51 36.52 -2.70 10.36
CA TRP B 51 37.43 -3.71 10.89
C TRP B 51 38.02 -3.27 12.21
N LYS B 52 38.58 -2.02 12.28
CA LYS B 52 39.17 -1.41 13.49
C LYS B 52 38.19 -1.43 14.67
N ASN B 53 36.91 -1.10 14.44
CA ASN B 53 35.88 -1.11 15.48
C ASN B 53 35.53 -2.53 15.89
N PHE B 54 35.58 -3.47 14.94
CA PHE B 54 35.26 -4.85 15.29
C PHE B 54 36.35 -5.52 16.14
N SER B 55 37.59 -5.54 15.63
CA SER B 55 38.77 -6.10 16.27
C SER B 55 39.97 -5.22 15.87
N ALA B 56 40.34 -4.29 16.77
CA ALA B 56 41.41 -3.32 16.56
C ALA B 56 42.75 -3.97 16.25
N ASP B 57 42.91 -5.25 16.65
CA ASP B 57 44.14 -6.00 16.44
C ASP B 57 44.22 -6.79 15.12
N VAL B 58 43.30 -6.51 14.19
CA VAL B 58 43.29 -7.13 12.86
C VAL B 58 44.04 -6.24 11.87
N LYS B 59 45.11 -6.79 11.25
CA LYS B 59 45.93 -6.09 10.24
C LYS B 59 45.39 -6.44 8.86
N LEU B 60 45.05 -5.41 8.07
CA LEU B 60 44.44 -5.60 6.75
C LEU B 60 45.40 -5.55 5.61
N THR B 61 45.13 -6.35 4.59
CA THR B 61 45.92 -6.41 3.35
C THR B 61 45.10 -5.71 2.28
N ASP B 62 45.76 -5.18 1.24
CA ASP B 62 45.05 -4.47 0.18
C ASP B 62 43.99 -5.31 -0.55
N ASP B 63 44.10 -6.65 -0.42
CA ASP B 63 43.18 -7.62 -1.00
C ASP B 63 41.86 -7.66 -0.25
N PHE B 64 41.75 -6.98 0.91
CA PHE B 64 40.50 -6.93 1.66
C PHE B 64 39.41 -6.12 0.89
N PHE B 65 39.79 -5.03 0.23
CA PHE B 65 38.91 -4.18 -0.56
C PHE B 65 39.37 -4.12 -2.02
N ILE B 66 38.42 -4.27 -2.97
CA ILE B 66 38.67 -4.23 -4.40
C ILE B 66 37.52 -3.49 -5.07
N SER B 67 37.85 -2.45 -5.87
CA SER B 67 36.85 -1.73 -6.65
C SER B 67 37.24 -1.80 -8.13
N ASN B 68 36.31 -2.20 -8.97
CA ASN B 68 36.52 -2.29 -10.40
C ASN B 68 35.32 -1.63 -11.04
N GLU B 69 35.60 -0.69 -11.97
CA GLU B 69 34.55 0.00 -12.69
C GLU B 69 33.74 -0.97 -13.55
N LEU B 70 32.48 -0.59 -13.80
CA LEU B 70 31.56 -1.32 -14.65
C LEU B 70 31.34 -0.50 -15.88
N ILE B 71 31.69 -1.09 -17.02
CA ILE B 71 31.50 -0.46 -18.32
C ILE B 71 30.79 -1.44 -19.24
N GLU B 72 30.00 -0.92 -20.17
CA GLU B 72 29.33 -1.78 -21.13
C GLU B 72 30.31 -2.24 -22.18
N ASP B 73 30.33 -3.55 -22.45
CA ASP B 73 31.19 -4.16 -23.46
C ASP B 73 30.65 -3.96 -24.90
N GLU B 74 31.26 -4.71 -25.87
CA GLU B 74 30.97 -4.78 -27.31
C GLU B 74 29.48 -5.04 -27.52
N ASN B 75 28.92 -5.94 -26.68
CA ASN B 75 27.51 -6.33 -26.72
C ASN B 75 26.62 -5.49 -25.76
N GLY B 76 27.17 -4.39 -25.24
CA GLY B 76 26.46 -3.49 -24.32
C GLY B 76 26.13 -4.09 -22.97
N GLU B 77 26.89 -5.13 -22.57
CA GLU B 77 26.74 -5.82 -21.31
C GLU B 77 27.74 -5.30 -20.30
N LEU B 78 27.30 -5.02 -19.08
CA LEU B 78 28.16 -4.48 -18.05
C LEU B 78 29.21 -5.48 -17.58
N THR B 79 30.47 -5.02 -17.46
CA THR B 79 31.59 -5.89 -17.09
C THR B 79 32.67 -5.17 -16.28
N GLU B 80 33.20 -5.87 -15.24
CA GLU B 80 34.28 -5.33 -14.41
C GLU B 80 35.51 -5.03 -15.27
N VAL B 81 36.13 -3.85 -15.07
CA VAL B 81 37.30 -3.36 -15.81
C VAL B 81 38.28 -2.61 -14.94
N GLU B 82 39.53 -2.57 -15.42
CA GLU B 82 40.63 -1.84 -14.81
C GLU B 82 40.96 -0.76 -15.84
N ARG B 83 40.41 0.46 -15.62
CA ARG B 83 40.64 1.59 -16.53
C ARG B 83 40.95 2.86 -15.79
N GLU B 84 41.70 3.76 -16.46
CA GLU B 84 42.08 5.01 -15.84
C GLU B 84 40.83 5.85 -15.53
N PRO B 85 40.72 6.35 -14.27
CA PRO B 85 39.54 7.13 -13.87
C PRO B 85 39.25 8.36 -14.72
N GLY B 86 38.02 8.86 -14.64
CA GLY B 86 37.56 10.03 -15.38
C GLY B 86 37.52 9.93 -16.89
N ALA B 87 37.49 8.70 -17.43
CA ALA B 87 37.42 8.41 -18.86
C ALA B 87 35.97 8.12 -19.28
N ASN B 88 35.02 8.49 -18.43
CA ASN B 88 33.60 8.29 -18.66
C ASN B 88 33.09 9.17 -19.81
N ALA B 89 32.46 8.52 -20.81
CA ALA B 89 31.89 9.18 -21.97
C ALA B 89 30.46 9.66 -21.67
N ILE B 90 29.93 9.23 -20.51
CA ILE B 90 28.59 9.59 -20.03
C ILE B 90 28.63 10.10 -18.56
N GLY B 91 27.60 10.83 -18.13
CA GLY B 91 27.49 11.39 -16.78
C GLY B 91 27.01 10.46 -15.67
N MET B 92 27.12 9.14 -15.88
CA MET B 92 26.71 8.14 -14.92
C MET B 92 27.83 7.13 -14.84
N VAL B 93 28.32 6.87 -13.62
CA VAL B 93 29.41 5.92 -13.43
C VAL B 93 29.06 4.81 -12.44
N ALA B 94 29.70 3.62 -12.54
CA ALA B 94 29.45 2.48 -11.63
C ALA B 94 30.68 1.70 -11.25
N PHE B 95 30.64 1.07 -10.07
CA PHE B 95 31.71 0.24 -9.51
C PHE B 95 31.09 -0.99 -8.84
N LYS B 96 31.80 -2.13 -8.95
CA LYS B 96 31.43 -3.36 -8.28
C LYS B 96 32.50 -3.48 -7.23
N ILE B 97 32.10 -3.39 -5.96
CA ILE B 97 33.02 -3.48 -4.83
C ILE B 97 32.98 -4.87 -4.28
N THR B 98 34.16 -5.40 -3.90
CA THR B 98 34.31 -6.69 -3.26
C THR B 98 35.07 -6.47 -1.95
N VAL B 99 34.38 -6.61 -0.81
CA VAL B 99 34.98 -6.41 0.50
C VAL B 99 34.88 -7.58 1.39
N LYS B 100 36.00 -7.84 2.08
CA LYS B 100 36.11 -8.81 3.16
C LYS B 100 35.74 -7.93 4.37
N THR B 101 34.56 -8.17 4.96
CA THR B 101 34.02 -7.40 6.09
C THR B 101 33.91 -8.27 7.36
N PRO B 102 33.79 -7.72 8.60
CA PRO B 102 33.66 -8.59 9.79
C PRO B 102 32.55 -9.65 9.69
N GLU B 103 31.41 -9.30 9.07
CA GLU B 103 30.31 -10.23 8.88
C GLU B 103 30.53 -11.24 7.72
N TYR B 104 31.30 -10.82 6.68
CA TYR B 104 31.68 -11.62 5.51
C TYR B 104 33.18 -11.54 5.33
N PRO B 105 33.93 -12.30 6.17
CA PRO B 105 35.41 -12.21 6.12
C PRO B 105 36.08 -12.74 4.87
N ARG B 106 35.34 -13.58 4.09
CA ARG B 106 35.80 -14.13 2.81
C ARG B 106 35.37 -13.19 1.68
N GLY B 107 34.54 -12.19 2.00
CA GLY B 107 34.08 -11.20 1.03
C GLY B 107 32.58 -11.12 0.80
N ARG B 108 32.15 -9.94 0.34
CA ARG B 108 30.78 -9.61 -0.04
C ARG B 108 30.85 -8.57 -1.17
N GLN B 109 29.83 -8.52 -2.02
CA GLN B 109 29.87 -7.60 -3.15
C GLN B 109 28.65 -6.73 -3.23
N PHE B 110 28.83 -5.53 -3.71
CA PHE B 110 27.76 -4.60 -3.98
C PHE B 110 28.17 -3.74 -5.16
N VAL B 111 27.22 -2.99 -5.68
CA VAL B 111 27.40 -2.14 -6.83
C VAL B 111 27.20 -0.65 -6.43
N VAL B 112 28.07 0.22 -6.90
CA VAL B 112 27.94 1.64 -6.59
C VAL B 112 27.69 2.45 -7.88
N VAL B 113 26.46 3.02 -8.02
CA VAL B 113 26.05 3.85 -9.16
C VAL B 113 26.08 5.27 -8.68
N ALA B 114 26.65 6.15 -9.46
CA ALA B 114 26.76 7.54 -9.06
C ALA B 114 26.70 8.45 -10.26
N ASN B 115 26.10 9.62 -10.10
CA ASN B 115 26.08 10.63 -11.14
C ASN B 115 27.44 11.29 -11.11
N ASP B 116 27.97 11.70 -12.27
CA ASP B 116 29.21 12.50 -12.27
C ASP B 116 28.74 13.99 -12.37
N ILE B 117 28.77 14.72 -11.25
CA ILE B 117 28.40 16.13 -11.20
C ILE B 117 29.22 17.00 -12.20
N THR B 118 30.44 16.57 -12.58
CA THR B 118 31.31 17.30 -13.52
C THR B 118 30.86 17.07 -14.97
N PHE B 119 30.25 15.92 -15.26
CA PHE B 119 29.80 15.62 -16.60
C PHE B 119 28.40 16.23 -16.83
N LYS B 120 28.34 17.31 -17.64
CA LYS B 120 27.12 18.02 -17.98
C LYS B 120 26.21 18.20 -16.74
N ILE B 121 26.77 18.81 -15.69
CA ILE B 121 26.13 19.18 -14.42
C ILE B 121 25.37 18.07 -13.67
N GLY B 122 25.72 16.82 -13.97
CA GLY B 122 25.09 15.67 -13.34
C GLY B 122 23.68 15.42 -13.84
N SER B 123 23.33 15.97 -15.01
CA SER B 123 22.02 15.80 -15.63
C SER B 123 21.82 14.36 -16.10
N PHE B 124 20.55 13.92 -16.18
CA PHE B 124 20.15 12.61 -16.66
C PHE B 124 19.70 12.73 -18.12
N GLY B 125 20.49 12.19 -19.03
CA GLY B 125 20.19 12.14 -20.45
C GLY B 125 19.87 10.70 -20.80
N PRO B 126 19.41 10.39 -22.05
CA PRO B 126 19.05 8.99 -22.37
C PRO B 126 20.15 7.96 -22.05
N GLN B 127 21.42 8.32 -22.30
CA GLN B 127 22.58 7.47 -22.08
C GLN B 127 22.79 7.15 -20.62
N GLU B 128 22.71 8.17 -19.74
CA GLU B 128 22.85 8.04 -18.29
C GLU B 128 21.73 7.15 -17.73
N ASP B 129 20.51 7.35 -18.25
CA ASP B 129 19.34 6.60 -17.86
C ASP B 129 19.49 5.12 -18.27
N GLU B 130 19.90 4.87 -19.52
CA GLU B 130 20.08 3.50 -19.99
C GLU B 130 21.17 2.77 -19.17
N PHE B 131 22.32 3.45 -18.90
CA PHE B 131 23.39 2.91 -18.08
C PHE B 131 22.88 2.58 -16.65
N PHE B 132 22.27 3.58 -15.96
CA PHE B 132 21.70 3.39 -14.60
C PHE B 132 20.82 2.16 -14.58
N ASN B 133 19.93 2.03 -15.58
CA ASN B 133 19.01 0.90 -15.66
C ASN B 133 19.76 -0.44 -15.80
N LYS B 134 20.75 -0.48 -16.71
CA LYS B 134 21.60 -1.64 -16.95
C LYS B 134 22.30 -2.05 -15.63
N VAL B 135 22.93 -1.08 -14.92
CA VAL B 135 23.59 -1.29 -13.62
C VAL B 135 22.61 -1.87 -12.61
N THR B 136 21.39 -1.27 -12.52
CA THR B 136 20.33 -1.71 -11.60
C THR B 136 19.97 -3.16 -11.90
N GLU B 137 19.84 -3.51 -13.18
CA GLU B 137 19.50 -4.87 -13.58
C GLU B 137 20.64 -5.83 -13.25
N TYR B 138 21.89 -5.33 -13.38
CA TYR B 138 23.11 -6.09 -13.07
C TYR B 138 23.07 -6.55 -11.60
N ALA B 139 22.85 -5.59 -10.67
CA ALA B 139 22.77 -5.86 -9.24
C ALA B 139 21.62 -6.82 -8.96
N ARG B 140 20.44 -6.48 -9.49
CA ARG B 140 19.23 -7.26 -9.37
C ARG B 140 19.42 -8.71 -9.78
N LYS B 141 20.03 -8.97 -10.96
CA LYS B 141 20.27 -10.33 -11.47
C LYS B 141 21.17 -11.13 -10.51
N ARG B 142 22.19 -10.48 -9.93
CA ARG B 142 23.16 -11.09 -9.04
C ARG B 142 22.79 -11.07 -7.57
N GLY B 143 21.60 -10.51 -7.27
CA GLY B 143 21.06 -10.40 -5.91
C GLY B 143 21.83 -9.49 -4.98
N ILE B 144 22.89 -8.82 -5.49
CA ILE B 144 23.80 -7.95 -4.71
C ILE B 144 23.25 -6.54 -4.47
N PRO B 145 23.56 -5.89 -3.34
CA PRO B 145 23.00 -4.54 -3.08
C PRO B 145 23.35 -3.50 -4.12
N ARG B 146 22.42 -2.54 -4.30
CA ARG B 146 22.65 -1.40 -5.19
C ARG B 146 22.72 -0.11 -4.36
N ILE B 147 23.90 0.50 -4.33
CA ILE B 147 24.17 1.76 -3.64
C ILE B 147 24.19 2.86 -4.71
N TYR B 148 23.38 3.92 -4.53
CA TYR B 148 23.31 5.06 -5.44
C TYR B 148 23.74 6.32 -4.72
N LEU B 149 24.68 7.03 -5.34
CA LEU B 149 25.22 8.29 -4.85
C LEU B 149 24.63 9.38 -5.76
N ALA B 150 23.65 10.12 -5.19
CA ALA B 150 22.90 11.18 -5.88
C ALA B 150 23.61 12.52 -5.80
N ALA B 151 23.96 13.07 -6.97
CA ALA B 151 24.64 14.36 -7.15
C ALA B 151 24.31 14.75 -8.59
N ASN B 152 23.15 15.40 -8.76
CA ASN B 152 22.62 15.71 -10.09
C ASN B 152 21.78 16.98 -10.19
N SER B 153 21.31 17.27 -11.42
CA SER B 153 20.42 18.39 -11.75
C SER B 153 19.12 17.94 -12.50
N GLY B 154 18.71 16.70 -12.27
CA GLY B 154 17.53 16.10 -12.90
C GLY B 154 17.74 15.81 -14.36
N ALA B 155 16.63 15.73 -15.12
CA ALA B 155 16.59 15.48 -16.57
C ALA B 155 17.33 16.58 -17.35
N ARG B 156 18.03 16.17 -18.44
CA ARG B 156 18.82 17.05 -19.31
C ARG B 156 17.94 17.92 -20.18
N ILE B 157 18.19 19.23 -20.17
CA ILE B 157 17.42 20.23 -20.93
C ILE B 157 18.21 20.68 -22.16
N GLY B 158 17.51 20.77 -23.28
CA GLY B 158 18.13 21.22 -24.53
C GLY B 158 17.17 21.83 -25.51
N MET B 159 17.73 22.53 -26.51
CA MET B 159 17.02 23.16 -27.63
C MET B 159 17.77 22.85 -28.93
N ALA B 160 17.10 22.95 -30.09
CA ALA B 160 17.78 22.72 -31.36
C ALA B 160 18.60 23.95 -31.74
N GLU B 161 19.85 23.93 -31.28
CA GLU B 161 20.83 25.01 -31.48
C GLU B 161 21.07 25.35 -32.94
N GLU B 162 20.99 24.34 -33.83
CA GLU B 162 21.13 24.52 -35.27
C GLU B 162 20.01 25.38 -35.85
N ILE B 163 18.81 25.40 -35.20
CA ILE B 163 17.68 26.23 -35.65
C ILE B 163 17.74 27.74 -35.22
N VAL B 164 18.36 28.01 -34.05
CA VAL B 164 18.54 29.34 -33.47
C VAL B 164 19.04 30.37 -34.49
N PRO B 165 20.15 30.14 -35.25
CA PRO B 165 20.61 31.17 -36.20
C PRO B 165 19.89 31.14 -37.56
N LEU B 166 18.94 30.23 -37.77
CA LEU B 166 18.25 30.05 -39.04
C LEU B 166 16.81 30.54 -39.12
N PHE B 167 16.02 30.37 -38.03
CA PHE B 167 14.60 30.73 -37.98
C PHE B 167 14.25 32.18 -38.31
N GLN B 168 13.17 32.34 -39.06
CA GLN B 168 12.67 33.64 -39.48
C GLN B 168 11.29 33.90 -38.84
N VAL B 169 10.85 35.19 -38.80
CA VAL B 169 9.59 35.58 -38.17
C VAL B 169 8.59 36.13 -39.17
N ALA B 170 7.38 35.54 -39.23
CA ALA B 170 6.31 36.03 -40.10
C ALA B 170 5.61 37.13 -39.37
N TRP B 171 5.97 38.37 -39.69
CA TRP B 171 5.41 39.54 -39.03
C TRP B 171 4.00 39.87 -39.52
N ASN B 172 3.16 40.42 -38.62
CA ASN B 172 1.81 40.86 -38.93
C ASN B 172 1.98 42.10 -39.80
N ASP B 173 3.00 42.92 -39.46
CA ASP B 173 3.48 44.10 -40.19
C ASP B 173 5.01 44.12 -39.97
N ALA B 174 5.79 43.96 -41.05
CA ALA B 174 7.25 43.95 -40.95
C ALA B 174 7.77 45.33 -40.49
N ALA B 175 7.02 46.40 -40.78
CA ALA B 175 7.36 47.77 -40.39
C ALA B 175 7.19 47.99 -38.88
N ASN B 176 6.32 47.19 -38.21
CA ASN B 176 6.05 47.26 -36.77
C ASN B 176 6.08 45.90 -36.07
N PRO B 177 7.21 45.51 -35.45
CA PRO B 177 7.25 44.19 -34.78
C PRO B 177 6.25 44.03 -33.61
N ASP B 178 5.91 45.16 -32.95
CA ASP B 178 4.95 45.20 -31.83
C ASP B 178 3.54 44.78 -32.23
N LYS B 179 3.20 44.86 -33.53
CA LYS B 179 1.90 44.44 -34.06
C LYS B 179 1.73 42.91 -33.98
N GLY B 180 2.83 42.20 -33.72
CA GLY B 180 2.88 40.75 -33.54
C GLY B 180 3.41 39.92 -34.68
N PHE B 181 3.42 38.59 -34.49
CA PHE B 181 3.89 37.62 -35.47
C PHE B 181 2.95 36.42 -35.57
N GLN B 182 2.87 35.84 -36.77
CA GLN B 182 2.03 34.70 -37.12
C GLN B 182 2.64 33.35 -36.81
N TYR B 183 3.88 33.15 -37.23
CA TYR B 183 4.60 31.89 -37.07
C TYR B 183 6.10 32.12 -37.31
N LEU B 184 6.91 31.09 -37.09
CA LEU B 184 8.35 31.07 -37.34
C LEU B 184 8.51 30.17 -38.58
N TYR B 185 9.50 30.48 -39.43
CA TYR B 185 9.73 29.73 -40.67
C TYR B 185 11.22 29.68 -41.09
N LEU B 186 11.49 28.89 -42.14
CA LEU B 186 12.81 28.78 -42.73
C LEU B 186 12.75 29.22 -44.18
N THR B 187 13.88 29.65 -44.69
CA THR B 187 14.01 30.09 -46.07
C THR B 187 14.58 28.89 -46.81
N SER B 188 14.61 28.94 -48.15
CA SER B 188 15.24 27.88 -48.96
C SER B 188 16.72 27.75 -48.52
N GLU B 189 17.38 28.89 -48.20
CA GLU B 189 18.75 29.01 -47.72
C GLU B 189 18.96 28.21 -46.42
N GLY B 190 18.13 28.47 -45.41
CA GLY B 190 18.16 27.79 -44.12
C GLY B 190 17.90 26.29 -44.24
N MET B 191 16.96 25.92 -45.13
CA MET B 191 16.62 24.54 -45.41
C MET B 191 17.82 23.85 -46.07
N GLU B 192 18.50 24.57 -46.99
CA GLU B 192 19.66 24.08 -47.70
C GLU B 192 20.87 23.90 -46.79
N THR B 193 20.96 24.73 -45.72
CA THR B 193 22.03 24.67 -44.71
C THR B 193 21.84 23.43 -43.84
N LEU B 194 20.59 23.07 -43.55
CA LEU B 194 20.31 21.88 -42.77
C LEU B 194 20.61 20.61 -43.60
N LYS B 195 20.26 20.62 -44.92
CA LYS B 195 20.50 19.50 -45.84
C LYS B 195 22.01 19.22 -45.94
N LYS B 196 22.80 20.31 -46.13
CA LYS B 196 24.27 20.37 -46.25
C LYS B 196 24.96 19.66 -45.08
N PHE B 197 24.43 19.87 -43.86
CA PHE B 197 24.96 19.33 -42.60
C PHE B 197 24.27 18.06 -42.18
N ASP B 198 23.46 17.48 -43.09
CA ASP B 198 22.71 16.24 -42.88
C ASP B 198 21.80 16.40 -41.63
N LYS B 199 20.99 17.48 -41.63
CA LYS B 199 20.11 17.83 -40.51
C LYS B 199 18.66 18.16 -40.94
N GLU B 200 18.25 17.76 -42.16
CA GLU B 200 16.89 18.06 -42.65
C GLU B 200 15.72 17.55 -41.80
N ASN B 201 15.99 16.54 -40.98
CA ASN B 201 15.05 15.94 -40.03
C ASN B 201 14.91 16.76 -38.73
N SER B 202 15.70 17.85 -38.56
CA SER B 202 15.68 18.73 -37.37
C SER B 202 14.36 19.44 -37.20
N VAL B 203 13.69 19.77 -38.30
CA VAL B 203 12.39 20.44 -38.24
C VAL B 203 11.33 19.70 -39.05
N LEU B 204 10.06 19.98 -38.75
CA LEU B 204 8.93 19.55 -39.55
C LEU B 204 8.42 20.85 -40.13
N THR B 205 8.60 21.04 -41.44
CA THR B 205 8.11 22.25 -42.06
C THR B 205 6.88 22.01 -42.93
N GLU B 206 6.25 23.10 -43.42
CA GLU B 206 5.10 23.13 -44.32
C GLU B 206 5.36 24.26 -45.32
N ARG B 207 5.56 23.89 -46.59
CA ARG B 207 5.88 24.87 -47.62
C ARG B 207 4.71 25.76 -47.99
N THR B 208 4.96 27.08 -47.96
CA THR B 208 4.05 28.17 -48.37
C THR B 208 4.83 29.21 -49.18
N VAL B 209 4.14 29.96 -50.04
CA VAL B 209 4.83 30.98 -50.80
C VAL B 209 4.24 32.34 -50.44
N ILE B 210 5.10 33.25 -49.95
CA ILE B 210 4.73 34.64 -49.59
C ILE B 210 5.79 35.60 -50.15
N ASN B 211 5.32 36.66 -50.84
CA ASN B 211 6.15 37.68 -51.49
C ASN B 211 7.13 37.09 -52.53
N GLY B 212 6.65 36.10 -53.29
CA GLY B 212 7.42 35.37 -54.29
C GLY B 212 8.52 34.50 -53.70
N GLU B 213 8.42 34.17 -52.39
CA GLU B 213 9.41 33.41 -51.66
C GLU B 213 8.84 32.20 -50.95
N GLU B 214 9.55 31.08 -51.09
CA GLU B 214 9.24 29.85 -50.39
C GLU B 214 9.51 30.11 -48.92
N ARG B 215 8.47 29.94 -48.10
CA ARG B 215 8.54 30.02 -46.64
C ARG B 215 8.27 28.62 -46.12
N PHE B 216 9.22 28.07 -45.38
CA PHE B 216 9.10 26.74 -44.80
C PHE B 216 8.63 26.86 -43.36
N VAL B 217 7.30 26.97 -43.17
CA VAL B 217 6.70 27.17 -41.84
C VAL B 217 7.11 26.06 -40.87
N ILE B 218 7.71 26.43 -39.72
CA ILE B 218 8.14 25.48 -38.70
C ILE B 218 6.90 25.02 -37.92
N LYS B 219 6.52 23.77 -38.16
CA LYS B 219 5.39 23.13 -37.52
C LYS B 219 5.81 22.44 -36.20
N THR B 220 7.08 21.93 -36.13
CA THR B 220 7.71 21.30 -34.97
C THR B 220 9.24 21.37 -35.11
N ILE B 221 9.94 21.66 -34.00
CA ILE B 221 11.40 21.63 -33.92
C ILE B 221 11.78 20.33 -33.21
N ILE B 222 12.57 19.48 -33.87
CA ILE B 222 12.98 18.17 -33.30
C ILE B 222 14.41 18.21 -32.77
N GLY B 223 15.32 18.73 -33.57
CA GLY B 223 16.73 18.83 -33.24
C GLY B 223 17.50 17.60 -33.65
N SER B 224 18.70 17.82 -34.19
CA SER B 224 19.61 16.74 -34.59
C SER B 224 20.24 16.13 -33.35
N GLU B 225 20.59 16.96 -32.35
CA GLU B 225 21.19 16.54 -31.09
C GLU B 225 20.14 15.83 -30.21
N ASP B 226 20.51 14.70 -29.60
CA ASP B 226 19.64 13.91 -28.73
C ASP B 226 19.86 14.33 -27.28
N GLY B 227 18.80 14.22 -26.46
CA GLY B 227 18.84 14.59 -25.06
C GLY B 227 18.36 16.00 -24.77
N LEU B 228 17.33 16.45 -25.53
CA LEU B 228 16.75 17.80 -25.46
C LEU B 228 15.55 17.95 -24.50
N GLY B 229 14.67 16.93 -24.46
CA GLY B 229 13.44 16.95 -23.65
C GLY B 229 12.78 15.61 -23.35
N VAL B 230 11.68 15.29 -24.08
CA VAL B 230 10.89 14.07 -23.81
C VAL B 230 11.65 12.73 -23.75
N GLU B 231 12.68 12.56 -24.60
CA GLU B 231 13.52 11.37 -24.63
C GLU B 231 14.18 11.21 -23.30
N CYS B 232 14.60 12.33 -22.66
CA CYS B 232 15.20 12.32 -21.31
C CYS B 232 14.14 11.89 -20.31
N LEU B 233 12.88 12.36 -20.50
CA LEU B 233 11.75 12.07 -19.61
C LEU B 233 11.35 10.60 -19.66
N ARG B 234 11.40 9.99 -20.84
CA ARG B 234 11.15 8.55 -20.99
C ARG B 234 12.19 7.79 -20.14
N GLY B 235 13.45 8.26 -20.17
CA GLY B 235 14.54 7.70 -19.39
C GLY B 235 14.30 7.80 -17.88
N SER B 236 13.72 8.94 -17.41
CA SER B 236 13.37 9.19 -16.01
C SER B 236 12.39 8.11 -15.59
N GLY B 237 11.32 7.95 -16.38
CA GLY B 237 10.29 6.94 -16.20
C GLY B 237 10.88 5.55 -16.09
N LEU B 238 11.75 5.18 -17.06
CA LEU B 238 12.42 3.88 -17.07
C LEU B 238 13.20 3.62 -15.74
N ILE B 239 14.12 4.54 -15.36
CA ILE B 239 14.89 4.43 -14.13
C ILE B 239 14.06 4.46 -12.81
N ALA B 240 12.93 5.22 -12.80
CA ALA B 240 12.01 5.30 -11.64
C ALA B 240 11.35 3.92 -11.44
N GLY B 241 10.83 3.34 -12.53
CA GLY B 241 10.21 2.02 -12.49
C GLY B 241 11.23 0.95 -12.14
N ALA B 242 12.48 1.15 -12.62
CA ALA B 242 13.54 0.19 -12.36
C ALA B 242 13.93 0.18 -10.89
N THR B 243 13.87 1.35 -10.24
CA THR B 243 14.23 1.52 -8.82
C THR B 243 13.13 0.91 -7.99
N SER B 244 11.87 1.29 -8.32
CA SER B 244 10.65 0.75 -7.71
C SER B 244 10.79 -0.78 -7.63
N ARG B 245 11.15 -1.41 -8.77
CA ARG B 245 11.33 -2.86 -8.89
C ARG B 245 12.46 -3.39 -8.00
N ALA B 246 13.60 -2.69 -8.02
CA ALA B 246 14.78 -3.11 -7.29
C ALA B 246 14.59 -3.16 -5.79
N TYR B 247 13.85 -2.19 -5.23
CA TYR B 247 13.55 -2.11 -3.81
C TYR B 247 12.98 -3.42 -3.24
N HIS B 248 12.20 -4.14 -4.06
CA HIS B 248 11.59 -5.43 -3.68
C HIS B 248 12.54 -6.62 -3.82
N ASP B 249 13.42 -6.54 -4.81
CA ASP B 249 14.38 -7.52 -5.27
C ASP B 249 15.68 -7.57 -4.45
N ILE B 250 16.37 -6.41 -4.27
CA ILE B 250 17.68 -6.30 -3.60
C ILE B 250 17.71 -5.16 -2.55
N PHE B 251 18.84 -5.05 -1.79
CA PHE B 251 19.03 -3.98 -0.82
C PHE B 251 19.40 -2.71 -1.57
N THR B 252 18.55 -1.68 -1.48
CA THR B 252 18.76 -0.39 -2.10
C THR B 252 18.99 0.72 -1.05
N ILE B 253 19.96 1.60 -1.29
CA ILE B 253 20.29 2.73 -0.43
C ILE B 253 20.84 3.85 -1.29
N THR B 254 20.56 5.10 -0.87
CA THR B 254 20.98 6.31 -1.57
C THR B 254 21.66 7.28 -0.63
N LEU B 255 22.76 7.84 -1.14
CA LEU B 255 23.48 8.88 -0.43
C LEU B 255 23.29 10.15 -1.25
N VAL B 256 22.63 11.17 -0.65
CA VAL B 256 22.41 12.47 -1.29
C VAL B 256 23.71 13.25 -1.01
N THR B 257 24.70 13.03 -1.88
CA THR B 257 26.05 13.55 -1.74
C THR B 257 26.22 15.00 -2.19
N CYS B 258 25.37 15.46 -3.11
CA CYS B 258 25.27 16.83 -3.60
C CYS B 258 23.79 17.04 -3.89
N ARG B 259 23.35 18.18 -4.44
CA ARG B 259 21.92 18.33 -4.77
C ARG B 259 21.38 17.13 -5.58
N SER B 260 20.11 16.83 -5.38
CA SER B 260 19.43 15.78 -6.13
C SER B 260 18.11 16.38 -6.54
N VAL B 261 18.00 16.68 -7.86
CA VAL B 261 16.86 17.37 -8.48
C VAL B 261 15.97 16.47 -9.35
N GLY B 262 14.66 16.77 -9.35
CA GLY B 262 13.60 16.13 -10.15
C GLY B 262 13.59 14.62 -10.10
N ILE B 263 13.97 13.97 -11.21
CA ILE B 263 14.07 12.49 -11.24
C ILE B 263 15.03 11.97 -10.12
N GLY B 264 16.09 12.74 -9.87
CA GLY B 264 17.06 12.49 -8.80
C GLY B 264 16.40 12.45 -7.44
N ALA B 265 15.42 13.36 -7.15
CA ALA B 265 14.67 13.36 -5.89
C ALA B 265 13.82 12.11 -5.83
N TYR B 266 13.08 11.80 -6.93
CA TYR B 266 12.29 10.58 -7.00
C TYR B 266 13.11 9.32 -6.80
N LEU B 267 14.35 9.26 -7.35
CA LEU B 267 15.19 8.08 -7.13
C LEU B 267 15.52 7.90 -5.68
N VAL B 268 15.71 9.01 -4.92
CA VAL B 268 16.01 8.88 -3.49
C VAL B 268 14.87 8.19 -2.74
N ARG B 269 13.63 8.66 -2.98
CA ARG B 269 12.46 8.06 -2.33
C ARG B 269 12.15 6.66 -2.87
N LEU B 270 12.34 6.44 -4.18
CA LEU B 270 12.06 5.15 -4.80
C LEU B 270 12.92 4.00 -4.32
N GLY B 271 14.15 4.29 -3.88
CA GLY B 271 15.08 3.34 -3.28
C GLY B 271 14.88 3.26 -1.77
N GLN B 272 13.89 4.03 -1.27
CA GLN B 272 13.45 4.14 0.12
C GLN B 272 14.51 4.59 1.12
N ARG B 273 15.48 3.68 1.45
CA ARG B 273 16.57 3.92 2.40
C ARG B 273 17.41 5.07 1.88
N ALA B 274 17.52 6.17 2.65
CA ALA B 274 18.29 7.35 2.22
C ALA B 274 19.05 7.97 3.35
N ILE B 275 20.32 8.32 3.06
CA ILE B 275 21.19 9.04 3.99
C ILE B 275 21.44 10.38 3.32
N GLN B 276 21.10 11.48 4.01
CA GLN B 276 21.27 12.80 3.43
C GLN B 276 22.45 13.52 4.04
N VAL B 277 23.36 14.02 3.19
CA VAL B 277 24.50 14.80 3.67
C VAL B 277 23.95 16.19 4.01
N GLU B 278 24.17 16.62 5.27
CA GLU B 278 23.73 17.92 5.76
C GLU B 278 24.15 19.00 4.74
N GLY B 279 23.20 19.80 4.30
CA GLY B 279 23.45 20.88 3.37
C GLY B 279 23.28 20.55 1.91
N GLN B 280 22.87 19.30 1.61
CA GLN B 280 22.63 18.85 0.22
C GLN B 280 21.11 18.65 0.02
N PRO B 281 20.47 19.46 -0.85
CA PRO B 281 19.02 19.36 -1.00
C PRO B 281 18.48 18.29 -1.93
N ILE B 282 17.33 17.71 -1.51
CA ILE B 282 16.50 16.78 -2.26
C ILE B 282 15.33 17.68 -2.73
N ILE B 283 15.37 18.17 -3.98
CA ILE B 283 14.33 19.06 -4.47
C ILE B 283 13.72 18.56 -5.76
N LEU B 284 12.47 18.97 -6.02
CA LEU B 284 11.76 18.69 -7.27
C LEU B 284 11.91 19.91 -8.20
N THR B 285 11.60 21.09 -7.68
CA THR B 285 11.74 22.35 -8.40
C THR B 285 12.57 23.29 -7.53
N GLY B 286 13.48 24.02 -8.17
CA GLY B 286 14.33 24.97 -7.47
C GLY B 286 13.56 26.17 -6.95
N ALA B 287 14.03 26.76 -5.84
CA ALA B 287 13.42 27.91 -5.20
C ALA B 287 13.18 29.08 -6.17
N SER B 288 14.18 29.37 -7.05
CA SER B 288 14.10 30.44 -8.05
C SER B 288 12.92 30.29 -8.98
N ALA B 289 12.71 29.08 -9.54
CA ALA B 289 11.59 28.77 -10.44
C ALA B 289 10.25 28.98 -9.74
N LEU B 290 10.14 28.42 -8.52
CA LEU B 290 8.97 28.56 -7.66
C LEU B 290 8.63 30.06 -7.46
N ASN B 291 9.67 30.89 -7.24
CA ASN B 291 9.51 32.35 -7.13
C ASN B 291 8.97 32.99 -8.42
N LYS B 292 9.42 32.53 -9.62
CA LYS B 292 8.92 32.98 -10.93
C LYS B 292 7.44 32.56 -11.09
N VAL B 293 7.11 31.28 -10.79
CA VAL B 293 5.71 30.83 -10.85
C VAL B 293 4.82 31.61 -9.87
N LEU B 294 5.37 31.95 -8.68
CA LEU B 294 4.61 32.67 -7.66
C LEU B 294 4.51 34.18 -7.91
N GLY B 295 5.53 34.73 -8.58
CA GLY B 295 5.61 36.15 -8.92
C GLY B 295 6.00 37.04 -7.76
N ARG B 296 6.74 36.47 -6.77
CA ARG B 296 7.25 37.08 -5.53
C ARG B 296 8.48 36.31 -5.08
N GLU B 297 9.35 36.93 -4.28
CA GLU B 297 10.48 36.20 -3.72
C GLU B 297 9.97 35.55 -2.43
N VAL B 298 9.34 34.38 -2.58
CA VAL B 298 8.77 33.58 -1.50
C VAL B 298 9.84 32.70 -0.81
N TYR B 299 10.61 31.97 -1.61
CA TYR B 299 11.64 31.05 -1.11
C TYR B 299 13.04 31.62 -1.18
N THR B 300 13.80 31.44 -0.11
CA THR B 300 15.15 31.99 0.01
C THR B 300 16.25 31.06 -0.49
N SER B 301 15.99 29.73 -0.45
CA SER B 301 16.96 28.73 -0.90
C SER B 301 16.34 27.36 -1.22
N ASN B 302 17.13 26.51 -1.88
CA ASN B 302 16.75 25.13 -2.17
C ASN B 302 16.72 24.32 -0.87
N LEU B 303 17.63 24.64 0.07
CA LEU B 303 17.68 23.96 1.35
C LEU B 303 16.41 24.17 2.13
N GLN B 304 15.79 25.35 1.94
CA GLN B 304 14.49 25.70 2.55
C GLN B 304 13.41 24.68 2.15
N LEU B 305 13.46 24.18 0.89
CA LEU B 305 12.55 23.22 0.29
C LEU B 305 12.90 21.73 0.60
N GLY B 306 14.19 21.38 0.50
CA GLY B 306 14.63 20.00 0.63
C GLY B 306 15.87 19.69 1.43
N GLY B 307 16.16 20.51 2.43
CA GLY B 307 17.27 20.26 3.34
C GLY B 307 16.91 19.18 4.36
N THR B 308 17.86 18.85 5.27
CA THR B 308 17.66 17.82 6.29
C THR B 308 16.48 18.12 7.22
N GLN B 309 16.29 19.43 7.56
CA GLN B 309 15.18 19.92 8.39
C GLN B 309 13.81 19.67 7.74
N ILE B 310 13.81 19.36 6.44
CA ILE B 310 12.59 18.99 5.71
C ILE B 310 12.51 17.48 5.57
N MET B 311 13.52 16.85 4.90
CA MET B 311 13.55 15.42 4.60
C MET B 311 13.80 14.46 5.76
N TYR B 312 14.69 14.82 6.72
CA TYR B 312 14.96 13.98 7.89
C TYR B 312 13.72 14.00 8.82
N ASN B 313 13.03 15.14 8.86
CA ASN B 313 11.83 15.30 9.67
C ASN B 313 10.60 14.56 9.11
N ASN B 314 10.53 14.43 7.76
CA ASN B 314 9.53 13.75 6.90
C ASN B 314 9.63 12.25 7.00
N GLY B 315 10.85 11.75 7.15
CA GLY B 315 11.12 10.33 7.05
C GLY B 315 11.51 9.94 5.64
N VAL B 316 11.72 10.96 4.74
CA VAL B 316 12.21 10.71 3.37
C VAL B 316 13.68 10.34 3.52
N SER B 317 14.42 11.13 4.33
CA SER B 317 15.81 10.86 4.66
C SER B 317 15.82 10.07 5.97
N HIS B 318 16.32 8.83 5.92
CA HIS B 318 16.35 7.94 7.09
C HIS B 318 17.41 8.36 8.09
N LEU B 319 18.52 8.94 7.58
CA LEU B 319 19.65 9.37 8.41
C LEU B 319 20.27 10.57 7.77
N THR B 320 21.04 11.31 8.58
CA THR B 320 21.79 12.49 8.15
C THR B 320 23.29 12.18 8.25
N ALA B 321 24.15 12.91 7.52
CA ALA B 321 25.61 12.75 7.54
C ALA B 321 26.29 14.13 7.47
N VAL B 322 27.40 14.31 8.20
CA VAL B 322 28.12 15.61 8.24
C VAL B 322 28.88 15.86 6.93
N ASP B 323 29.38 14.76 6.32
CA ASP B 323 30.16 14.75 5.10
C ASP B 323 29.99 13.44 4.33
N ASP B 324 30.58 13.36 3.11
CA ASP B 324 30.53 12.17 2.28
C ASP B 324 31.05 10.93 2.95
N LEU B 325 32.20 11.00 3.68
CA LEU B 325 32.75 9.83 4.41
C LEU B 325 31.79 9.36 5.50
N ALA B 326 31.22 10.31 6.31
CA ALA B 326 30.25 9.99 7.35
C ALA B 326 29.11 9.17 6.77
N GLY B 327 28.60 9.62 5.62
CA GLY B 327 27.53 8.95 4.88
C GLY B 327 27.93 7.57 4.41
N VAL B 328 29.14 7.45 3.83
CA VAL B 328 29.68 6.18 3.38
C VAL B 328 29.80 5.19 4.56
N GLU B 329 30.25 5.71 5.74
CA GLU B 329 30.35 4.94 6.97
C GLU B 329 29.01 4.41 7.44
N LYS B 330 27.96 5.25 7.36
CA LYS B 330 26.60 4.86 7.71
C LYS B 330 26.03 3.80 6.74
N ILE B 331 26.44 3.83 5.44
CA ILE B 331 25.96 2.83 4.45
C ILE B 331 26.52 1.49 4.88
N VAL B 332 27.84 1.46 5.03
CA VAL B 332 28.64 0.30 5.39
C VAL B 332 28.16 -0.33 6.72
N GLU B 333 27.76 0.51 7.69
CA GLU B 333 27.20 0.08 8.97
C GLU B 333 25.83 -0.59 8.77
N TRP B 334 24.95 0.03 7.97
CA TRP B 334 23.61 -0.46 7.67
C TRP B 334 23.72 -1.84 6.98
N MET B 335 24.59 -1.94 5.95
CA MET B 335 24.86 -3.17 5.19
C MET B 335 25.28 -4.32 6.08
N SER B 336 25.93 -4.02 7.21
CA SER B 336 26.42 -5.06 8.13
C SER B 336 25.33 -5.95 8.75
N TYR B 337 24.06 -5.56 8.61
CA TYR B 337 22.90 -6.31 9.09
C TYR B 337 22.24 -7.07 7.91
N VAL B 338 22.65 -6.76 6.65
CA VAL B 338 22.08 -7.26 5.39
C VAL B 338 22.85 -8.46 4.82
N PRO B 339 22.12 -9.55 4.35
CA PRO B 339 22.82 -10.68 3.71
C PRO B 339 23.68 -10.22 2.52
N ALA B 340 24.80 -10.94 2.25
CA ALA B 340 25.77 -10.71 1.19
C ALA B 340 25.09 -10.51 -0.18
N LYS B 341 23.98 -11.25 -0.39
CA LYS B 341 23.09 -11.23 -1.56
C LYS B 341 21.73 -11.85 -1.20
N ARG B 342 20.70 -11.52 -2.00
CA ARG B 342 19.32 -12.03 -1.87
C ARG B 342 19.27 -13.52 -1.50
N ASN B 343 18.41 -13.88 -0.54
CA ASN B 343 18.15 -15.26 -0.11
C ASN B 343 19.23 -15.96 0.72
N MET B 344 20.38 -15.34 0.88
CA MET B 344 21.42 -15.85 1.74
C MET B 344 21.02 -15.65 3.18
N PRO B 345 21.52 -16.42 4.17
CA PRO B 345 21.11 -16.17 5.57
C PRO B 345 21.59 -14.81 6.06
N VAL B 346 20.87 -14.27 7.05
CA VAL B 346 21.21 -12.98 7.65
C VAL B 346 22.60 -13.11 8.27
N PRO B 347 23.47 -12.07 8.10
CA PRO B 347 24.84 -12.19 8.60
C PRO B 347 24.98 -12.25 10.12
N ILE B 348 25.21 -13.48 10.67
CA ILE B 348 25.42 -13.67 12.10
C ILE B 348 26.79 -13.06 12.42
N LEU B 349 26.84 -12.11 13.37
CA LEU B 349 28.06 -11.48 13.85
C LEU B 349 28.04 -11.40 15.38
N GLU B 350 28.54 -12.47 16.02
CA GLU B 350 28.61 -12.56 17.47
C GLU B 350 29.72 -11.66 18.01
N THR B 351 29.44 -10.99 19.12
CA THR B 351 30.39 -10.07 19.78
C THR B 351 30.57 -10.47 21.23
N LYS B 352 31.31 -9.65 22.02
CA LYS B 352 31.57 -10.01 23.42
C LYS B 352 30.33 -10.13 24.30
N ASP B 353 29.20 -9.48 23.90
CA ASP B 353 27.94 -9.61 24.64
C ASP B 353 27.20 -10.82 24.10
N THR B 354 27.43 -11.98 24.75
CA THR B 354 26.79 -13.22 24.32
C THR B 354 25.38 -13.31 24.86
N TRP B 355 24.63 -14.28 24.31
CA TRP B 355 23.26 -14.56 24.64
C TRP B 355 23.02 -14.97 26.10
N ASP B 356 23.98 -15.68 26.73
CA ASP B 356 23.76 -16.24 28.05
C ASP B 356 23.90 -15.30 29.18
N ARG B 357 22.90 -14.41 29.33
CA ARG B 357 22.85 -13.42 30.40
C ARG B 357 21.45 -12.90 30.58
N PRO B 358 21.08 -12.48 31.80
CA PRO B 358 19.74 -11.91 31.97
C PRO B 358 19.72 -10.44 31.47
N VAL B 359 18.50 -9.92 31.24
CA VAL B 359 18.29 -8.53 30.84
C VAL B 359 18.34 -7.72 32.14
N ASP B 360 19.14 -6.65 32.20
CA ASP B 360 19.28 -5.86 33.42
C ASP B 360 18.23 -4.75 33.51
N PHE B 361 18.16 -3.87 32.51
CA PHE B 361 17.18 -2.78 32.53
C PHE B 361 15.77 -3.31 32.43
N THR B 362 14.98 -3.04 33.46
CA THR B 362 13.58 -3.44 33.54
C THR B 362 12.71 -2.22 33.77
N PRO B 363 11.70 -1.94 32.91
CA PRO B 363 10.84 -0.77 33.16
C PRO B 363 9.89 -0.97 34.35
N THR B 364 9.44 0.15 34.91
CA THR B 364 8.41 0.21 35.94
C THR B 364 7.37 1.25 35.51
N ASN B 365 6.11 1.04 35.91
CA ASN B 365 5.01 1.96 35.57
C ASN B 365 5.12 3.32 36.27
N ASP B 366 5.90 3.38 37.37
CA ASP B 366 6.11 4.58 38.20
C ASP B 366 7.30 5.49 37.82
N GLU B 367 8.32 4.98 37.10
CA GLU B 367 9.46 5.78 36.64
C GLU B 367 9.44 5.85 35.09
N THR B 368 9.58 7.05 34.51
CA THR B 368 9.58 7.14 33.04
C THR B 368 10.89 6.66 32.41
N TYR B 369 10.77 5.90 31.30
CA TYR B 369 11.92 5.31 30.63
C TYR B 369 11.95 5.61 29.13
N ASP B 370 13.14 5.45 28.54
CA ASP B 370 13.40 5.55 27.12
C ASP B 370 13.42 4.08 26.64
N VAL B 371 12.59 3.70 25.63
CA VAL B 371 12.57 2.30 25.09
C VAL B 371 13.96 1.77 24.80
N ARG B 372 14.84 2.65 24.29
CA ARG B 372 16.21 2.33 23.92
C ARG B 372 17.00 1.66 25.02
N TRP B 373 16.67 1.98 26.30
CA TRP B 373 17.30 1.34 27.46
C TRP B 373 16.93 -0.16 27.46
N MET B 374 15.66 -0.47 27.14
CA MET B 374 15.14 -1.83 27.03
C MET B 374 15.76 -2.54 25.83
N ILE B 375 16.00 -1.80 24.71
CA ILE B 375 16.58 -2.34 23.48
C ILE B 375 18.07 -2.62 23.60
N GLU B 376 18.89 -1.56 23.71
CA GLU B 376 20.35 -1.59 23.73
C GLU B 376 21.01 -1.55 25.11
N GLY B 377 20.26 -1.13 26.11
CA GLY B 377 20.83 -1.04 27.45
C GLY B 377 21.07 0.40 27.85
N ARG B 378 21.58 0.59 29.07
CA ARG B 378 21.76 1.90 29.63
C ARG B 378 23.03 2.05 30.47
N GLU B 379 23.79 3.13 30.20
CA GLU B 379 24.98 3.46 30.97
C GLU B 379 24.48 4.09 32.26
N THR B 380 24.93 3.53 33.40
CA THR B 380 24.50 3.91 34.77
C THR B 380 25.69 4.13 35.67
N GLU B 381 25.53 4.97 36.71
CA GLU B 381 26.62 5.31 37.64
C GLU B 381 27.34 4.10 38.25
N SER B 382 26.57 3.05 38.61
CA SER B 382 27.07 1.79 39.19
C SER B 382 27.48 0.73 38.13
N GLY B 383 27.54 1.15 36.86
CA GLY B 383 27.87 0.30 35.72
C GLY B 383 26.79 0.25 34.65
N PHE B 384 27.07 -0.46 33.56
CA PHE B 384 26.15 -0.62 32.43
C PHE B 384 24.99 -1.60 32.72
N GLU B 385 23.72 -1.20 32.47
CA GLU B 385 22.55 -2.08 32.64
C GLU B 385 22.24 -2.62 31.25
N TYR B 386 22.55 -3.90 31.02
CA TYR B 386 22.30 -4.54 29.73
C TYR B 386 20.83 -4.60 29.36
N GLY B 387 20.56 -4.41 28.08
CA GLY B 387 19.20 -4.52 27.53
C GLY B 387 18.94 -5.86 26.90
N LEU B 388 17.82 -5.97 26.17
CA LEU B 388 17.40 -7.19 25.47
C LEU B 388 18.39 -7.59 24.36
N PHE B 389 18.95 -6.60 23.65
CA PHE B 389 19.86 -6.89 22.55
C PHE B 389 21.31 -6.65 22.90
N ASP B 390 22.21 -7.03 21.97
CA ASP B 390 23.66 -6.91 22.09
C ASP B 390 24.13 -5.46 22.35
N LYS B 391 25.03 -5.30 23.34
CA LYS B 391 25.60 -4.01 23.69
C LYS B 391 26.18 -3.41 22.42
N GLY B 392 25.73 -2.17 22.17
CA GLY B 392 26.11 -1.36 21.02
C GLY B 392 25.73 -1.91 19.65
N SER B 393 24.69 -2.75 19.57
CA SER B 393 24.30 -3.32 18.28
C SER B 393 23.15 -2.56 17.61
N PHE B 394 22.51 -1.64 18.38
CA PHE B 394 21.36 -0.88 17.92
C PHE B 394 21.69 0.26 17.01
N PHE B 395 21.26 0.14 15.75
CA PHE B 395 21.43 1.11 14.69
C PHE B 395 20.01 1.63 14.36
N GLU B 396 19.64 2.76 14.93
CA GLU B 396 18.32 3.37 14.73
C GLU B 396 18.29 4.10 13.41
N THR B 397 17.21 3.89 12.66
CA THR B 397 16.95 4.60 11.41
C THR B 397 15.61 5.35 11.53
N LEU B 398 15.33 6.29 10.60
CA LEU B 398 14.16 7.15 10.58
C LEU B 398 14.03 7.89 11.91
N SER B 399 15.21 8.22 12.54
CA SER B 399 15.31 8.86 13.86
C SER B 399 14.81 10.29 13.96
N GLY B 400 14.59 10.92 12.82
CA GLY B 400 14.12 12.31 12.79
C GLY B 400 12.63 12.46 12.56
N TRP B 401 11.96 11.36 12.21
CA TRP B 401 10.54 11.32 11.86
C TRP B 401 9.72 10.45 12.78
N ALA B 402 8.47 10.90 13.08
CA ALA B 402 7.46 10.19 13.86
C ALA B 402 8.08 9.49 15.06
N LYS B 403 8.81 10.27 15.88
CA LYS B 403 9.58 9.84 17.07
C LYS B 403 8.76 9.04 18.14
N GLY B 404 7.47 8.82 17.90
CA GLY B 404 6.61 8.06 18.77
C GLY B 404 6.87 6.57 18.71
N VAL B 405 7.48 6.12 17.58
CA VAL B 405 7.92 4.73 17.37
C VAL B 405 9.46 4.71 17.20
N VAL B 406 10.12 3.71 17.77
CA VAL B 406 11.58 3.57 17.70
C VAL B 406 11.91 2.40 16.80
N VAL B 407 12.53 2.71 15.65
CA VAL B 407 12.89 1.69 14.66
C VAL B 407 14.39 1.68 14.42
N GLY B 408 14.92 0.48 14.28
CA GLY B 408 16.32 0.25 14.04
C GLY B 408 16.65 -1.21 13.84
N ARG B 409 17.94 -1.49 13.59
CA ARG B 409 18.45 -2.83 13.43
C ARG B 409 19.22 -3.08 14.71
N ALA B 410 19.26 -4.35 15.14
CA ALA B 410 19.96 -4.79 16.32
C ALA B 410 20.45 -6.20 16.09
N ARG B 411 21.19 -6.74 17.06
CA ARG B 411 21.64 -8.11 17.01
C ARG B 411 21.24 -8.77 18.34
N LEU B 412 20.74 -10.04 18.29
CA LEU B 412 20.37 -10.85 19.46
C LEU B 412 21.37 -12.00 19.48
N GLY B 413 22.39 -11.88 20.30
CA GLY B 413 23.43 -12.90 20.43
C GLY B 413 24.16 -13.16 19.12
N GLY B 414 24.21 -12.15 18.23
CA GLY B 414 24.85 -12.22 16.92
C GLY B 414 23.87 -12.17 15.76
N ILE B 415 22.61 -12.63 16.00
CA ILE B 415 21.58 -12.67 14.99
C ILE B 415 21.08 -11.25 14.67
N PRO B 416 21.20 -10.74 13.42
CA PRO B 416 20.66 -9.40 13.13
C PRO B 416 19.16 -9.47 12.92
N LEU B 417 18.42 -8.41 13.30
CA LEU B 417 16.97 -8.34 13.16
C LEU B 417 16.49 -6.89 13.16
N GLY B 418 15.27 -6.69 12.71
CA GLY B 418 14.63 -5.39 12.75
C GLY B 418 13.92 -5.23 14.09
N VAL B 419 13.98 -4.05 14.67
CA VAL B 419 13.38 -3.80 15.99
C VAL B 419 12.44 -2.59 15.93
N ILE B 420 11.21 -2.79 16.41
CA ILE B 420 10.21 -1.74 16.52
C ILE B 420 9.82 -1.70 18.00
N GLY B 421 10.02 -0.54 18.59
CA GLY B 421 9.69 -0.25 19.98
C GLY B 421 8.80 0.98 20.05
N VAL B 422 8.11 1.16 21.18
CA VAL B 422 7.17 2.26 21.38
C VAL B 422 7.74 3.36 22.33
N GLU B 423 7.79 4.62 21.86
CA GLU B 423 8.21 5.72 22.71
C GLU B 423 7.06 6.09 23.66
N THR B 424 7.23 5.79 24.96
CA THR B 424 6.27 6.04 26.05
C THR B 424 6.12 7.52 26.39
N ARG B 425 7.15 8.34 26.04
CA ARG B 425 7.16 9.80 26.30
C ARG B 425 6.36 10.57 25.29
N THR B 426 5.83 11.73 25.71
CA THR B 426 5.09 12.60 24.82
C THR B 426 6.09 13.15 23.81
N VAL B 427 5.73 13.06 22.55
CA VAL B 427 6.58 13.47 21.44
C VAL B 427 6.03 14.72 20.85
N GLU B 428 6.91 15.68 20.53
CA GLU B 428 6.49 16.90 19.88
C GLU B 428 7.22 17.17 18.58
N ASN B 429 6.55 17.84 17.65
CA ASN B 429 7.14 18.13 16.36
C ASN B 429 6.63 19.44 15.78
N LEU B 430 7.57 20.22 15.25
CA LEU B 430 7.27 21.53 14.70
C LEU B 430 6.95 21.45 13.24
N ILE B 431 5.77 21.94 12.89
CA ILE B 431 5.33 22.05 11.51
C ILE B 431 5.68 23.49 11.09
N PRO B 432 6.58 23.67 10.10
CA PRO B 432 7.02 25.03 9.76
C PRO B 432 5.95 25.93 9.12
N ALA B 433 6.16 27.25 9.21
CA ALA B 433 5.21 28.19 8.63
C ALA B 433 5.39 28.17 7.11
N ASP B 434 4.27 28.11 6.35
CA ASP B 434 4.27 28.05 4.88
C ASP B 434 4.74 29.41 4.31
N PRO B 435 5.98 29.50 3.72
CA PRO B 435 6.46 30.79 3.19
C PRO B 435 5.53 31.48 2.21
N ALA B 436 4.76 30.69 1.42
CA ALA B 436 3.83 31.22 0.43
C ALA B 436 2.52 31.75 1.00
N ASN B 437 2.25 31.48 2.28
CA ASN B 437 1.04 31.92 2.98
C ASN B 437 1.46 32.82 4.16
N PRO B 438 1.27 34.16 4.04
CA PRO B 438 1.66 35.04 5.16
C PRO B 438 0.68 34.93 6.34
N ASN B 439 -0.52 34.37 6.08
CA ASN B 439 -1.57 34.10 7.06
C ASN B 439 -1.39 32.66 7.63
N SER B 440 -0.11 32.19 7.72
CA SER B 440 0.28 30.87 8.24
C SER B 440 1.44 31.04 9.18
N ALA B 441 1.40 30.32 10.32
CA ALA B 441 2.44 30.35 11.36
C ALA B 441 2.90 28.94 11.68
N GLU B 442 4.07 28.83 12.36
CA GLU B 442 4.57 27.53 12.78
C GLU B 442 3.66 26.86 13.81
N THR B 443 3.70 25.53 13.89
CA THR B 443 2.78 24.81 14.75
C THR B 443 3.46 23.67 15.46
N LEU B 444 3.24 23.58 16.77
CA LEU B 444 3.77 22.47 17.54
C LEU B 444 2.66 21.45 17.75
N ILE B 445 2.96 20.20 17.43
CA ILE B 445 2.00 19.12 17.62
C ILE B 445 2.57 18.19 18.68
N GLN B 446 1.75 17.87 19.70
CA GLN B 446 2.09 16.95 20.77
C GLN B 446 1.32 15.65 20.61
N GLN B 447 2.03 14.52 20.68
CA GLN B 447 1.40 13.20 20.58
C GLN B 447 1.77 12.34 21.79
N ALA B 448 0.74 11.81 22.46
CA ALA B 448 0.87 10.96 23.63
C ALA B 448 1.58 9.64 23.30
N GLY B 449 2.33 9.15 24.28
CA GLY B 449 3.07 7.91 24.16
C GLY B 449 2.14 6.73 24.20
N GLN B 450 2.56 5.60 23.61
CA GLN B 450 1.79 4.35 23.56
C GLN B 450 0.49 4.45 22.76
N VAL B 451 0.42 5.43 21.84
CA VAL B 451 -0.72 5.60 20.93
C VAL B 451 -0.20 5.79 19.47
N TRP B 452 -0.75 5.02 18.53
CA TRP B 452 -0.44 5.15 17.11
C TRP B 452 -1.22 6.31 16.51
N PHE B 453 -0.49 7.22 15.85
CA PHE B 453 -1.05 8.38 15.17
C PHE B 453 -0.77 8.18 13.67
N PRO B 454 -1.32 9.03 12.74
CA PRO B 454 -0.99 8.82 11.32
C PRO B 454 0.51 8.65 11.03
N ASN B 455 1.39 9.52 11.61
CA ASN B 455 2.82 9.45 11.38
C ASN B 455 3.49 8.18 11.95
N SER B 456 3.27 7.87 13.25
CA SER B 456 3.82 6.67 13.89
C SER B 456 3.30 5.38 13.28
N ALA B 457 2.05 5.39 12.78
CA ALA B 457 1.48 4.21 12.10
C ALA B 457 2.19 4.02 10.75
N PHE B 458 2.37 5.13 9.98
CA PHE B 458 3.07 5.12 8.69
C PHE B 458 4.50 4.58 8.88
N LYS B 459 5.25 5.13 9.86
CA LYS B 459 6.63 4.71 10.19
C LYS B 459 6.69 3.22 10.51
N THR B 460 5.75 2.70 11.31
CA THR B 460 5.64 1.28 11.67
C THR B 460 5.56 0.41 10.41
N ALA B 461 4.59 0.72 9.52
CA ALA B 461 4.39 0.05 8.25
C ALA B 461 5.63 0.17 7.36
N GLN B 462 6.21 1.38 7.28
CA GLN B 462 7.44 1.65 6.53
C GLN B 462 8.59 0.75 7.04
N ALA B 463 8.76 0.68 8.37
CA ALA B 463 9.79 -0.10 9.02
C ALA B 463 9.66 -1.56 8.66
N ILE B 464 8.44 -2.13 8.83
CA ILE B 464 8.11 -3.52 8.48
C ILE B 464 8.56 -3.83 7.05
N ASN B 465 8.21 -2.95 6.11
CA ASN B 465 8.54 -3.06 4.70
C ASN B 465 10.02 -3.03 4.42
N ASP B 466 10.75 -2.05 4.99
CA ASP B 466 12.19 -1.93 4.79
C ASP B 466 12.99 -3.13 5.35
N PHE B 467 12.54 -3.69 6.49
CA PHE B 467 13.20 -4.86 7.08
C PHE B 467 12.99 -6.07 6.17
N ASN B 468 11.77 -6.15 5.58
CA ASN B 468 11.36 -7.24 4.72
C ASN B 468 12.05 -7.22 3.35
N ASN B 469 11.86 -6.13 2.59
CA ASN B 469 12.41 -5.97 1.26
C ASN B 469 13.89 -5.66 1.30
N GLY B 470 14.67 -6.45 0.54
CA GLY B 470 16.12 -6.26 0.39
C GLY B 470 16.93 -6.64 1.61
N GLU B 471 16.60 -6.07 2.78
CA GLU B 471 17.24 -6.39 4.06
C GLU B 471 16.94 -7.84 4.43
N GLN B 472 15.75 -8.38 4.06
CA GLN B 472 15.32 -9.78 4.34
C GLN B 472 15.64 -10.20 5.79
N LEU B 473 15.29 -9.32 6.73
CA LEU B 473 15.57 -9.53 8.14
C LEU B 473 14.40 -10.15 8.90
N PRO B 474 14.66 -10.95 9.99
CA PRO B 474 13.55 -11.31 10.88
C PRO B 474 13.17 -10.02 11.65
N MET B 475 12.10 -10.03 12.45
CA MET B 475 11.73 -8.78 13.13
C MET B 475 11.13 -9.00 14.52
N MET B 476 11.45 -8.11 15.46
CA MET B 476 10.80 -8.09 16.76
C MET B 476 10.08 -6.78 17.00
N ILE B 477 8.76 -6.84 17.23
CA ILE B 477 7.95 -5.69 17.61
C ILE B 477 7.72 -5.84 19.11
N LEU B 478 8.22 -4.88 19.87
CA LEU B 478 8.02 -4.80 21.31
C LEU B 478 6.70 -4.04 21.48
N ALA B 479 5.58 -4.75 21.18
CA ALA B 479 4.20 -4.21 21.17
C ALA B 479 3.74 -3.56 22.46
N ASN B 480 3.53 -2.25 22.43
CA ASN B 480 3.07 -1.46 23.57
C ASN B 480 2.20 -0.30 23.09
N TRP B 481 0.99 -0.59 22.61
CA TRP B 481 0.08 0.48 22.16
C TRP B 481 -1.32 0.35 22.80
N ARG B 482 -1.86 1.47 23.27
CA ARG B 482 -3.21 1.55 23.82
C ARG B 482 -4.21 1.37 22.65
N GLY B 483 -3.83 1.86 21.48
CA GLY B 483 -4.61 1.80 20.26
C GLY B 483 -4.16 2.84 19.25
N PHE B 484 -5.13 3.35 18.50
CA PHE B 484 -4.86 4.41 17.54
C PHE B 484 -5.53 5.67 18.10
N SER B 485 -5.08 6.87 17.71
CA SER B 485 -5.77 8.09 18.15
C SER B 485 -7.07 8.17 17.34
N GLY B 486 -8.18 8.03 18.03
CA GLY B 486 -9.51 7.97 17.43
C GLY B 486 -10.25 9.28 17.37
N GLY B 487 -9.65 10.33 17.91
CA GLY B 487 -10.21 11.68 17.93
C GLY B 487 -10.35 12.28 16.55
N GLN B 488 -11.12 13.37 16.44
CA GLN B 488 -11.40 14.02 15.15
C GLN B 488 -10.19 14.33 14.25
N ARG B 489 -9.17 15.06 14.78
CA ARG B 489 -7.96 15.44 14.02
C ARG B 489 -7.28 14.28 13.26
N ASP B 490 -6.93 13.24 14.02
CA ASP B 490 -6.23 12.06 13.55
C ASP B 490 -7.08 11.21 12.63
N MET B 491 -8.39 11.15 12.90
CA MET B 491 -9.36 10.45 12.05
C MET B 491 -9.47 11.19 10.69
N PHE B 492 -9.53 12.51 10.75
CA PHE B 492 -9.51 13.36 9.57
C PHE B 492 -8.17 13.19 8.82
N ASN B 493 -7.04 13.02 9.56
CA ASN B 493 -5.72 12.81 8.95
C ASN B 493 -5.44 11.34 8.64
N GLU B 494 -6.52 10.61 8.34
CA GLU B 494 -6.59 9.24 7.84
C GLU B 494 -5.85 8.21 8.67
N VAL B 495 -5.94 8.24 10.00
CA VAL B 495 -5.25 7.20 10.82
C VAL B 495 -5.60 5.75 10.37
N LEU B 496 -6.84 5.54 9.95
CA LEU B 496 -7.37 4.27 9.47
C LEU B 496 -6.54 3.76 8.27
N LYS B 497 -6.08 4.69 7.39
CA LYS B 497 -5.30 4.35 6.19
C LYS B 497 -3.92 3.83 6.55
N TYR B 498 -3.21 4.59 7.40
CA TYR B 498 -1.86 4.30 7.88
C TYR B 498 -1.80 3.04 8.72
N GLY B 499 -2.83 2.79 9.52
CA GLY B 499 -2.90 1.57 10.32
C GLY B 499 -3.06 0.32 9.47
N SER B 500 -3.87 0.43 8.39
CA SER B 500 -4.08 -0.68 7.45
C SER B 500 -2.79 -1.04 6.70
N PHE B 501 -1.91 -0.03 6.47
CA PHE B 501 -0.61 -0.27 5.86
C PHE B 501 0.16 -1.35 6.65
N ILE B 502 0.11 -1.27 8.01
CA ILE B 502 0.75 -2.19 8.94
C ILE B 502 0.25 -3.61 8.65
N VAL B 503 -1.09 -3.81 8.50
CA VAL B 503 -1.67 -5.13 8.21
C VAL B 503 -1.08 -5.67 6.90
N ASP B 504 -1.16 -4.85 5.85
CA ASP B 504 -0.63 -5.15 4.53
C ASP B 504 0.84 -5.48 4.56
N ALA B 505 1.64 -4.68 5.31
CA ALA B 505 3.09 -4.86 5.45
C ALA B 505 3.41 -6.22 6.12
N LEU B 506 2.62 -6.58 7.16
CA LEU B 506 2.70 -7.83 7.91
C LEU B 506 2.35 -9.05 7.06
N VAL B 507 1.36 -8.92 6.18
CA VAL B 507 0.91 -9.98 5.27
C VAL B 507 2.05 -10.38 4.31
N ASP B 508 2.76 -9.36 3.80
CA ASP B 508 3.85 -9.49 2.84
C ASP B 508 5.15 -9.98 3.46
N TYR B 509 5.24 -10.04 4.81
CA TYR B 509 6.46 -10.44 5.49
C TYR B 509 6.91 -11.84 5.18
N LYS B 510 8.22 -12.00 5.02
CA LYS B 510 8.80 -13.28 4.58
C LYS B 510 9.86 -13.91 5.48
N GLN B 511 10.10 -13.33 6.67
CA GLN B 511 11.08 -13.83 7.64
C GLN B 511 10.42 -13.92 9.01
N PRO B 512 10.96 -14.72 9.96
CA PRO B 512 10.31 -14.82 11.28
C PRO B 512 9.97 -13.49 11.97
N ILE B 513 8.73 -13.38 12.51
CA ILE B 513 8.25 -12.20 13.25
C ILE B 513 7.96 -12.62 14.68
N ILE B 514 8.38 -11.80 15.64
CA ILE B 514 8.09 -12.01 17.05
C ILE B 514 7.35 -10.78 17.57
N ILE B 515 6.09 -10.94 18.02
CA ILE B 515 5.33 -9.87 18.67
C ILE B 515 5.44 -10.14 20.19
N TYR B 516 6.11 -9.22 20.92
CA TYR B 516 6.32 -9.38 22.36
C TYR B 516 5.78 -8.18 23.13
N ILE B 517 4.68 -8.39 23.88
CA ILE B 517 4.16 -7.33 24.74
C ILE B 517 5.13 -7.35 25.94
N PRO B 518 5.98 -6.28 26.09
CA PRO B 518 6.98 -6.29 27.15
C PRO B 518 6.42 -5.98 28.56
N PRO B 519 7.22 -6.03 29.64
CA PRO B 519 6.68 -5.61 30.97
C PRO B 519 6.23 -4.13 30.88
N THR B 520 5.13 -3.79 31.59
CA THR B 520 4.46 -2.45 31.57
C THR B 520 3.72 -2.24 30.24
N GLY B 521 3.91 -3.19 29.32
CA GLY B 521 3.34 -3.14 28.00
C GLY B 521 1.86 -3.45 27.98
N GLU B 522 1.24 -3.09 26.86
CA GLU B 522 -0.19 -3.29 26.62
C GLU B 522 -0.54 -3.37 25.14
N LEU B 523 -1.71 -3.93 24.87
CA LEU B 523 -2.30 -4.09 23.56
C LEU B 523 -3.83 -4.17 23.80
N ARG B 524 -4.60 -3.38 23.08
CA ARG B 524 -6.05 -3.34 23.25
C ARG B 524 -6.75 -3.54 21.92
N GLY B 525 -8.08 -3.55 21.92
CA GLY B 525 -8.91 -3.75 20.74
C GLY B 525 -8.43 -3.17 19.42
N GLY B 526 -8.05 -1.88 19.44
CA GLY B 526 -7.59 -1.12 18.27
C GLY B 526 -6.17 -1.44 17.85
N SER B 527 -5.25 -1.68 18.82
CA SER B 527 -3.85 -2.00 18.51
C SER B 527 -3.60 -3.50 18.19
N TRP B 528 -4.32 -4.43 18.87
CA TRP B 528 -4.16 -5.86 18.65
C TRP B 528 -4.56 -6.28 17.21
N VAL B 529 -5.64 -5.66 16.67
CA VAL B 529 -6.13 -5.95 15.31
C VAL B 529 -5.01 -5.96 14.22
N VAL B 530 -4.04 -5.06 14.33
CA VAL B 530 -2.98 -4.91 13.34
C VAL B 530 -1.70 -5.75 13.61
N VAL B 531 -1.59 -6.42 14.79
CA VAL B 531 -0.38 -7.19 15.14
C VAL B 531 -0.65 -8.63 15.49
N ASP B 532 -1.89 -9.12 15.32
CA ASP B 532 -2.17 -10.52 15.69
C ASP B 532 -1.45 -11.50 14.76
N PRO B 533 -0.82 -12.57 15.30
CA PRO B 533 -0.14 -13.56 14.43
C PRO B 533 -0.94 -14.15 13.27
N THR B 534 -2.29 -14.20 13.36
CA THR B 534 -3.13 -14.76 12.30
C THR B 534 -3.08 -13.95 11.02
N ILE B 535 -2.53 -12.71 11.08
CA ILE B 535 -2.33 -11.84 9.92
C ILE B 535 -1.39 -12.56 8.94
N ASN B 536 -0.35 -13.20 9.48
CA ASN B 536 0.65 -13.97 8.75
C ASN B 536 1.14 -15.16 9.62
N ALA B 537 0.28 -16.18 9.72
CA ALA B 537 0.53 -17.36 10.52
C ALA B 537 1.82 -18.10 10.14
N ASP B 538 2.23 -17.94 8.87
CA ASP B 538 3.44 -18.53 8.31
C ASP B 538 4.66 -18.01 9.04
N GLN B 539 4.70 -16.69 9.36
CA GLN B 539 5.86 -16.06 10.01
C GLN B 539 5.71 -15.54 11.46
N MET B 540 4.48 -15.17 11.83
CA MET B 540 4.18 -14.52 13.13
C MET B 540 3.92 -15.43 14.32
N GLU B 541 4.41 -15.00 15.50
CA GLU B 541 4.26 -15.61 16.84
C GLU B 541 4.06 -14.47 17.82
N MET B 542 3.20 -14.65 18.82
CA MET B 542 3.03 -13.61 19.84
C MET B 542 3.37 -14.15 21.20
N TYR B 543 3.98 -13.30 22.02
CA TYR B 543 4.37 -13.60 23.40
C TYR B 543 3.97 -12.39 24.24
N ALA B 544 3.59 -12.62 25.49
CA ALA B 544 3.31 -11.54 26.43
C ALA B 544 4.09 -11.77 27.69
N ASP B 545 4.61 -10.67 28.21
CA ASP B 545 5.33 -10.69 29.47
C ASP B 545 4.34 -10.93 30.59
N VAL B 546 4.79 -11.51 31.65
CA VAL B 546 4.04 -11.76 32.86
C VAL B 546 3.46 -10.42 33.40
N ASN B 547 4.17 -9.29 33.18
CA ASN B 547 3.71 -7.98 33.58
C ASN B 547 3.08 -7.15 32.45
N ALA B 548 2.55 -7.88 31.45
CA ALA B 548 1.85 -7.26 30.32
C ALA B 548 0.33 -7.15 30.62
N ARG B 549 -0.41 -6.46 29.74
CA ARG B 549 -1.88 -6.30 29.79
C ARG B 549 -2.45 -6.29 28.40
N ALA B 550 -3.55 -7.01 28.20
CA ALA B 550 -4.25 -7.03 26.94
C ALA B 550 -5.66 -7.39 27.20
N GLY B 551 -6.56 -6.69 26.51
CA GLY B 551 -8.00 -6.85 26.55
C GLY B 551 -8.60 -5.94 25.48
N VAL B 552 -9.93 -6.02 25.25
CA VAL B 552 -10.58 -5.17 24.23
C VAL B 552 -10.40 -3.68 24.62
N LEU B 553 -10.79 -3.36 25.86
CA LEU B 553 -10.72 -2.01 26.40
C LEU B 553 -9.89 -1.94 27.66
N GLU B 554 -9.57 -0.74 28.07
CA GLU B 554 -8.85 -0.57 29.34
C GLU B 554 -9.88 -0.75 30.49
N PRO B 555 -9.47 -1.32 31.67
CA PRO B 555 -10.45 -1.56 32.76
C PRO B 555 -11.64 -0.59 32.91
N GLU B 556 -11.38 0.73 32.82
CA GLU B 556 -12.38 1.80 32.92
C GLU B 556 -13.45 1.65 31.85
N GLY B 557 -13.01 1.34 30.63
CA GLY B 557 -13.90 1.15 29.51
C GLY B 557 -14.72 -0.10 29.67
N THR B 558 -14.10 -1.18 30.16
CA THR B 558 -14.80 -2.45 30.30
C THR B 558 -15.92 -2.41 31.36
N VAL B 559 -15.66 -1.81 32.52
CA VAL B 559 -16.65 -1.69 33.60
C VAL B 559 -17.87 -0.88 33.17
N GLU B 560 -17.65 0.16 32.37
CA GLU B 560 -18.62 1.09 31.76
C GLU B 560 -19.69 0.30 30.96
N ILE B 561 -19.25 -0.80 30.28
CA ILE B 561 -20.04 -1.70 29.43
C ILE B 561 -20.51 -2.94 30.20
N LYS B 562 -19.58 -3.60 30.90
CA LYS B 562 -19.84 -4.87 31.57
C LYS B 562 -19.99 -4.95 33.10
N PHE B 563 -19.69 -3.86 33.84
CA PHE B 563 -19.87 -3.84 35.29
C PHE B 563 -20.58 -2.55 35.72
N ARG B 564 -21.75 -2.32 35.09
CA ARG B 564 -22.61 -1.16 35.29
C ARG B 564 -23.32 -1.18 36.64
N ARG B 565 -24.26 -0.23 36.84
CA ARG B 565 -24.98 -0.03 38.10
C ARG B 565 -25.60 -1.27 38.74
N GLU B 566 -26.40 -2.01 37.99
CA GLU B 566 -27.08 -3.22 38.46
C GLU B 566 -26.12 -4.21 39.15
N LYS B 567 -24.99 -4.49 38.47
CA LYS B 567 -23.93 -5.39 38.90
C LYS B 567 -23.21 -4.82 40.15
N LEU B 568 -22.90 -3.52 40.10
CA LEU B 568 -22.30 -2.75 41.20
C LEU B 568 -23.20 -2.76 42.46
N LEU B 569 -24.57 -2.79 42.30
CA LEU B 569 -25.52 -2.86 43.42
C LEU B 569 -25.70 -4.31 43.93
N ASP B 570 -25.53 -5.31 43.06
CA ASP B 570 -25.61 -6.72 43.47
C ASP B 570 -24.42 -7.03 44.36
N THR B 571 -23.22 -6.60 43.94
CA THR B 571 -21.94 -6.76 44.64
C THR B 571 -22.05 -6.14 46.05
N MET B 572 -22.77 -4.98 46.18
CA MET B 572 -22.99 -4.26 47.42
C MET B 572 -23.86 -5.07 48.35
N ASN B 573 -24.96 -5.66 47.83
CA ASN B 573 -25.90 -6.50 48.59
C ASN B 573 -25.16 -7.68 49.14
N ARG B 574 -24.31 -8.31 48.34
CA ARG B 574 -23.49 -9.46 48.76
C ARG B 574 -22.43 -9.14 49.79
N LEU B 575 -21.75 -7.97 49.65
CA LEU B 575 -20.57 -7.56 50.41
C LEU B 575 -20.71 -6.58 51.58
N ASP B 576 -21.50 -5.50 51.42
CA ASP B 576 -21.70 -4.54 52.52
C ASP B 576 -22.90 -4.91 53.39
N ASP B 577 -22.63 -5.14 54.70
CA ASP B 577 -23.62 -5.50 55.72
C ASP B 577 -24.74 -4.49 55.78
N LYS B 578 -24.39 -3.19 55.82
CA LYS B 578 -25.31 -2.06 55.89
C LYS B 578 -26.30 -2.05 54.71
N TYR B 579 -25.78 -2.21 53.48
CA TYR B 579 -26.60 -2.21 52.25
C TYR B 579 -27.57 -3.37 52.26
N ARG B 580 -27.06 -4.60 52.53
CA ARG B 580 -27.78 -5.88 52.60
C ARG B 580 -28.93 -5.80 53.62
N GLU B 581 -28.63 -5.28 54.82
CA GLU B 581 -29.58 -5.17 55.92
C GLU B 581 -30.76 -4.26 55.58
N LEU B 582 -30.47 -3.14 54.90
CA LEU B 582 -31.45 -2.15 54.49
C LEU B 582 -32.33 -2.68 53.37
N ARG B 583 -31.73 -3.47 52.45
CA ARG B 583 -32.47 -4.11 51.36
C ARG B 583 -33.44 -5.14 51.95
N SER B 584 -33.00 -5.86 53.00
CA SER B 584 -33.75 -6.88 53.75
C SER B 584 -34.92 -6.27 54.52
N GLN B 585 -34.77 -5.02 54.96
CA GLN B 585 -35.79 -4.28 55.69
C GLN B 585 -36.97 -4.00 54.76
N LEU B 586 -36.71 -3.92 53.44
CA LEU B 586 -37.69 -3.68 52.38
C LEU B 586 -38.46 -4.94 51.96
N SER B 587 -38.35 -6.05 52.73
CA SER B 587 -39.09 -7.31 52.48
C SER B 587 -40.36 -7.30 53.34
N ASN B 588 -40.41 -6.40 54.37
CA ASN B 588 -41.55 -6.23 55.25
C ASN B 588 -42.68 -5.61 54.45
N LYS B 589 -43.74 -6.39 54.30
CA LYS B 589 -44.92 -6.02 53.55
C LYS B 589 -45.89 -5.25 54.48
N SER B 590 -45.50 -5.05 55.76
CA SER B 590 -46.31 -4.33 56.74
C SER B 590 -45.93 -2.85 57.00
N LEU B 591 -44.82 -2.34 56.34
CA LEU B 591 -44.28 -0.97 56.47
C LEU B 591 -45.27 0.16 56.14
N ALA B 592 -45.15 1.30 56.87
CA ALA B 592 -45.89 2.52 56.57
C ALA B 592 -45.17 3.10 55.38
N PRO B 593 -45.87 3.72 54.40
CA PRO B 593 -45.16 4.26 53.22
C PRO B 593 -44.01 5.20 53.54
N GLU B 594 -44.15 6.03 54.59
CA GLU B 594 -43.15 6.99 55.08
C GLU B 594 -41.89 6.26 55.52
N VAL B 595 -42.06 5.18 56.35
CA VAL B 595 -40.97 4.28 56.81
C VAL B 595 -40.31 3.65 55.57
N HIS B 596 -41.12 3.19 54.59
CA HIS B 596 -40.63 2.57 53.34
C HIS B 596 -39.71 3.56 52.61
N GLN B 597 -40.17 4.84 52.46
CA GLN B 597 -39.38 5.92 51.85
C GLN B 597 -38.07 6.11 52.63
N GLN B 598 -38.11 6.06 53.99
CA GLN B 598 -36.92 6.17 54.82
C GLN B 598 -35.83 5.10 54.50
N ILE B 599 -36.18 3.79 54.55
CA ILE B 599 -35.28 2.66 54.26
C ILE B 599 -34.73 2.75 52.82
N SER B 600 -35.58 3.16 51.87
CA SER B 600 -35.25 3.37 50.46
C SER B 600 -34.23 4.48 50.34
N LYS B 601 -34.38 5.53 51.15
CA LYS B 601 -33.52 6.71 51.19
C LYS B 601 -32.17 6.31 51.76
N GLN B 602 -32.15 5.61 52.92
CA GLN B 602 -30.89 5.13 53.52
C GLN B 602 -30.08 4.23 52.55
N LEU B 603 -30.79 3.33 51.79
CA LEU B 603 -30.22 2.41 50.81
C LEU B 603 -29.55 3.20 49.66
N ALA B 604 -30.25 4.24 49.12
CA ALA B 604 -29.71 5.05 48.06
C ALA B 604 -28.52 5.88 48.56
N ASP B 605 -28.52 6.24 49.87
CA ASP B 605 -27.44 6.98 50.51
C ASP B 605 -26.23 6.08 50.74
N ARG B 606 -26.45 4.76 50.95
CA ARG B 606 -25.35 3.80 51.11
C ARG B 606 -24.73 3.50 49.75
N GLU B 607 -25.56 3.45 48.69
CA GLU B 607 -25.11 3.24 47.31
C GLU B 607 -24.15 4.39 46.96
N ARG B 608 -24.56 5.63 47.25
CA ARG B 608 -23.80 6.87 47.05
C ARG B 608 -22.42 6.74 47.72
N GLU B 609 -22.43 6.33 49.02
CA GLU B 609 -21.27 6.12 49.90
C GLU B 609 -20.32 5.09 49.36
N LEU B 610 -20.86 3.96 48.84
CA LEU B 610 -20.10 2.80 48.32
C LEU B 610 -19.73 2.86 46.84
N LEU B 611 -20.44 3.64 46.02
CA LEU B 611 -20.16 3.74 44.58
C LEU B 611 -18.69 3.91 44.23
N PRO B 612 -17.89 4.80 44.88
CA PRO B 612 -16.47 4.91 44.51
C PRO B 612 -15.61 3.65 44.69
N ILE B 613 -15.61 3.06 45.90
CA ILE B 613 -14.81 1.89 46.20
C ILE B 613 -15.27 0.64 45.45
N TYR B 614 -16.60 0.49 45.29
CA TYR B 614 -17.13 -0.64 44.53
C TYR B 614 -16.81 -0.48 43.04
N GLY B 615 -16.59 0.78 42.63
CA GLY B 615 -16.08 1.09 41.29
C GLY B 615 -14.63 0.64 41.21
N GLN B 616 -13.86 0.83 42.30
CA GLN B 616 -12.44 0.43 42.33
C GLN B 616 -12.29 -1.07 42.30
N ILE B 617 -13.13 -1.77 43.08
CA ILE B 617 -13.21 -3.23 43.09
C ILE B 617 -13.48 -3.69 41.67
N SER B 618 -14.47 -3.10 40.96
CA SER B 618 -14.81 -3.49 39.58
C SER B 618 -13.62 -3.37 38.62
N LEU B 619 -12.81 -2.29 38.74
CA LEU B 619 -11.61 -2.06 37.94
C LEU B 619 -10.60 -3.19 38.10
N GLN B 620 -10.38 -3.66 39.38
CA GLN B 620 -9.49 -4.78 39.73
C GLN B 620 -9.97 -6.10 39.11
N PHE B 621 -11.28 -6.34 39.21
CA PHE B 621 -11.97 -7.49 38.66
C PHE B 621 -11.76 -7.49 37.14
N ALA B 622 -12.01 -6.34 36.46
CA ALA B 622 -11.79 -6.25 35.01
C ALA B 622 -10.29 -6.54 34.71
N ASP B 623 -9.36 -5.77 35.34
CA ASP B 623 -7.91 -5.96 35.20
C ASP B 623 -7.43 -7.41 35.33
N LEU B 624 -8.08 -8.20 36.21
CA LEU B 624 -7.73 -9.60 36.43
C LEU B 624 -7.95 -10.49 35.21
N HIS B 625 -8.83 -10.04 34.26
CA HIS B 625 -9.08 -10.77 33.02
C HIS B 625 -7.99 -10.46 32.01
N ASP B 626 -7.42 -9.22 32.09
CA ASP B 626 -6.42 -8.68 31.15
C ASP B 626 -4.99 -9.23 31.26
N ARG B 627 -4.80 -10.40 31.91
CA ARG B 627 -3.46 -10.95 32.20
C ARG B 627 -2.87 -11.90 31.18
N SER B 628 -1.50 -12.05 31.18
CA SER B 628 -0.83 -12.99 30.25
C SER B 628 -1.33 -14.43 30.38
N SER B 629 -1.68 -14.85 31.61
CA SER B 629 -2.25 -16.16 31.91
C SER B 629 -3.56 -16.39 31.18
N ARG B 630 -4.47 -15.36 31.07
CA ARG B 630 -5.70 -15.55 30.29
C ARG B 630 -5.34 -15.72 28.83
N MET B 631 -4.39 -14.88 28.32
CA MET B 631 -3.92 -14.94 26.94
C MET B 631 -3.45 -16.35 26.61
N VAL B 632 -2.63 -16.96 27.51
CA VAL B 632 -2.10 -18.32 27.36
C VAL B 632 -3.28 -19.30 27.34
N ALA B 633 -4.13 -19.26 28.37
CA ALA B 633 -5.29 -20.11 28.55
C ALA B 633 -6.18 -20.13 27.30
N LYS B 634 -6.37 -18.92 26.68
CA LYS B 634 -7.21 -18.71 25.50
C LYS B 634 -6.54 -19.07 24.17
N GLY B 635 -5.24 -19.37 24.21
CA GLY B 635 -4.44 -19.79 23.06
C GLY B 635 -4.11 -18.73 22.04
N VAL B 636 -4.07 -17.45 22.46
CA VAL B 636 -3.77 -16.30 21.61
C VAL B 636 -2.28 -15.95 21.54
N ILE B 637 -1.48 -16.38 22.56
CA ILE B 637 -0.04 -16.19 22.60
C ILE B 637 0.65 -17.56 22.67
N SER B 638 1.85 -17.68 22.13
CA SER B 638 2.63 -18.91 22.15
C SER B 638 3.05 -19.27 23.59
N LYS B 639 3.63 -18.29 24.34
CA LYS B 639 4.07 -18.42 25.72
C LYS B 639 3.99 -17.08 26.46
N GLU B 640 3.75 -17.11 27.80
CA GLU B 640 3.86 -15.92 28.64
C GLU B 640 5.34 -15.90 29.11
N LEU B 641 5.99 -14.72 29.21
CA LEU B 641 7.44 -14.68 29.50
C LEU B 641 7.85 -13.75 30.62
N GLU B 642 9.05 -13.99 31.21
CA GLU B 642 9.67 -13.12 32.21
C GLU B 642 10.74 -12.33 31.51
N TRP B 643 10.57 -11.00 31.45
CA TRP B 643 11.52 -10.06 30.83
C TRP B 643 12.99 -10.40 31.06
N THR B 644 13.42 -10.63 32.31
CA THR B 644 14.84 -10.91 32.52
C THR B 644 15.38 -12.12 31.77
N GLU B 645 14.52 -13.07 31.39
CA GLU B 645 14.95 -14.27 30.67
C GLU B 645 14.66 -14.23 29.16
N ALA B 646 13.99 -13.14 28.70
CA ALA B 646 13.58 -12.92 27.31
C ALA B 646 14.74 -13.03 26.31
N ARG B 647 15.94 -12.45 26.64
CA ARG B 647 17.12 -12.53 25.78
C ARG B 647 17.49 -14.01 25.53
N ARG B 648 17.68 -14.77 26.60
CA ARG B 648 18.02 -16.19 26.52
C ARG B 648 16.93 -16.94 25.76
N PHE B 649 15.64 -16.67 26.07
CA PHE B 649 14.54 -17.32 25.38
C PHE B 649 14.46 -16.97 23.89
N PHE B 650 14.37 -15.68 23.56
CA PHE B 650 14.28 -15.23 22.18
C PHE B 650 15.47 -15.62 21.29
N PHE B 651 16.71 -15.59 21.85
CA PHE B 651 17.89 -15.97 21.09
C PHE B 651 17.74 -17.37 20.48
N TRP B 652 17.46 -18.36 21.34
CA TRP B 652 17.28 -19.73 20.89
C TRP B 652 16.03 -19.91 20.01
N ARG B 653 14.94 -19.16 20.30
CA ARG B 653 13.72 -19.23 19.48
C ARG B 653 14.00 -18.74 18.07
N LEU B 654 14.67 -17.57 17.95
CA LEU B 654 15.02 -16.97 16.66
C LEU B 654 15.96 -17.88 15.92
N ARG B 655 17.04 -18.35 16.60
CA ARG B 655 18.02 -19.28 16.03
C ARG B 655 17.35 -20.53 15.43
N ARG B 656 16.50 -21.22 16.22
CA ARG B 656 15.76 -22.39 15.80
C ARG B 656 14.87 -22.04 14.62
N ARG B 657 14.12 -20.88 14.70
CA ARG B 657 13.23 -20.44 13.62
C ARG B 657 14.00 -20.28 12.32
N LEU B 658 15.15 -19.60 12.36
CA LEU B 658 16.00 -19.41 11.18
C LEU B 658 16.48 -20.72 10.61
N ASN B 659 16.81 -21.70 11.47
CA ASN B 659 17.24 -22.99 10.96
C ASN B 659 16.09 -23.70 10.29
N GLU B 660 14.93 -23.72 10.96
CA GLU B 660 13.76 -24.41 10.45
C GLU B 660 13.31 -23.75 9.17
N GLU B 661 13.55 -22.43 9.08
CA GLU B 661 13.18 -21.67 7.89
C GLU B 661 14.02 -22.05 6.69
N TYR B 662 15.30 -22.31 6.94
CA TYR B 662 16.26 -22.76 5.93
C TYR B 662 15.80 -24.12 5.34
N LEU B 663 15.53 -25.12 6.22
CA LEU B 663 15.11 -26.46 5.81
C LEU B 663 13.85 -26.37 5.03
N ILE B 664 12.89 -25.46 5.40
CA ILE B 664 11.64 -25.24 4.64
C ILE B 664 12.02 -24.77 3.23
N LYS B 665 12.83 -23.71 3.14
CA LYS B 665 13.31 -23.16 1.86
C LYS B 665 13.91 -24.30 1.01
N ARG B 666 14.74 -25.17 1.62
CA ARG B 666 15.36 -26.32 0.94
C ARG B 666 14.32 -27.33 0.43
N LEU B 667 13.37 -27.71 1.27
CA LEU B 667 12.32 -28.65 0.91
C LEU B 667 11.43 -28.06 -0.20
N SER B 668 11.23 -26.74 -0.19
CA SER B 668 10.43 -26.00 -1.16
C SER B 668 11.04 -26.04 -2.58
N HIS B 669 12.38 -25.99 -2.66
CA HIS B 669 13.07 -25.98 -3.94
C HIS B 669 13.21 -27.34 -4.64
N GLN B 670 12.73 -28.42 -3.98
CA GLN B 670 12.72 -29.78 -4.52
C GLN B 670 11.29 -30.07 -4.95
N VAL B 671 10.40 -30.44 -3.99
CA VAL B 671 8.99 -30.75 -4.21
C VAL B 671 8.23 -29.43 -4.54
N GLY B 672 7.99 -28.59 -3.52
CA GLY B 672 7.33 -27.29 -3.66
C GLY B 672 5.83 -27.25 -3.53
N GLU B 673 5.13 -28.29 -4.07
CA GLU B 673 3.66 -28.45 -4.14
C GLU B 673 2.91 -28.70 -2.81
N ALA B 674 3.46 -28.22 -1.67
CA ALA B 674 2.85 -28.39 -0.34
C ALA B 674 2.68 -27.09 0.45
N SER B 675 1.79 -27.14 1.46
CA SER B 675 1.56 -26.00 2.32
C SER B 675 2.68 -25.87 3.36
N ARG B 676 2.87 -24.64 3.88
CA ARG B 676 3.89 -24.37 4.90
C ARG B 676 3.76 -25.41 6.02
N LEU B 677 2.49 -25.64 6.48
CA LEU B 677 2.10 -26.61 7.51
C LEU B 677 2.57 -28.01 7.14
N GLU B 678 2.42 -28.40 5.85
CA GLU B 678 2.87 -29.72 5.34
C GLU B 678 4.40 -29.78 5.30
N LYS B 679 5.07 -28.71 4.79
CA LYS B 679 6.52 -28.62 4.68
C LYS B 679 7.24 -28.76 6.04
N ILE B 680 6.82 -28.02 7.11
CA ILE B 680 7.47 -28.19 8.44
C ILE B 680 7.19 -29.50 9.08
N ALA B 681 5.99 -30.05 8.87
CA ALA B 681 5.60 -31.32 9.49
C ALA B 681 6.50 -32.45 8.99
N ARG B 682 6.91 -32.37 7.70
CA ARG B 682 7.82 -33.33 7.07
C ARG B 682 9.19 -33.15 7.74
N ILE B 683 9.72 -31.92 7.71
CA ILE B 683 11.01 -31.53 8.28
C ILE B 683 11.10 -31.95 9.74
N ARG B 684 10.04 -31.67 10.53
CA ARG B 684 10.02 -31.99 11.96
C ARG B 684 10.05 -33.49 12.19
N SER B 685 9.45 -34.25 11.24
CA SER B 685 9.45 -35.72 11.26
C SER B 685 10.87 -36.32 11.06
N TRP B 686 11.85 -35.52 10.56
CA TRP B 686 13.22 -36.01 10.37
C TRP B 686 14.05 -35.92 11.67
N TYR B 687 13.55 -35.14 12.68
CA TYR B 687 14.20 -35.01 13.99
C TYR B 687 14.08 -36.34 14.79
N PRO B 688 15.11 -36.72 15.62
CA PRO B 688 14.97 -37.91 16.45
C PRO B 688 13.72 -37.86 17.32
N ALA B 689 13.17 -39.05 17.59
CA ALA B 689 11.97 -39.21 18.39
C ALA B 689 12.08 -38.57 19.78
N SER B 690 13.26 -38.67 20.42
CA SER B 690 13.50 -38.10 21.74
C SER B 690 13.66 -36.54 21.74
N VAL B 691 13.69 -35.92 20.53
CA VAL B 691 13.82 -34.46 20.39
C VAL B 691 12.47 -33.78 20.57
N ASP B 692 12.40 -32.98 21.65
CA ASP B 692 11.26 -32.16 22.02
C ASP B 692 11.19 -31.00 21.03
N HIS B 693 10.19 -31.00 20.16
CA HIS B 693 9.94 -30.01 19.13
C HIS B 693 9.74 -28.61 19.74
N GLU B 694 9.40 -28.55 21.03
CA GLU B 694 9.19 -27.32 21.79
C GLU B 694 10.51 -26.82 22.39
N ASP B 695 11.60 -27.58 22.24
CA ASP B 695 12.89 -27.17 22.79
C ASP B 695 13.74 -26.56 21.72
N ASP B 696 13.76 -25.22 21.74
CA ASP B 696 14.49 -24.35 20.80
C ASP B 696 15.97 -24.66 20.68
N ARG B 697 16.68 -24.69 21.82
CA ARG B 697 18.11 -24.98 21.88
C ARG B 697 18.44 -26.38 21.31
N GLN B 698 17.67 -27.39 21.69
CA GLN B 698 17.84 -28.76 21.22
C GLN B 698 17.68 -28.88 19.71
N VAL B 699 16.60 -28.28 19.15
CA VAL B 699 16.25 -28.33 17.73
C VAL B 699 17.32 -27.70 16.87
N ALA B 700 17.74 -26.46 17.23
CA ALA B 700 18.78 -25.70 16.54
C ALA B 700 20.06 -26.49 16.59
N THR B 701 20.39 -27.07 17.78
CA THR B 701 21.60 -27.87 17.94
C THR B 701 21.55 -29.11 17.05
N TRP B 702 20.42 -29.84 17.04
CA TRP B 702 20.32 -31.01 16.20
C TRP B 702 20.46 -30.63 14.74
N ILE B 703 19.75 -29.59 14.29
CA ILE B 703 19.85 -29.13 12.91
C ILE B 703 21.29 -28.77 12.56
N GLU B 704 21.93 -27.93 13.36
CA GLU B 704 23.32 -27.54 13.11
C GLU B 704 24.32 -28.70 13.05
N GLU B 705 24.15 -29.70 13.93
CA GLU B 705 24.95 -30.93 13.97
C GLU B 705 24.67 -31.82 12.76
N ASN B 706 23.53 -31.60 12.06
CA ASN B 706 23.06 -32.43 10.95
C ASN B 706 22.71 -31.74 9.63
N TYR B 707 23.24 -30.54 9.32
CA TYR B 707 22.95 -29.89 8.02
C TYR B 707 23.30 -30.80 6.83
N LYS B 708 24.55 -31.32 6.78
CA LYS B 708 25.01 -32.18 5.68
C LYS B 708 24.13 -33.45 5.55
N THR B 709 23.83 -34.11 6.68
CA THR B 709 22.96 -35.29 6.77
C THR B 709 21.55 -34.96 6.23
N LEU B 710 20.99 -33.80 6.64
CA LEU B 710 19.67 -33.33 6.22
C LEU B 710 19.67 -33.05 4.71
N ASP B 711 20.79 -32.46 4.22
CA ASP B 711 20.99 -32.14 2.81
C ASP B 711 20.90 -33.41 1.98
N ASP B 712 21.49 -34.53 2.47
CA ASP B 712 21.36 -35.85 1.89
C ASP B 712 19.87 -36.28 1.92
N LYS B 713 19.19 -36.17 3.12
CA LYS B 713 17.79 -36.56 3.26
C LYS B 713 16.91 -35.88 2.25
N LEU B 714 17.19 -34.58 1.99
CA LEU B 714 16.50 -33.74 1.00
C LEU B 714 16.76 -34.28 -0.43
N LYS B 715 18.02 -34.62 -0.74
CA LYS B 715 18.42 -35.18 -2.03
C LYS B 715 17.87 -36.60 -2.35
N GLY B 716 16.95 -37.12 -1.52
CA GLY B 716 16.26 -38.40 -1.71
C GLY B 716 14.74 -38.26 -1.79
N ASN B 736 -9.03 -33.08 -20.23
CA ASN B 736 -8.07 -32.71 -21.27
C ASN B 736 -6.97 -33.76 -21.42
N ALA B 737 -6.42 -34.25 -20.28
CA ALA B 737 -5.38 -35.27 -20.24
C ALA B 737 -5.93 -36.66 -20.55
N ILE B 738 -7.18 -36.94 -20.14
CA ILE B 738 -7.85 -38.22 -20.38
C ILE B 738 -7.97 -38.46 -21.90
N ASP B 739 -8.06 -37.37 -22.70
CA ASP B 739 -8.11 -37.42 -24.16
C ASP B 739 -6.77 -37.85 -24.77
N GLY B 740 -5.69 -37.28 -24.25
CA GLY B 740 -4.32 -37.60 -24.67
C GLY B 740 -3.91 -38.98 -24.23
N LEU B 741 -4.40 -39.39 -23.05
CA LEU B 741 -4.22 -40.69 -22.46
C LEU B 741 -4.88 -41.71 -23.41
N SER B 742 -6.06 -41.35 -23.97
CA SER B 742 -6.80 -42.14 -24.96
C SER B 742 -6.02 -42.18 -26.27
N GLU B 743 -5.51 -41.01 -26.73
CA GLU B 743 -4.73 -40.84 -27.95
C GLU B 743 -3.53 -41.83 -28.02
N VAL B 744 -2.71 -41.92 -26.93
CA VAL B 744 -1.55 -42.82 -26.87
C VAL B 744 -1.94 -44.27 -26.67
N ILE B 745 -2.87 -44.55 -25.72
CA ILE B 745 -3.34 -45.90 -25.41
C ILE B 745 -3.74 -46.64 -26.68
N LYS B 746 -4.29 -45.91 -27.68
CA LYS B 746 -4.72 -46.42 -28.97
C LYS B 746 -3.51 -46.84 -29.84
N MET B 747 -2.39 -46.11 -29.74
CA MET B 747 -1.16 -46.34 -30.52
C MET B 747 -0.29 -47.47 -29.98
N LEU B 748 -0.59 -47.94 -28.76
CA LEU B 748 0.13 -49.04 -28.08
C LEU B 748 -0.07 -50.37 -28.76
N SER B 749 0.86 -51.30 -28.49
CA SER B 749 0.81 -52.65 -29.02
C SER B 749 -0.38 -53.42 -28.43
N THR B 750 -0.72 -54.51 -29.09
CA THR B 750 -1.80 -55.40 -28.68
C THR B 750 -1.53 -55.95 -27.28
N ASP B 751 -0.31 -56.50 -27.01
CA ASP B 751 0.05 -57.05 -25.70
C ASP B 751 -0.11 -56.00 -24.57
N ASP B 752 0.27 -54.74 -24.87
CA ASP B 752 0.17 -53.61 -23.95
C ASP B 752 -1.30 -53.25 -23.68
N LYS B 753 -2.10 -53.15 -24.76
CA LYS B 753 -3.53 -52.83 -24.68
C LYS B 753 -4.25 -53.88 -23.84
N GLU B 754 -3.82 -55.15 -23.96
CA GLU B 754 -4.39 -56.28 -23.23
C GLU B 754 -4.22 -56.11 -21.71
N LYS B 755 -3.06 -55.58 -21.28
CA LYS B 755 -2.74 -55.31 -19.87
C LYS B 755 -3.66 -54.20 -19.32
N LEU B 756 -3.66 -53.03 -19.97
CA LEU B 756 -4.48 -51.87 -19.59
C LEU B 756 -6.02 -52.15 -19.73
N LEU B 757 -6.42 -53.18 -20.51
CA LEU B 757 -7.81 -53.62 -20.61
C LEU B 757 -8.16 -54.39 -19.31
N LYS B 758 -7.21 -55.25 -18.84
CA LYS B 758 -7.36 -56.03 -17.60
C LYS B 758 -7.51 -55.04 -16.42
N THR B 759 -6.67 -53.98 -16.43
CA THR B 759 -6.65 -52.91 -15.43
C THR B 759 -8.03 -52.22 -15.35
N LEU B 760 -8.59 -51.81 -16.51
CA LEU B 760 -9.92 -51.18 -16.59
C LEU B 760 -11.00 -52.10 -16.09
N LYS B 761 -10.83 -53.44 -16.27
CA LYS B 761 -11.78 -54.47 -15.85
C LYS B 761 -11.57 -54.82 -14.38
C6 3W2 C . 6.09 22.39 -12.72
C9 3W2 C . 5.96 23.24 -8.97
C8 3W2 C . 6.39 22.56 -10.27
C18 3W2 C . 9.18 28.07 -14.88
C16 3W2 C . 10.18 25.46 -14.71
C19 3W2 C . 9.04 29.52 -14.94
C26 3W2 C . 3.01 25.05 -10.02
C1 3W2 C . 5.94 23.35 -11.52
C2 3W2 C . 6.82 24.62 -11.62
C3 3W2 C . 6.66 25.29 -13.00
N4 3W2 C . 6.92 24.30 -14.05
C5 3W2 C . 6.03 23.10 -14.09
O7 3W2 C . 4.53 23.74 -11.45
O10 3W2 C . 6.57 23.12 -7.93
C11 3W2 C . 7.92 24.47 -14.97
C12 3W2 C . 8.80 25.66 -14.93
O13 3W2 C . 8.13 23.63 -15.82
C14 3W2 C . 8.29 26.98 -15.00
C15 3W2 C . 11.03 26.51 -14.53
C17 3W2 C . 10.56 27.83 -14.63
N20 3W2 C . 10.22 30.05 -14.76
N21 3W2 C . 11.19 29.05 -14.58
C22 3W2 C . 4.07 24.29 -10.30
C23 3W2 C . 4.71 24.03 -9.04
N24 3W2 C . 4.08 24.71 -8.13
N25 3W2 C . 3.05 25.29 -8.67
C27 3W2 C . 2.08 26.09 -7.89
C28 3W2 C . 2.86 27.13 -7.09
C29 3W2 C . 1.04 26.73 -8.83
C30 3W2 C . 1.36 25.13 -6.92
C6 3W2 D . -7.34 3.21 23.52
C9 3W2 D . -7.70 6.47 21.52
C8 3W2 D . -7.70 4.98 21.83
C18 3W2 D . -11.78 4.31 28.69
C16 3W2 D . -12.00 2.71 26.41
C19 3W2 D . -12.03 5.14 29.86
C26 3W2 D . -5.50 7.64 24.14
C1 3W2 D . -7.55 4.71 23.34
C2 3W2 D . -8.82 5.18 24.10
C3 3W2 D . -8.78 4.79 25.60
N4 3W2 D . -8.61 3.36 25.65
C5 3W2 D . -7.39 2.82 25.01
O7 3W2 D . -6.39 5.37 23.89
O10 3W2 D . -8.38 6.98 20.63
C11 3W2 D . -9.54 2.55 26.22
C12 3W2 D . -10.74 3.09 26.88
O13 3W2 D . -9.41 1.33 26.20
C14 3W2 D . -10.61 3.85 28.04
C15 3W2 D . -13.14 3.19 27.02
C17 3W2 D . -13.05 3.99 28.16
N20 3W2 D . -13.33 5.27 30.00
N21 3W2 D . -13.97 4.57 28.98
C22 3W2 D . -6.20 6.67 23.56
C23 3W2 D . -6.80 7.27 22.38
N24 3W2 D . -6.51 8.55 22.40
N25 3W2 D . -5.69 8.76 23.39
C27 3W2 D . -5.07 10.04 23.63
C28 3W2 D . -4.15 9.92 24.85
C29 3W2 D . -4.26 10.40 22.38
C30 3W2 D . -6.20 11.05 23.86
#